data_3ESB
# 
_entry.id   3ESB 
# 
_audit_conform.dict_name       mmcif_pdbx.dic 
_audit_conform.dict_version    5.398 
_audit_conform.dict_location   http://mmcif.pdb.org/dictionaries/ascii/mmcif_pdbx.dic 
# 
loop_
_database_2.database_id 
_database_2.database_code 
_database_2.pdbx_database_accession 
_database_2.pdbx_DOI 
PDB   3ESB         pdb_00003esb 10.2210/pdb3esb/pdb 
RCSB  RCSB049705   ?            ?                   
WWPDB D_1000049705 ?            ?                   
# 
loop_
_pdbx_audit_revision_history.ordinal 
_pdbx_audit_revision_history.data_content_type 
_pdbx_audit_revision_history.major_revision 
_pdbx_audit_revision_history.minor_revision 
_pdbx_audit_revision_history.revision_date 
1 'Structure model' 1 0 2009-07-28 
2 'Structure model' 1 1 2011-07-13 
3 'Structure model' 1 2 2021-11-10 
4 'Structure model' 1 3 2023-11-01 
5 'Structure model' 1 4 2024-11-13 
# 
_pdbx_audit_revision_details.ordinal             1 
_pdbx_audit_revision_details.revision_ordinal    1 
_pdbx_audit_revision_details.data_content_type   'Structure model' 
_pdbx_audit_revision_details.provider            repository 
_pdbx_audit_revision_details.type                'Initial release' 
_pdbx_audit_revision_details.description         ? 
_pdbx_audit_revision_details.details             ? 
# 
loop_
_pdbx_audit_revision_group.ordinal 
_pdbx_audit_revision_group.revision_ordinal 
_pdbx_audit_revision_group.data_content_type 
_pdbx_audit_revision_group.group 
1 2 'Structure model' 'Version format compliance' 
2 3 'Structure model' Advisory                    
3 3 'Structure model' 'Database references'       
4 3 'Structure model' 'Derived calculations'      
5 4 'Structure model' 'Data collection'           
6 4 'Structure model' 'Refinement description'    
7 5 'Structure model' 'Structure summary'         
# 
loop_
_pdbx_audit_revision_category.ordinal 
_pdbx_audit_revision_category.revision_ordinal 
_pdbx_audit_revision_category.data_content_type 
_pdbx_audit_revision_category.category 
1  3 'Structure model' database_2                    
2  3 'Structure model' pdbx_unobs_or_zero_occ_atoms  
3  3 'Structure model' struct_conn                   
4  3 'Structure model' struct_ref_seq_dif            
5  3 'Structure model' struct_site                   
6  4 'Structure model' chem_comp_atom                
7  4 'Structure model' chem_comp_bond                
8  4 'Structure model' pdbx_initial_refinement_model 
9  5 'Structure model' pdbx_entry_details            
10 5 'Structure model' pdbx_modification_feature     
# 
loop_
_pdbx_audit_revision_item.ordinal 
_pdbx_audit_revision_item.revision_ordinal 
_pdbx_audit_revision_item.data_content_type 
_pdbx_audit_revision_item.item 
1 3 'Structure model' '_database_2.pdbx_DOI'                         
2 3 'Structure model' '_database_2.pdbx_database_accession'          
3 3 'Structure model' '_struct_conn.pdbx_leaving_atom_flag'          
4 3 'Structure model' '_struct_ref_seq_dif.details'                  
5 3 'Structure model' '_struct_site.pdbx_auth_asym_id'               
6 3 'Structure model' '_struct_site.pdbx_auth_comp_id'               
7 3 'Structure model' '_struct_site.pdbx_auth_seq_id'                
8 5 'Structure model' '_pdbx_entry_details.has_protein_modification' 
# 
_pdbx_database_status.status_code                     REL 
_pdbx_database_status.entry_id                        3ESB 
_pdbx_database_status.recvd_initial_deposition_date   2008-10-05 
_pdbx_database_status.deposit_site                    RCSB 
_pdbx_database_status.process_site                    PDBJ 
_pdbx_database_status.status_code_sf                  REL 
_pdbx_database_status.status_code_mr                  ? 
_pdbx_database_status.SG_entry                        ? 
_pdbx_database_status.pdb_format_compatible           Y 
_pdbx_database_status.status_code_cs                  ? 
_pdbx_database_status.status_code_nmr_data            ? 
_pdbx_database_status.methods_development_category    ? 
# 
_pdbx_database_related.db_name        PDB 
_pdbx_database_related.db_id          3EF3 
_pdbx_database_related.details        . 
_pdbx_database_related.content_type   unspecified 
# 
loop_
_audit_author.name 
_audit_author.pdbx_ordinal 
'Rutten, L.'       1 
'Mannie, J.P.B.A.' 2 
'Lutz, M.'         3 
'Gros, P.'         4 
# 
_citation.id                        primary 
_citation.title                     'Solid-state structural characterization of cutinase-ECE-pincer-metal hybrids' 
_citation.journal_abbrev            Chemistry 
_citation.journal_volume            15 
_citation.page_first                4270 
_citation.page_last                 4280 
_citation.year                      2009 
_citation.journal_id_ASTM           ? 
_citation.country                   GE 
_citation.journal_id_ISSN           0947-6539 
_citation.journal_id_CSD            ? 
_citation.book_publisher            ? 
_citation.pdbx_database_id_PubMed   19219875 
_citation.pdbx_database_id_DOI      10.1002/chem.200801995 
# 
loop_
_citation_author.citation_id 
_citation_author.name 
_citation_author.ordinal 
_citation_author.identifier_ORCID 
primary 'Rutten, L.'            1  ? 
primary 'Wieczorek, B.'         2  ? 
primary 'Mannie, J.P.B.A.'      3  ? 
primary 'Kruithof, C.A.'        4  ? 
primary 'Dijkstra, H.P.'        5  ? 
primary 'Egmond, M.R.'          6  ? 
primary 'Lutz, M.'              7  ? 
primary 'Klein Gebbink, R.J.M.' 8  ? 
primary 'Gros, P.'              9  ? 
primary 'van Koten, G.'         10 ? 
# 
loop_
_entity.id 
_entity.type 
_entity.src_method 
_entity.pdbx_description 
_entity.formula_weight 
_entity.pdbx_number_of_molecules 
_entity.pdbx_ec 
_entity.pdbx_mutation 
_entity.pdbx_fragment 
_entity.details 
1 polymer     man 'Cutinase 1' 22294.031 1  3.1.1.74 N172K ? ? 
2 non-polymer syn 'CHLORIDE ION' 35.453    1  ?        ?     ? ? 
3 non-polymer syn 
'(2,6-bis[(dimethylamino-kappaN)methyl]-4-{3-[(S)-ethoxy(4-nitrophenoxy)phosphoryl]propyl}phenyl-kappaC~1~)(chloro)platinum(2+)' 
693.030   1  ?        ?     ? ? 
4 water       nat water 18.015    86 ?        ?     ? ? 
# 
_entity_name_com.entity_id   1 
_entity_name_com.name        'Cutin hydrolase 1' 
# 
_entity_poly.entity_id                      1 
_entity_poly.type                           'polypeptide(L)' 
_entity_poly.nstd_linkage                   no 
_entity_poly.nstd_monomer                   no 
_entity_poly.pdbx_seq_one_letter_code       
;LPTSNPAQELEARQLGRTTRDDLINGNSASCADVIFIYARGSTETGNLGTLGPSIASNLESAFGKDGVWIQGVGGAYRAT
LGDNALPRGTSSAAIREMLGLFQQANTKCPDATLIAGGYSQGAALAAASIEDLDSAIRDKIAGTVLFGYTKNLQNRGRIP
NYPADRTKVFCKTGDLVCTGSLIVAAPHLAYGPDARGPAPEFLIEKVRAVRGSA
;
_entity_poly.pdbx_seq_one_letter_code_can   
;LPTSNPAQELEARQLGRTTRDDLINGNSASCADVIFIYARGSTETGNLGTLGPSIASNLESAFGKDGVWIQGVGGAYRAT
LGDNALPRGTSSAAIREMLGLFQQANTKCPDATLIAGGYSQGAALAAASIEDLDSAIRDKIAGTVLFGYTKNLQNRGRIP
NYPADRTKVFCKTGDLVCTGSLIVAAPHLAYGPDARGPAPEFLIEKVRAVRGSA
;
_entity_poly.pdbx_strand_id                 A 
_entity_poly.pdbx_target_identifier         ? 
# 
loop_
_pdbx_entity_nonpoly.entity_id 
_pdbx_entity_nonpoly.name 
_pdbx_entity_nonpoly.comp_id 
2 'CHLORIDE ION'                                                                                                                   
CL  
3 '(2,6-bis[(dimethylamino-kappaN)methyl]-4-{3-[(S)-ethoxy(4-nitrophenoxy)phosphoryl]propyl}phenyl-kappaC~1~)(chloro)platinum(2+)' 
NXC 
4 water                                                                                                                            
HOH 
# 
loop_
_entity_poly_seq.entity_id 
_entity_poly_seq.num 
_entity_poly_seq.mon_id 
_entity_poly_seq.hetero 
1 1   LEU n 
1 2   PRO n 
1 3   THR n 
1 4   SER n 
1 5   ASN n 
1 6   PRO n 
1 7   ALA n 
1 8   GLN n 
1 9   GLU n 
1 10  LEU n 
1 11  GLU n 
1 12  ALA n 
1 13  ARG n 
1 14  GLN n 
1 15  LEU n 
1 16  GLY n 
1 17  ARG n 
1 18  THR n 
1 19  THR n 
1 20  ARG n 
1 21  ASP n 
1 22  ASP n 
1 23  LEU n 
1 24  ILE n 
1 25  ASN n 
1 26  GLY n 
1 27  ASN n 
1 28  SER n 
1 29  ALA n 
1 30  SER n 
1 31  CYS n 
1 32  ALA n 
1 33  ASP n 
1 34  VAL n 
1 35  ILE n 
1 36  PHE n 
1 37  ILE n 
1 38  TYR n 
1 39  ALA n 
1 40  ARG n 
1 41  GLY n 
1 42  SER n 
1 43  THR n 
1 44  GLU n 
1 45  THR n 
1 46  GLY n 
1 47  ASN n 
1 48  LEU n 
1 49  GLY n 
1 50  THR n 
1 51  LEU n 
1 52  GLY n 
1 53  PRO n 
1 54  SER n 
1 55  ILE n 
1 56  ALA n 
1 57  SER n 
1 58  ASN n 
1 59  LEU n 
1 60  GLU n 
1 61  SER n 
1 62  ALA n 
1 63  PHE n 
1 64  GLY n 
1 65  LYS n 
1 66  ASP n 
1 67  GLY n 
1 68  VAL n 
1 69  TRP n 
1 70  ILE n 
1 71  GLN n 
1 72  GLY n 
1 73  VAL n 
1 74  GLY n 
1 75  GLY n 
1 76  ALA n 
1 77  TYR n 
1 78  ARG n 
1 79  ALA n 
1 80  THR n 
1 81  LEU n 
1 82  GLY n 
1 83  ASP n 
1 84  ASN n 
1 85  ALA n 
1 86  LEU n 
1 87  PRO n 
1 88  ARG n 
1 89  GLY n 
1 90  THR n 
1 91  SER n 
1 92  SER n 
1 93  ALA n 
1 94  ALA n 
1 95  ILE n 
1 96  ARG n 
1 97  GLU n 
1 98  MET n 
1 99  LEU n 
1 100 GLY n 
1 101 LEU n 
1 102 PHE n 
1 103 GLN n 
1 104 GLN n 
1 105 ALA n 
1 106 ASN n 
1 107 THR n 
1 108 LYS n 
1 109 CYS n 
1 110 PRO n 
1 111 ASP n 
1 112 ALA n 
1 113 THR n 
1 114 LEU n 
1 115 ILE n 
1 116 ALA n 
1 117 GLY n 
1 118 GLY n 
1 119 TYR n 
1 120 SER n 
1 121 GLN n 
1 122 GLY n 
1 123 ALA n 
1 124 ALA n 
1 125 LEU n 
1 126 ALA n 
1 127 ALA n 
1 128 ALA n 
1 129 SER n 
1 130 ILE n 
1 131 GLU n 
1 132 ASP n 
1 133 LEU n 
1 134 ASP n 
1 135 SER n 
1 136 ALA n 
1 137 ILE n 
1 138 ARG n 
1 139 ASP n 
1 140 LYS n 
1 141 ILE n 
1 142 ALA n 
1 143 GLY n 
1 144 THR n 
1 145 VAL n 
1 146 LEU n 
1 147 PHE n 
1 148 GLY n 
1 149 TYR n 
1 150 THR n 
1 151 LYS n 
1 152 ASN n 
1 153 LEU n 
1 154 GLN n 
1 155 ASN n 
1 156 ARG n 
1 157 GLY n 
1 158 ARG n 
1 159 ILE n 
1 160 PRO n 
1 161 ASN n 
1 162 TYR n 
1 163 PRO n 
1 164 ALA n 
1 165 ASP n 
1 166 ARG n 
1 167 THR n 
1 168 LYS n 
1 169 VAL n 
1 170 PHE n 
1 171 CYS n 
1 172 LYS n 
1 173 THR n 
1 174 GLY n 
1 175 ASP n 
1 176 LEU n 
1 177 VAL n 
1 178 CYS n 
1 179 THR n 
1 180 GLY n 
1 181 SER n 
1 182 LEU n 
1 183 ILE n 
1 184 VAL n 
1 185 ALA n 
1 186 ALA n 
1 187 PRO n 
1 188 HIS n 
1 189 LEU n 
1 190 ALA n 
1 191 TYR n 
1 192 GLY n 
1 193 PRO n 
1 194 ASP n 
1 195 ALA n 
1 196 ARG n 
1 197 GLY n 
1 198 PRO n 
1 199 ALA n 
1 200 PRO n 
1 201 GLU n 
1 202 PHE n 
1 203 LEU n 
1 204 ILE n 
1 205 GLU n 
1 206 LYS n 
1 207 VAL n 
1 208 ARG n 
1 209 ALA n 
1 210 VAL n 
1 211 ARG n 
1 212 GLY n 
1 213 SER n 
1 214 ALA n 
# 
_entity_src_gen.entity_id                          1 
_entity_src_gen.pdbx_src_id                        1 
_entity_src_gen.pdbx_alt_source_flag               sample 
_entity_src_gen.pdbx_seq_type                      ? 
_entity_src_gen.pdbx_beg_seq_num                   ? 
_entity_src_gen.pdbx_end_seq_num                   ? 
_entity_src_gen.gene_src_common_name               ? 
_entity_src_gen.gene_src_genus                     ? 
_entity_src_gen.pdbx_gene_src_gene                 ? 
_entity_src_gen.gene_src_species                   ? 
_entity_src_gen.gene_src_strain                    ? 
_entity_src_gen.gene_src_tissue                    ? 
_entity_src_gen.gene_src_tissue_fraction           ? 
_entity_src_gen.gene_src_details                   ? 
_entity_src_gen.pdbx_gene_src_fragment             ? 
_entity_src_gen.pdbx_gene_src_scientific_name      'Fusarium solani f. pisi' 
_entity_src_gen.pdbx_gene_src_ncbi_taxonomy_id     70791 
_entity_src_gen.pdbx_gene_src_variant              ? 
_entity_src_gen.pdbx_gene_src_cell_line            ? 
_entity_src_gen.pdbx_gene_src_atcc                 ? 
_entity_src_gen.pdbx_gene_src_organ                ? 
_entity_src_gen.pdbx_gene_src_organelle            ? 
_entity_src_gen.pdbx_gene_src_cell                 ? 
_entity_src_gen.pdbx_gene_src_cellular_location    ? 
_entity_src_gen.host_org_common_name               ? 
_entity_src_gen.pdbx_host_org_scientific_name      'Escherichia coli' 
_entity_src_gen.pdbx_host_org_ncbi_taxonomy_id     562 
_entity_src_gen.host_org_genus                     ? 
_entity_src_gen.pdbx_host_org_gene                 ? 
_entity_src_gen.pdbx_host_org_organ                ? 
_entity_src_gen.host_org_species                   ? 
_entity_src_gen.pdbx_host_org_tissue               ? 
_entity_src_gen.pdbx_host_org_tissue_fraction      ? 
_entity_src_gen.pdbx_host_org_strain               ? 
_entity_src_gen.pdbx_host_org_variant              ? 
_entity_src_gen.pdbx_host_org_cell_line            ? 
_entity_src_gen.pdbx_host_org_atcc                 ? 
_entity_src_gen.pdbx_host_org_culture_collection   ? 
_entity_src_gen.pdbx_host_org_cell                 ? 
_entity_src_gen.pdbx_host_org_organelle            ? 
_entity_src_gen.pdbx_host_org_cellular_location    ? 
_entity_src_gen.pdbx_host_org_vector_type          PLASMID 
_entity_src_gen.pdbx_host_org_vector               ? 
_entity_src_gen.host_org_details                   ? 
_entity_src_gen.expression_system_id               ? 
_entity_src_gen.plasmid_name                       pUC19 
_entity_src_gen.plasmid_details                    ? 
_entity_src_gen.pdbx_description                   ? 
# 
loop_
_chem_comp.id 
_chem_comp.type 
_chem_comp.mon_nstd_flag 
_chem_comp.name 
_chem_comp.pdbx_synonyms 
_chem_comp.formula 
_chem_comp.formula_weight 
ALA 'L-peptide linking' y ALANINE ? 'C3 H7 N O2'            89.093  
ARG 'L-peptide linking' y ARGININE ? 'C6 H15 N4 O2 1'        175.209 
ASN 'L-peptide linking' y ASPARAGINE ? 'C4 H8 N2 O3'           132.118 
ASP 'L-peptide linking' y 'ASPARTIC ACID' ? 'C4 H7 N O4'            133.103 
CL  non-polymer         . 'CHLORIDE ION' ? 'Cl -1'                 35.453  
CYS 'L-peptide linking' y CYSTEINE ? 'C3 H7 N O2 S'          121.158 
GLN 'L-peptide linking' y GLUTAMINE ? 'C5 H10 N2 O3'          146.144 
GLU 'L-peptide linking' y 'GLUTAMIC ACID' ? 'C5 H9 N O4'            147.129 
GLY 'peptide linking'   y GLYCINE ? 'C2 H5 N O2'            75.067  
HIS 'L-peptide linking' y HISTIDINE ? 'C6 H10 N3 O2 1'        156.162 
HOH non-polymer         . WATER ? 'H2 O'                  18.015  
ILE 'L-peptide linking' y ISOLEUCINE ? 'C6 H13 N O2'           131.173 
LEU 'L-peptide linking' y LEUCINE ? 'C6 H13 N O2'           131.173 
LYS 'L-peptide linking' y LYSINE ? 'C6 H15 N2 O2 1'        147.195 
MET 'L-peptide linking' y METHIONINE ? 'C5 H11 N O2 S'         149.211 
NXC non-polymer         . 
'(2,6-bis[(dimethylamino-kappaN)methyl]-4-{3-[(S)-ethoxy(4-nitrophenoxy)phosphoryl]propyl}phenyl-kappaC~1~)(chloro)platinum(2+)' 
'ethyl 4-nitrophenyl P-[3-(4-(chloroplatino)-1,3-bis > [(dimethylamino)methyl]-phenyl)propyl]phosphonate' 'C23 H33 Cl N3 O5 P Pt' 
693.030 
PHE 'L-peptide linking' y PHENYLALANINE ? 'C9 H11 N O2'           165.189 
PRO 'L-peptide linking' y PROLINE ? 'C5 H9 N O2'            115.130 
SER 'L-peptide linking' y SERINE ? 'C3 H7 N O3'            105.093 
THR 'L-peptide linking' y THREONINE ? 'C4 H9 N O3'            119.119 
TRP 'L-peptide linking' y TRYPTOPHAN ? 'C11 H12 N2 O2'         204.225 
TYR 'L-peptide linking' y TYROSINE ? 'C9 H11 N O3'           181.189 
VAL 'L-peptide linking' y VALINE ? 'C5 H11 N O2'           117.146 
# 
loop_
_pdbx_poly_seq_scheme.asym_id 
_pdbx_poly_seq_scheme.entity_id 
_pdbx_poly_seq_scheme.seq_id 
_pdbx_poly_seq_scheme.mon_id 
_pdbx_poly_seq_scheme.ndb_seq_num 
_pdbx_poly_seq_scheme.pdb_seq_num 
_pdbx_poly_seq_scheme.auth_seq_num 
_pdbx_poly_seq_scheme.pdb_mon_id 
_pdbx_poly_seq_scheme.auth_mon_id 
_pdbx_poly_seq_scheme.pdb_strand_id 
_pdbx_poly_seq_scheme.pdb_ins_code 
_pdbx_poly_seq_scheme.hetero 
A 1 1   LEU 1   1   ?   ?   ?   A . n 
A 1 2   PRO 2   2   ?   ?   ?   A . n 
A 1 3   THR 3   3   ?   ?   ?   A . n 
A 1 4   SER 4   4   ?   ?   ?   A . n 
A 1 5   ASN 5   5   ?   ?   ?   A . n 
A 1 6   PRO 6   6   ?   ?   ?   A . n 
A 1 7   ALA 7   7   ?   ?   ?   A . n 
A 1 8   GLN 8   8   ?   ?   ?   A . n 
A 1 9   GLU 9   9   ?   ?   ?   A . n 
A 1 10  LEU 10  10  ?   ?   ?   A . n 
A 1 11  GLU 11  11  ?   ?   ?   A . n 
A 1 12  ALA 12  12  ?   ?   ?   A . n 
A 1 13  ARG 13  13  ?   ?   ?   A . n 
A 1 14  GLN 14  14  ?   ?   ?   A . n 
A 1 15  LEU 15  15  ?   ?   ?   A . n 
A 1 16  GLY 16  16  16  GLY GLY A . n 
A 1 17  ARG 17  17  17  ARG ARG A . n 
A 1 18  THR 18  18  18  THR THR A . n 
A 1 19  THR 19  19  19  THR THR A . n 
A 1 20  ARG 20  20  20  ARG ARG A . n 
A 1 21  ASP 21  21  21  ASP ASP A . n 
A 1 22  ASP 22  22  22  ASP ASP A . n 
A 1 23  LEU 23  23  23  LEU LEU A . n 
A 1 24  ILE 24  24  24  ILE ILE A . n 
A 1 25  ASN 25  25  25  ASN ASN A . n 
A 1 26  GLY 26  26  26  GLY GLY A . n 
A 1 27  ASN 27  27  27  ASN ASN A . n 
A 1 28  SER 28  28  28  SER SER A . n 
A 1 29  ALA 29  29  29  ALA ALA A . n 
A 1 30  SER 30  30  30  SER SER A . n 
A 1 31  CYS 31  31  31  CYS CYS A . n 
A 1 32  ALA 32  32  32  ALA ALA A . n 
A 1 33  ASP 33  33  33  ASP ASP A . n 
A 1 34  VAL 34  34  34  VAL VAL A . n 
A 1 35  ILE 35  35  35  ILE ILE A . n 
A 1 36  PHE 36  36  36  PHE PHE A . n 
A 1 37  ILE 37  37  37  ILE ILE A . n 
A 1 38  TYR 38  38  38  TYR TYR A . n 
A 1 39  ALA 39  39  39  ALA ALA A . n 
A 1 40  ARG 40  40  40  ARG ARG A . n 
A 1 41  GLY 41  41  41  GLY GLY A . n 
A 1 42  SER 42  42  42  SER SER A . n 
A 1 43  THR 43  43  43  THR THR A . n 
A 1 44  GLU 44  44  44  GLU GLU A . n 
A 1 45  THR 45  45  45  THR THR A . n 
A 1 46  GLY 46  46  46  GLY GLY A . n 
A 1 47  ASN 47  47  47  ASN ASN A . n 
A 1 48  LEU 48  48  48  LEU LEU A . n 
A 1 49  GLY 49  49  49  GLY GLY A . n 
A 1 50  THR 50  50  50  THR THR A . n 
A 1 51  LEU 51  51  51  LEU LEU A . n 
A 1 52  GLY 52  52  52  GLY GLY A . n 
A 1 53  PRO 53  53  53  PRO PRO A . n 
A 1 54  SER 54  54  54  SER SER A . n 
A 1 55  ILE 55  55  55  ILE ILE A . n 
A 1 56  ALA 56  56  56  ALA ALA A . n 
A 1 57  SER 57  57  57  SER SER A . n 
A 1 58  ASN 58  58  58  ASN ASN A . n 
A 1 59  LEU 59  59  59  LEU LEU A . n 
A 1 60  GLU 60  60  60  GLU GLU A . n 
A 1 61  SER 61  61  61  SER SER A . n 
A 1 62  ALA 62  62  62  ALA ALA A . n 
A 1 63  PHE 63  63  63  PHE PHE A . n 
A 1 64  GLY 64  64  64  GLY GLY A . n 
A 1 65  LYS 65  65  65  LYS LYS A . n 
A 1 66  ASP 66  66  66  ASP ASP A . n 
A 1 67  GLY 67  67  67  GLY GLY A . n 
A 1 68  VAL 68  68  68  VAL VAL A . n 
A 1 69  TRP 69  69  69  TRP TRP A . n 
A 1 70  ILE 70  70  70  ILE ILE A . n 
A 1 71  GLN 71  71  71  GLN GLN A . n 
A 1 72  GLY 72  72  72  GLY GLY A . n 
A 1 73  VAL 73  73  73  VAL VAL A . n 
A 1 74  GLY 74  74  74  GLY GLY A . n 
A 1 75  GLY 75  75  75  GLY GLY A . n 
A 1 76  ALA 76  76  76  ALA ALA A . n 
A 1 77  TYR 77  77  77  TYR TYR A . n 
A 1 78  ARG 78  78  78  ARG ARG A . n 
A 1 79  ALA 79  79  79  ALA ALA A . n 
A 1 80  THR 80  80  80  THR THR A . n 
A 1 81  LEU 81  81  81  LEU LEU A . n 
A 1 82  GLY 82  82  82  GLY GLY A . n 
A 1 83  ASP 83  83  83  ASP ASP A . n 
A 1 84  ASN 84  84  84  ASN ASN A . n 
A 1 85  ALA 85  85  85  ALA ALA A . n 
A 1 86  LEU 86  86  86  LEU LEU A . n 
A 1 87  PRO 87  87  87  PRO PRO A . n 
A 1 88  ARG 88  88  88  ARG ARG A . n 
A 1 89  GLY 89  89  89  GLY GLY A . n 
A 1 90  THR 90  90  90  THR THR A . n 
A 1 91  SER 91  91  91  SER SER A . n 
A 1 92  SER 92  92  92  SER SER A . n 
A 1 93  ALA 93  93  93  ALA ALA A . n 
A 1 94  ALA 94  94  94  ALA ALA A . n 
A 1 95  ILE 95  95  95  ILE ILE A . n 
A 1 96  ARG 96  96  96  ARG ARG A . n 
A 1 97  GLU 97  97  97  GLU GLU A . n 
A 1 98  MET 98  98  98  MET MET A . n 
A 1 99  LEU 99  99  99  LEU LEU A . n 
A 1 100 GLY 100 100 100 GLY GLY A . n 
A 1 101 LEU 101 101 101 LEU LEU A . n 
A 1 102 PHE 102 102 102 PHE PHE A . n 
A 1 103 GLN 103 103 103 GLN GLN A . n 
A 1 104 GLN 104 104 104 GLN GLN A . n 
A 1 105 ALA 105 105 105 ALA ALA A . n 
A 1 106 ASN 106 106 106 ASN ASN A . n 
A 1 107 THR 107 107 107 THR THR A . n 
A 1 108 LYS 108 108 108 LYS LYS A . n 
A 1 109 CYS 109 109 109 CYS CYS A . n 
A 1 110 PRO 110 110 110 PRO PRO A . n 
A 1 111 ASP 111 111 111 ASP ASP A . n 
A 1 112 ALA 112 112 112 ALA ALA A . n 
A 1 113 THR 113 113 113 THR THR A . n 
A 1 114 LEU 114 114 114 LEU LEU A . n 
A 1 115 ILE 115 115 115 ILE ILE A . n 
A 1 116 ALA 116 116 116 ALA ALA A . n 
A 1 117 GLY 117 117 117 GLY GLY A . n 
A 1 118 GLY 118 118 118 GLY GLY A . n 
A 1 119 TYR 119 119 119 TYR TYR A . n 
A 1 120 SER 120 120 120 SER SER A . n 
A 1 121 GLN 121 121 121 GLN GLN A . n 
A 1 122 GLY 122 122 122 GLY GLY A . n 
A 1 123 ALA 123 123 123 ALA ALA A . n 
A 1 124 ALA 124 124 124 ALA ALA A . n 
A 1 125 LEU 125 125 125 LEU LEU A . n 
A 1 126 ALA 126 126 126 ALA ALA A . n 
A 1 127 ALA 127 127 127 ALA ALA A . n 
A 1 128 ALA 128 128 128 ALA ALA A . n 
A 1 129 SER 129 129 129 SER SER A . n 
A 1 130 ILE 130 130 130 ILE ILE A . n 
A 1 131 GLU 131 131 131 GLU GLU A . n 
A 1 132 ASP 132 132 132 ASP ASP A . n 
A 1 133 LEU 133 133 133 LEU LEU A . n 
A 1 134 ASP 134 134 134 ASP ASP A . n 
A 1 135 SER 135 135 135 SER SER A . n 
A 1 136 ALA 136 136 136 ALA ALA A . n 
A 1 137 ILE 137 137 137 ILE ILE A . n 
A 1 138 ARG 138 138 138 ARG ARG A . n 
A 1 139 ASP 139 139 139 ASP ASP A . n 
A 1 140 LYS 140 140 140 LYS LYS A . n 
A 1 141 ILE 141 141 141 ILE ILE A . n 
A 1 142 ALA 142 142 142 ALA ALA A . n 
A 1 143 GLY 143 143 143 GLY GLY A . n 
A 1 144 THR 144 144 144 THR THR A . n 
A 1 145 VAL 145 145 145 VAL VAL A . n 
A 1 146 LEU 146 146 146 LEU LEU A . n 
A 1 147 PHE 147 147 147 PHE PHE A . n 
A 1 148 GLY 148 148 148 GLY GLY A . n 
A 1 149 TYR 149 149 149 TYR TYR A . n 
A 1 150 THR 150 150 150 THR THR A . n 
A 1 151 LYS 151 151 151 LYS LYS A . n 
A 1 152 ASN 152 152 152 ASN ASN A . n 
A 1 153 LEU 153 153 153 LEU LEU A . n 
A 1 154 GLN 154 154 154 GLN GLN A . n 
A 1 155 ASN 155 155 155 ASN ASN A . n 
A 1 156 ARG 156 156 156 ARG ARG A . n 
A 1 157 GLY 157 157 157 GLY GLY A . n 
A 1 158 ARG 158 158 158 ARG ARG A . n 
A 1 159 ILE 159 159 159 ILE ILE A . n 
A 1 160 PRO 160 160 160 PRO PRO A . n 
A 1 161 ASN 161 161 161 ASN ASN A . n 
A 1 162 TYR 162 162 162 TYR TYR A . n 
A 1 163 PRO 163 163 163 PRO PRO A . n 
A 1 164 ALA 164 164 164 ALA ALA A . n 
A 1 165 ASP 165 165 165 ASP ASP A . n 
A 1 166 ARG 166 166 166 ARG ARG A . n 
A 1 167 THR 167 167 167 THR THR A . n 
A 1 168 LYS 168 168 168 LYS LYS A . n 
A 1 169 VAL 169 169 169 VAL VAL A . n 
A 1 170 PHE 170 170 170 PHE PHE A . n 
A 1 171 CYS 171 171 171 CYS CYS A . n 
A 1 172 LYS 172 172 172 LYS LYS A . n 
A 1 173 THR 173 173 173 THR THR A . n 
A 1 174 GLY 174 174 174 GLY GLY A . n 
A 1 175 ASP 175 175 175 ASP ASP A . n 
A 1 176 LEU 176 176 176 LEU LEU A . n 
A 1 177 VAL 177 177 177 VAL VAL A . n 
A 1 178 CYS 178 178 178 CYS CYS A . n 
A 1 179 THR 179 179 179 THR THR A . n 
A 1 180 GLY 180 180 180 GLY GLY A . n 
A 1 181 SER 181 181 181 SER SER A . n 
A 1 182 LEU 182 182 182 LEU LEU A . n 
A 1 183 ILE 183 183 183 ILE ILE A . n 
A 1 184 VAL 184 184 184 VAL VAL A . n 
A 1 185 ALA 185 185 185 ALA ALA A . n 
A 1 186 ALA 186 186 186 ALA ALA A . n 
A 1 187 PRO 187 187 187 PRO PRO A . n 
A 1 188 HIS 188 188 188 HIS HIS A . n 
A 1 189 LEU 189 189 189 LEU LEU A . n 
A 1 190 ALA 190 190 190 ALA ALA A . n 
A 1 191 TYR 191 191 191 TYR TYR A . n 
A 1 192 GLY 192 192 192 GLY GLY A . n 
A 1 193 PRO 193 193 193 PRO PRO A . n 
A 1 194 ASP 194 194 194 ASP ASP A . n 
A 1 195 ALA 195 195 195 ALA ALA A . n 
A 1 196 ARG 196 196 196 ARG ARG A . n 
A 1 197 GLY 197 197 197 GLY GLY A . n 
A 1 198 PRO 198 198 198 PRO PRO A . n 
A 1 199 ALA 199 199 199 ALA ALA A . n 
A 1 200 PRO 200 200 200 PRO PRO A . n 
A 1 201 GLU 201 201 201 GLU GLU A . n 
A 1 202 PHE 202 202 202 PHE PHE A . n 
A 1 203 LEU 203 203 203 LEU LEU A . n 
A 1 204 ILE 204 204 204 ILE ILE A . n 
A 1 205 GLU 205 205 205 GLU GLU A . n 
A 1 206 LYS 206 206 206 LYS LYS A . n 
A 1 207 VAL 207 207 207 VAL VAL A . n 
A 1 208 ARG 208 208 208 ARG ARG A . n 
A 1 209 ALA 209 209 209 ALA ALA A . n 
A 1 210 VAL 210 210 210 VAL VAL A . n 
A 1 211 ARG 211 211 211 ARG ARG A . n 
A 1 212 GLY 212 212 212 GLY GLY A . n 
A 1 213 SER 213 213 213 SER SER A . n 
A 1 214 ALA 214 214 214 ALA ALA A . n 
# 
loop_
_pdbx_nonpoly_scheme.asym_id 
_pdbx_nonpoly_scheme.entity_id 
_pdbx_nonpoly_scheme.mon_id 
_pdbx_nonpoly_scheme.ndb_seq_num 
_pdbx_nonpoly_scheme.pdb_seq_num 
_pdbx_nonpoly_scheme.auth_seq_num 
_pdbx_nonpoly_scheme.pdb_mon_id 
_pdbx_nonpoly_scheme.auth_mon_id 
_pdbx_nonpoly_scheme.pdb_strand_id 
_pdbx_nonpoly_scheme.pdb_ins_code 
B 2 CL  1  215 215 CL  CL  A . 
C 3 NXC 1  216 216 NXC NXC A . 
D 4 HOH 1  217 1   HOH HOH A . 
D 4 HOH 2  218 2   HOH HOH A . 
D 4 HOH 3  219 4   HOH HOH A . 
D 4 HOH 4  220 5   HOH HOH A . 
D 4 HOH 5  221 6   HOH HOH A . 
D 4 HOH 6  222 7   HOH HOH A . 
D 4 HOH 7  223 8   HOH HOH A . 
D 4 HOH 8  224 9   HOH HOH A . 
D 4 HOH 9  225 10  HOH HOH A . 
D 4 HOH 10 226 11  HOH HOH A . 
D 4 HOH 11 227 12  HOH HOH A . 
D 4 HOH 12 228 13  HOH HOH A . 
D 4 HOH 13 229 14  HOH HOH A . 
D 4 HOH 14 230 15  HOH HOH A . 
D 4 HOH 15 231 16  HOH HOH A . 
D 4 HOH 16 232 17  HOH HOH A . 
D 4 HOH 17 233 18  HOH HOH A . 
D 4 HOH 18 234 19  HOH HOH A . 
D 4 HOH 19 235 20  HOH HOH A . 
D 4 HOH 20 236 21  HOH HOH A . 
D 4 HOH 21 237 22  HOH HOH A . 
D 4 HOH 22 238 23  HOH HOH A . 
D 4 HOH 23 239 24  HOH HOH A . 
D 4 HOH 24 240 25  HOH HOH A . 
D 4 HOH 25 241 26  HOH HOH A . 
D 4 HOH 26 242 27  HOH HOH A . 
D 4 HOH 27 243 28  HOH HOH A . 
D 4 HOH 28 244 29  HOH HOH A . 
D 4 HOH 29 245 30  HOH HOH A . 
D 4 HOH 30 246 31  HOH HOH A . 
D 4 HOH 31 247 32  HOH HOH A . 
D 4 HOH 32 248 33  HOH HOH A . 
D 4 HOH 33 249 34  HOH HOH A . 
D 4 HOH 34 250 35  HOH HOH A . 
D 4 HOH 35 251 36  HOH HOH A . 
D 4 HOH 36 252 38  HOH HOH A . 
D 4 HOH 37 253 39  HOH HOH A . 
D 4 HOH 38 254 40  HOH HOH A . 
D 4 HOH 39 255 42  HOH HOH A . 
D 4 HOH 40 256 44  HOH HOH A . 
D 4 HOH 41 257 45  HOH HOH A . 
D 4 HOH 42 258 46  HOH HOH A . 
D 4 HOH 43 259 47  HOH HOH A . 
D 4 HOH 44 260 48  HOH HOH A . 
D 4 HOH 45 261 49  HOH HOH A . 
D 4 HOH 46 262 50  HOH HOH A . 
D 4 HOH 47 263 52  HOH HOH A . 
D 4 HOH 48 264 53  HOH HOH A . 
D 4 HOH 49 265 54  HOH HOH A . 
D 4 HOH 50 266 55  HOH HOH A . 
D 4 HOH 51 267 56  HOH HOH A . 
D 4 HOH 52 268 57  HOH HOH A . 
D 4 HOH 53 269 58  HOH HOH A . 
D 4 HOH 54 270 59  HOH HOH A . 
D 4 HOH 55 271 60  HOH HOH A . 
D 4 HOH 56 272 61  HOH HOH A . 
D 4 HOH 57 273 62  HOH HOH A . 
D 4 HOH 58 274 63  HOH HOH A . 
D 4 HOH 59 275 64  HOH HOH A . 
D 4 HOH 60 276 65  HOH HOH A . 
D 4 HOH 61 277 66  HOH HOH A . 
D 4 HOH 62 278 67  HOH HOH A . 
D 4 HOH 63 279 68  HOH HOH A . 
D 4 HOH 64 280 71  HOH HOH A . 
D 4 HOH 65 281 72  HOH HOH A . 
D 4 HOH 66 282 73  HOH HOH A . 
D 4 HOH 67 283 74  HOH HOH A . 
D 4 HOH 68 284 75  HOH HOH A . 
D 4 HOH 69 285 76  HOH HOH A . 
D 4 HOH 70 286 78  HOH HOH A . 
D 4 HOH 71 287 79  HOH HOH A . 
D 4 HOH 72 288 80  HOH HOH A . 
D 4 HOH 73 289 81  HOH HOH A . 
D 4 HOH 74 290 82  HOH HOH A . 
D 4 HOH 75 291 83  HOH HOH A . 
D 4 HOH 76 292 84  HOH HOH A . 
D 4 HOH 77 293 85  HOH HOH A . 
D 4 HOH 78 294 86  HOH HOH A . 
D 4 HOH 79 295 87  HOH HOH A . 
D 4 HOH 80 296 88  HOH HOH A . 
D 4 HOH 81 297 89  HOH HOH A . 
D 4 HOH 82 298 90  HOH HOH A . 
D 4 HOH 83 299 91  HOH HOH A . 
D 4 HOH 84 300 92  HOH HOH A . 
D 4 HOH 85 301 93  HOH HOH A . 
D 4 HOH 86 302 95  HOH HOH A . 
# 
loop_
_pdbx_unobs_or_zero_occ_atoms.id 
_pdbx_unobs_or_zero_occ_atoms.PDB_model_num 
_pdbx_unobs_or_zero_occ_atoms.polymer_flag 
_pdbx_unobs_or_zero_occ_atoms.occupancy_flag 
_pdbx_unobs_or_zero_occ_atoms.auth_asym_id 
_pdbx_unobs_or_zero_occ_atoms.auth_comp_id 
_pdbx_unobs_or_zero_occ_atoms.auth_seq_id 
_pdbx_unobs_or_zero_occ_atoms.PDB_ins_code 
_pdbx_unobs_or_zero_occ_atoms.auth_atom_id 
_pdbx_unobs_or_zero_occ_atoms.label_alt_id 
_pdbx_unobs_or_zero_occ_atoms.label_asym_id 
_pdbx_unobs_or_zero_occ_atoms.label_comp_id 
_pdbx_unobs_or_zero_occ_atoms.label_seq_id 
_pdbx_unobs_or_zero_occ_atoms.label_atom_id 
1 1 Y 1 A SER 213 ? OG ? A SER 213 OG 
2 1 N 1 A NXC 216 ? CL ? C NXC 1   CL 
# 
loop_
_software.name 
_software.classification 
_software.version 
_software.citation_id 
_software.pdbx_ordinal 
ADSC   'data collection' Quantum  ? 1 
PHASER phasing           .        ? 2 
REFMAC refinement        5.3.0008 ? 3 
MOSFLM 'data reduction'  .        ? 4 
SCALA  'data scaling'    .        ? 5 
# 
_cell.entry_id           3ESB 
_cell.length_a           69.976 
_cell.length_b           69.976 
_cell.length_c           100.666 
_cell.angle_alpha        90.00 
_cell.angle_beta         90.00 
_cell.angle_gamma        120.00 
_cell.Z_PDB              6 
_cell.pdbx_unique_axis   ? 
_cell.length_a_esd       ? 
_cell.length_b_esd       ? 
_cell.length_c_esd       ? 
_cell.angle_alpha_esd    ? 
_cell.angle_beta_esd     ? 
_cell.angle_gamma_esd    ? 
# 
_symmetry.entry_id                         3ESB 
_symmetry.space_group_name_H-M             'P 31 2 1' 
_symmetry.pdbx_full_space_group_name_H-M   ? 
_symmetry.cell_setting                     ? 
_symmetry.Int_Tables_number                152 
_symmetry.space_group_name_Hall            ? 
# 
_exptl.entry_id          3ESB 
_exptl.method            'X-RAY DIFFRACTION' 
_exptl.crystals_number   1 
# 
_exptl_crystal.id                    1 
_exptl_crystal.density_meas          ? 
_exptl_crystal.density_Matthews      3.19 
_exptl_crystal.density_percent_sol   61.46 
_exptl_crystal.description           ? 
_exptl_crystal.F_000                 ? 
_exptl_crystal.preparation           ? 
# 
_exptl_crystal_grow.crystal_id      1 
_exptl_crystal_grow.method          'VAPOR DIFFUSION' 
_exptl_crystal_grow.temp            291 
_exptl_crystal_grow.temp_details    ? 
_exptl_crystal_grow.pH              6.0 
_exptl_crystal_grow.pdbx_details    
'2%(w/v) PEG-1000, 0.1M 4-(2-hydroxyethyl)-1-piperazineethanesulfonic acid(Hepes), pH 6.0, VAPOR DIFFUSION, temperature 291K' 
_exptl_crystal_grow.pdbx_pH_range   . 
# 
_diffrn.id                     1 
_diffrn.ambient_temp           100 
_diffrn.ambient_temp_details   ? 
_diffrn.crystal_id             1 
# 
_diffrn_detector.diffrn_id              1 
_diffrn_detector.detector               CCD 
_diffrn_detector.type                   'ADSC QUANTUM 210' 
_diffrn_detector.pdbx_collection_date   2006-12-16 
_diffrn_detector.details                ? 
# 
_diffrn_radiation.diffrn_id                        1 
_diffrn_radiation.wavelength_id                    1 
_diffrn_radiation.pdbx_monochromatic_or_laue_m_l   M 
_diffrn_radiation.monochromator                    ? 
_diffrn_radiation.pdbx_diffrn_protocol             'SINGLE WAVELENGTH' 
_diffrn_radiation.pdbx_scattering_type             x-ray 
# 
_diffrn_radiation_wavelength.id           1 
_diffrn_radiation_wavelength.wavelength   0.934 
_diffrn_radiation_wavelength.wt           1.0 
# 
_diffrn_source.diffrn_id                   1 
_diffrn_source.source                      SYNCHROTRON 
_diffrn_source.type                        'ESRF BEAMLINE ID14-1' 
_diffrn_source.pdbx_synchrotron_site       ESRF 
_diffrn_source.pdbx_synchrotron_beamline   ID14-1 
_diffrn_source.pdbx_wavelength             ? 
_diffrn_source.pdbx_wavelength_list        0.934 
# 
_reflns.entry_id                     3ESB 
_reflns.observed_criterion_sigma_I   0 
_reflns.observed_criterion_sigma_F   0 
_reflns.d_resolution_low             39 
_reflns.d_resolution_high            2.3 
_reflns.number_obs                   12784 
_reflns.number_all                   ? 
_reflns.percent_possible_obs         97.0 
_reflns.pdbx_Rmerge_I_obs            0.078 
_reflns.pdbx_Rsym_value              ? 
_reflns.pdbx_netI_over_sigmaI        14.6 
_reflns.B_iso_Wilson_estimate        ? 
_reflns.pdbx_redundancy              7.2 
_reflns.R_free_details               ? 
_reflns.limit_h_max                  ? 
_reflns.limit_h_min                  ? 
_reflns.limit_k_max                  ? 
_reflns.limit_k_min                  ? 
_reflns.limit_l_max                  ? 
_reflns.limit_l_min                  ? 
_reflns.observed_criterion_F_max     ? 
_reflns.observed_criterion_F_min     ? 
_reflns.pdbx_chi_squared             ? 
_reflns.pdbx_scaling_rejects         ? 
_reflns.pdbx_diffrn_id               1 
_reflns.pdbx_ordinal                 1 
# 
_reflns_shell.d_res_high             2.3 
_reflns_shell.d_res_low              2.42 
_reflns_shell.percent_possible_all   100 
_reflns_shell.Rmerge_I_obs           0.078 
_reflns_shell.pdbx_Rsym_value        ? 
_reflns_shell.meanI_over_sigI_obs    3.3 
_reflns_shell.pdbx_redundancy        7.3 
_reflns_shell.percent_possible_obs   ? 
_reflns_shell.number_unique_all      1903 
_reflns_shell.number_measured_all    ? 
_reflns_shell.number_measured_obs    ? 
_reflns_shell.number_unique_obs      ? 
_reflns_shell.pdbx_chi_squared       ? 
_reflns_shell.pdbx_diffrn_id         ? 
_reflns_shell.pdbx_ordinal           1 
# 
_refine.entry_id                                 3ESB 
_refine.ls_number_reflns_obs                     12132 
_refine.ls_number_reflns_all                     ? 
_refine.pdbx_ls_sigma_I                          0 
_refine.pdbx_ls_sigma_F                          0 
_refine.pdbx_data_cutoff_high_absF               ? 
_refine.pdbx_data_cutoff_low_absF                ? 
_refine.pdbx_data_cutoff_high_rms_absF           ? 
_refine.ls_d_res_low                             33.56 
_refine.ls_d_res_high                            2.30 
_refine.ls_percent_reflns_obs                    97.00 
_refine.ls_R_factor_obs                          0.21636 
_refine.ls_R_factor_all                          ? 
_refine.ls_R_factor_R_work                       0.21475 
_refine.ls_R_factor_R_free                       0.24657 
_refine.ls_R_factor_R_free_error                 ? 
_refine.ls_R_factor_R_free_error_details         ? 
_refine.ls_percent_reflns_R_free                 4.9 
_refine.ls_number_reflns_R_free                  624 
_refine.ls_number_parameters                     ? 
_refine.ls_number_restraints                     ? 
_refine.occupancy_min                            ? 
_refine.occupancy_max                            ? 
_refine.correlation_coeff_Fo_to_Fc               0.940 
_refine.correlation_coeff_Fo_to_Fc_free          0.930 
_refine.B_iso_mean                               42.107 
_refine.aniso_B[1][1]                            1.27 
_refine.aniso_B[2][2]                            1.27 
_refine.aniso_B[3][3]                            -1.91 
_refine.aniso_B[1][2]                            0.64 
_refine.aniso_B[1][3]                            0.00 
_refine.aniso_B[2][3]                            0.00 
_refine.solvent_model_details                    MASK 
_refine.solvent_model_param_ksol                 ? 
_refine.solvent_model_param_bsol                 ? 
_refine.pdbx_solvent_vdw_probe_radii             1.40 
_refine.pdbx_solvent_ion_probe_radii             0.80 
_refine.pdbx_solvent_shrinkage_radii             0.80 
_refine.pdbx_ls_cross_valid_method               THROUGHOUT 
_refine.details                                  'HYDROGENS HAVE BEEN ADDED IN THE RIDING POSITIONS' 
_refine.pdbx_starting_model                      1CUA 
_refine.pdbx_method_to_determine_struct          'MOLECULAR REPLACEMENT' 
_refine.pdbx_isotropic_thermal_model             ? 
_refine.pdbx_stereochemistry_target_values       'MAXIMUM LIKELIHOOD' 
_refine.pdbx_stereochem_target_val_spec_case     ? 
_refine.pdbx_R_Free_selection_details            RANDOM 
_refine.pdbx_overall_ESU_R                       0.261 
_refine.pdbx_overall_ESU_R_Free                  0.209 
_refine.overall_SU_ML                            0.153 
_refine.overall_SU_B                             6.198 
_refine.ls_redundancy_reflns_obs                 ? 
_refine.B_iso_min                                ? 
_refine.B_iso_max                                ? 
_refine.overall_SU_R_Cruickshank_DPI             ? 
_refine.overall_SU_R_free                        ? 
_refine.ls_wR_factor_R_free                      ? 
_refine.ls_wR_factor_R_work                      ? 
_refine.overall_FOM_free_R_set                   ? 
_refine.overall_FOM_work_R_set                   ? 
_refine.pdbx_refine_id                           'X-RAY DIFFRACTION' 
_refine.pdbx_overall_phase_error                 ? 
_refine.pdbx_diffrn_id                           1 
_refine.pdbx_TLS_residual_ADP_flag               ? 
_refine.pdbx_overall_SU_R_free_Cruickshank_DPI   ? 
_refine.pdbx_overall_SU_R_Blow_DPI               ? 
_refine.pdbx_overall_SU_R_free_Blow_DPI          ? 
# 
_refine_hist.pdbx_refine_id                   'X-RAY DIFFRACTION' 
_refine_hist.cycle_id                         LAST 
_refine_hist.pdbx_number_atoms_protein        1448 
_refine_hist.pdbx_number_atoms_nucleic_acid   0 
_refine_hist.pdbx_number_atoms_ligand         24 
_refine_hist.number_atoms_solvent             86 
_refine_hist.number_atoms_total               1558 
_refine_hist.d_res_high                       2.30 
_refine_hist.d_res_low                        33.56 
# 
loop_
_refine_ls_restr.type 
_refine_ls_restr.dev_ideal 
_refine_ls_restr.dev_ideal_target 
_refine_ls_restr.weight 
_refine_ls_restr.number 
_refine_ls_restr.pdbx_refine_id 
_refine_ls_restr.pdbx_restraint_function 
r_bond_refined_d             0.014  0.022  ? 1499 'X-RAY DIFFRACTION' ? 
r_bond_other_d               ?      ?      ? ?    'X-RAY DIFFRACTION' ? 
r_angle_refined_deg          1.562  1.987  ? 2038 'X-RAY DIFFRACTION' ? 
r_angle_other_deg            ?      ?      ? ?    'X-RAY DIFFRACTION' ? 
r_dihedral_angle_1_deg       5.961  5.000  ? 198  'X-RAY DIFFRACTION' ? 
r_dihedral_angle_2_deg       37.393 23.220 ? 59   'X-RAY DIFFRACTION' ? 
r_dihedral_angle_3_deg       16.316 15.000 ? 226  'X-RAY DIFFRACTION' ? 
r_dihedral_angle_4_deg       17.868 15.000 ? 13   'X-RAY DIFFRACTION' ? 
r_chiral_restr               0.083  0.200  ? 227  'X-RAY DIFFRACTION' ? 
r_gen_planes_refined         0.004  0.020  ? 1139 'X-RAY DIFFRACTION' ? 
r_gen_planes_other           ?      ?      ? ?    'X-RAY DIFFRACTION' ? 
r_nbd_refined                0.202  0.200  ? 669  'X-RAY DIFFRACTION' ? 
r_nbd_other                  ?      ?      ? ?    'X-RAY DIFFRACTION' ? 
r_nbtor_refined              0.306  0.200  ? 1006 'X-RAY DIFFRACTION' ? 
r_nbtor_other                ?      ?      ? ?    'X-RAY DIFFRACTION' ? 
r_xyhbond_nbd_refined        0.145  0.200  ? 95   'X-RAY DIFFRACTION' ? 
r_xyhbond_nbd_other          ?      ?      ? ?    'X-RAY DIFFRACTION' ? 
r_metal_ion_refined          ?      ?      ? ?    'X-RAY DIFFRACTION' ? 
r_metal_ion_other            ?      ?      ? ?    'X-RAY DIFFRACTION' ? 
r_symmetry_vdw_refined       0.219  0.200  ? 23   'X-RAY DIFFRACTION' ? 
r_symmetry_vdw_other         ?      ?      ? ?    'X-RAY DIFFRACTION' ? 
r_symmetry_hbond_refined     0.123  0.200  ? 7    'X-RAY DIFFRACTION' ? 
r_symmetry_hbond_other       ?      ?      ? ?    'X-RAY DIFFRACTION' ? 
r_symmetry_metal_ion_refined ?      ?      ? ?    'X-RAY DIFFRACTION' ? 
r_symmetry_metal_ion_other   ?      ?      ? ?    'X-RAY DIFFRACTION' ? 
r_mcbond_it                  0.731  1.500  ? 994  'X-RAY DIFFRACTION' ? 
r_mcbond_other               ?      ?      ? ?    'X-RAY DIFFRACTION' ? 
r_mcangle_it                 1.340  2.000  ? 1548 'X-RAY DIFFRACTION' ? 
r_scbond_it                  2.123  3.000  ? 574  'X-RAY DIFFRACTION' ? 
r_scangle_it                 3.457  4.500  ? 489  'X-RAY DIFFRACTION' ? 
r_rigid_bond_restr           ?      ?      ? ?    'X-RAY DIFFRACTION' ? 
r_sphericity_free            ?      ?      ? ?    'X-RAY DIFFRACTION' ? 
r_sphericity_bonded          ?      ?      ? ?    'X-RAY DIFFRACTION' ? 
# 
_refine_ls_shell.pdbx_total_number_of_bins_used   20 
_refine_ls_shell.d_res_high                       2.300 
_refine_ls_shell.d_res_low                        2.360 
_refine_ls_shell.number_reflns_R_work             928 
_refine_ls_shell.R_factor_R_work                  0.266 
_refine_ls_shell.percent_reflns_obs               100.00 
_refine_ls_shell.R_factor_R_free                  0.361 
_refine_ls_shell.R_factor_R_free_error            ? 
_refine_ls_shell.percent_reflns_R_free            ? 
_refine_ls_shell.number_reflns_R_free             41 
_refine_ls_shell.number_reflns_all                ? 
_refine_ls_shell.R_factor_all                     ? 
_refine_ls_shell.number_reflns_obs                ? 
_refine_ls_shell.redundancy_reflns_obs            ? 
_refine_ls_shell.pdbx_refine_id                   'X-RAY DIFFRACTION' 
# 
_struct.entry_id                  3ESB 
_struct.title                     'cut-1c; NCN-Pt-Pincer-Cutinase Hybrid' 
_struct.pdbx_model_details        ? 
_struct.pdbx_CASP_flag            N 
_struct.pdbx_model_type_details   ? 
# 
_struct_keywords.entry_id        3ESB 
_struct_keywords.pdbx_keywords   HYDROLASE 
_struct_keywords.text            'protein-metallopincer complex, Glycoprotein, Hydrolase, Secreted, Serine esterase' 
# 
loop_
_struct_asym.id 
_struct_asym.pdbx_blank_PDB_chainid_flag 
_struct_asym.pdbx_modified 
_struct_asym.entity_id 
_struct_asym.details 
A N N 1 ? 
B N N 2 ? 
C N N 3 ? 
D N N 4 ? 
# 
_struct_ref.id                         1 
_struct_ref.db_name                    UNP 
_struct_ref.db_code                    CUTI1_FUSSO 
_struct_ref.pdbx_db_accession          P00590 
_struct_ref.entity_id                  1 
_struct_ref.pdbx_seq_one_letter_code   
;LPTSNPAQELEARQLGRTTRDDLINGNSASCRDVIFIYARGSTETGNLGTLGPSIASNLESAFGKDGVWIQGVGGAYRAT
LGDNALPRGTSSAAIREMLGLFQQANTKCPDATLIAGGYSQGAALAAASIEDLDSAIRDKIAGTVLFGYTKNLQNRGRIP
NYPADRTKVFCNTGDLVCTGSLIVAAPHLAYGPDARGPAPEFLIEKVRAVRGSA
;
_struct_ref.pdbx_align_begin           17 
_struct_ref.pdbx_db_isoform            ? 
# 
_struct_ref_seq.align_id                      1 
_struct_ref_seq.ref_id                        1 
_struct_ref_seq.pdbx_PDB_id_code              3ESB 
_struct_ref_seq.pdbx_strand_id                A 
_struct_ref_seq.seq_align_beg                 1 
_struct_ref_seq.pdbx_seq_align_beg_ins_code   ? 
_struct_ref_seq.seq_align_end                 214 
_struct_ref_seq.pdbx_seq_align_end_ins_code   ? 
_struct_ref_seq.pdbx_db_accession             P00590 
_struct_ref_seq.db_align_beg                  17 
_struct_ref_seq.pdbx_db_align_beg_ins_code    ? 
_struct_ref_seq.db_align_end                  230 
_struct_ref_seq.pdbx_db_align_end_ins_code    ? 
_struct_ref_seq.pdbx_auth_seq_align_beg       1 
_struct_ref_seq.pdbx_auth_seq_align_end       214 
# 
loop_
_struct_ref_seq_dif.align_id 
_struct_ref_seq_dif.pdbx_pdb_id_code 
_struct_ref_seq_dif.mon_id 
_struct_ref_seq_dif.pdbx_pdb_strand_id 
_struct_ref_seq_dif.seq_num 
_struct_ref_seq_dif.pdbx_pdb_ins_code 
_struct_ref_seq_dif.pdbx_seq_db_name 
_struct_ref_seq_dif.pdbx_seq_db_accession_code 
_struct_ref_seq_dif.db_mon_id 
_struct_ref_seq_dif.pdbx_seq_db_seq_num 
_struct_ref_seq_dif.details 
_struct_ref_seq_dif.pdbx_auth_seq_num 
_struct_ref_seq_dif.pdbx_ordinal 
1 3ESB ALA A 32  ? UNP P00590 ARG 48  'SEE REMARK 999'      32  1 
1 3ESB LYS A 172 ? UNP P00590 ASN 188 'engineered mutation' 172 2 
# 
_pdbx_struct_assembly.id                   1 
_pdbx_struct_assembly.details              author_and_software_defined_assembly 
_pdbx_struct_assembly.method_details       PISA 
_pdbx_struct_assembly.oligomeric_details   dimeric 
_pdbx_struct_assembly.oligomeric_count     2 
# 
loop_
_pdbx_struct_assembly_prop.biol_id 
_pdbx_struct_assembly_prop.type 
_pdbx_struct_assembly_prop.value 
_pdbx_struct_assembly_prop.details 
1 'ABSA (A^2)' 1010  ? 
1 MORE         -22   ? 
1 'SSA (A^2)'  16280 ? 
# 
_pdbx_struct_assembly_gen.assembly_id       1 
_pdbx_struct_assembly_gen.oper_expression   1,2 
_pdbx_struct_assembly_gen.asym_id_list      A,B,C,D 
# 
loop_
_pdbx_struct_oper_list.id 
_pdbx_struct_oper_list.type 
_pdbx_struct_oper_list.name 
_pdbx_struct_oper_list.symmetry_operation 
_pdbx_struct_oper_list.matrix[1][1] 
_pdbx_struct_oper_list.matrix[1][2] 
_pdbx_struct_oper_list.matrix[1][3] 
_pdbx_struct_oper_list.vector[1] 
_pdbx_struct_oper_list.matrix[2][1] 
_pdbx_struct_oper_list.matrix[2][2] 
_pdbx_struct_oper_list.matrix[2][3] 
_pdbx_struct_oper_list.vector[2] 
_pdbx_struct_oper_list.matrix[3][1] 
_pdbx_struct_oper_list.matrix[3][2] 
_pdbx_struct_oper_list.matrix[3][3] 
_pdbx_struct_oper_list.vector[3] 
1 'identity operation'         1_555 x,y,z         1.0000000000  0.0000000000  0.0000000000 0.0000000000   0.0000000000  1.0000000000 0.0000000000  0.0000000000   0.0000000000 0.0000000000  1.0000000000  0.0000000000   
2 'crystal symmetry operation' 5_555 x-y,-y,-z+2/3 -0.9677275784 -0.2328202669 0.0964264350 -28.9768596168 -0.2328202669 0.6796160298 -0.6956412692 -15.9797883379 0.0964264350 -0.6956412692 -0.7118884514 -28.8848711909 
# 
_struct_biol.id        1 
_struct_biol.details   ? 
# 
loop_
_struct_conf.conf_type_id 
_struct_conf.id 
_struct_conf.pdbx_PDB_helix_id 
_struct_conf.beg_label_comp_id 
_struct_conf.beg_label_asym_id 
_struct_conf.beg_label_seq_id 
_struct_conf.pdbx_beg_PDB_ins_code 
_struct_conf.end_label_comp_id 
_struct_conf.end_label_asym_id 
_struct_conf.end_label_seq_id 
_struct_conf.pdbx_end_PDB_ins_code 
_struct_conf.beg_auth_comp_id 
_struct_conf.beg_auth_asym_id 
_struct_conf.beg_auth_seq_id 
_struct_conf.end_auth_comp_id 
_struct_conf.end_auth_asym_id 
_struct_conf.end_auth_seq_id 
_struct_conf.pdbx_PDB_helix_class 
_struct_conf.details 
_struct_conf.pdbx_PDB_helix_length 
HELX_P HELX_P1  1  LEU A 51  ? GLY A 64  ? LEU A 51  GLY A 64  1 ? 14 
HELX_P HELX_P2  2  THR A 80  ? LEU A 86  ? THR A 80  LEU A 86  5 ? 7  
HELX_P HELX_P3  3  SER A 91  ? CYS A 109 ? SER A 91  CYS A 109 1 ? 19 
HELX_P HELX_P4  4  SER A 120 ? LEU A 133 ? SER A 120 LEU A 133 1 ? 14 
HELX_P HELX_P5  5  ASP A 134 ? ASP A 139 ? ASP A 134 ASP A 139 1 ? 6  
HELX_P HELX_P6  6  PRO A 163 ? ASP A 165 ? PRO A 163 ASP A 165 5 ? 3  
HELX_P HELX_P7  7  ASP A 175 ? GLY A 180 ? ASP A 175 GLY A 180 5 ? 6  
HELX_P HELX_P8  8  ALA A 185 ? ALA A 190 ? ALA A 185 ALA A 190 5 ? 6  
HELX_P HELX_P9  9  TYR A 191 ? GLY A 197 ? TYR A 191 GLY A 197 1 ? 7  
HELX_P HELX_P10 10 GLY A 197 ? ALA A 209 ? GLY A 197 ALA A 209 1 ? 13 
# 
_struct_conf_type.id          HELX_P 
_struct_conf_type.criteria    ? 
_struct_conf_type.reference   ? 
# 
loop_
_struct_conn.id 
_struct_conn.conn_type_id 
_struct_conn.pdbx_leaving_atom_flag 
_struct_conn.pdbx_PDB_id 
_struct_conn.ptnr1_label_asym_id 
_struct_conn.ptnr1_label_comp_id 
_struct_conn.ptnr1_label_seq_id 
_struct_conn.ptnr1_label_atom_id 
_struct_conn.pdbx_ptnr1_label_alt_id 
_struct_conn.pdbx_ptnr1_PDB_ins_code 
_struct_conn.pdbx_ptnr1_standard_comp_id 
_struct_conn.ptnr1_symmetry 
_struct_conn.ptnr2_label_asym_id 
_struct_conn.ptnr2_label_comp_id 
_struct_conn.ptnr2_label_seq_id 
_struct_conn.ptnr2_label_atom_id 
_struct_conn.pdbx_ptnr2_label_alt_id 
_struct_conn.pdbx_ptnr2_PDB_ins_code 
_struct_conn.ptnr1_auth_asym_id 
_struct_conn.ptnr1_auth_comp_id 
_struct_conn.ptnr1_auth_seq_id 
_struct_conn.ptnr2_auth_asym_id 
_struct_conn.ptnr2_auth_comp_id 
_struct_conn.ptnr2_auth_seq_id 
_struct_conn.ptnr2_symmetry 
_struct_conn.pdbx_ptnr3_label_atom_id 
_struct_conn.pdbx_ptnr3_label_seq_id 
_struct_conn.pdbx_ptnr3_label_comp_id 
_struct_conn.pdbx_ptnr3_label_asym_id 
_struct_conn.pdbx_ptnr3_label_alt_id 
_struct_conn.pdbx_ptnr3_PDB_ins_code 
_struct_conn.details 
_struct_conn.pdbx_dist_value 
_struct_conn.pdbx_value_order 
_struct_conn.pdbx_role 
disulf1 disulf ?    ? A CYS 31  SG ? ? ? 1_555 A CYS 109 SG ? ? A CYS 31  A CYS 109 1_555 ? ? ? ? ? ? ? 2.061 ? ? 
disulf2 disulf ?    ? A CYS 171 SG ? ? ? 1_555 A CYS 178 SG ? ? A CYS 171 A CYS 178 1_555 ? ? ? ? ? ? ? 2.059 ? ? 
covale1 covale none ? A SER 120 OG ? ? ? 1_555 C NXC .   P  ? ? A SER 120 A NXC 216 1_555 ? ? ? ? ? ? ? 1.542 ? ? 
# 
loop_
_struct_conn_type.id 
_struct_conn_type.criteria 
_struct_conn_type.reference 
disulf ? ? 
covale ? ? 
# 
loop_
_pdbx_modification_feature.ordinal 
_pdbx_modification_feature.label_comp_id 
_pdbx_modification_feature.label_asym_id 
_pdbx_modification_feature.label_seq_id 
_pdbx_modification_feature.label_alt_id 
_pdbx_modification_feature.modified_residue_label_comp_id 
_pdbx_modification_feature.modified_residue_label_asym_id 
_pdbx_modification_feature.modified_residue_label_seq_id 
_pdbx_modification_feature.modified_residue_label_alt_id 
_pdbx_modification_feature.auth_comp_id 
_pdbx_modification_feature.auth_asym_id 
_pdbx_modification_feature.auth_seq_id 
_pdbx_modification_feature.PDB_ins_code 
_pdbx_modification_feature.symmetry 
_pdbx_modification_feature.modified_residue_auth_comp_id 
_pdbx_modification_feature.modified_residue_auth_asym_id 
_pdbx_modification_feature.modified_residue_auth_seq_id 
_pdbx_modification_feature.modified_residue_PDB_ins_code 
_pdbx_modification_feature.modified_residue_symmetry 
_pdbx_modification_feature.comp_id_linking_atom 
_pdbx_modification_feature.modified_residue_id_linking_atom 
_pdbx_modification_feature.modified_residue_id 
_pdbx_modification_feature.ref_pcm_id 
_pdbx_modification_feature.ref_comp_id 
_pdbx_modification_feature.type 
_pdbx_modification_feature.category 
1 NXC C .   ? SER A 120 ? NXC A 216 ? 1_555 SER A 120 ? 1_555 P  OG SER 1 NXC None 'Covalent chemical modification' 
2 CYS A 31  ? CYS A 109 ? CYS A 31  ? 1_555 CYS A 109 ? 1_555 SG SG .   . .   None 'Disulfide bridge'               
3 CYS A 171 ? CYS A 178 ? CYS A 171 ? 1_555 CYS A 178 ? 1_555 SG SG .   . .   None 'Disulfide bridge'               
# 
_struct_sheet.id               A 
_struct_sheet.type             ? 
_struct_sheet.number_strands   5 
_struct_sheet.details          ? 
# 
loop_
_struct_sheet_order.sheet_id 
_struct_sheet_order.range_id_1 
_struct_sheet_order.range_id_2 
_struct_sheet_order.offset 
_struct_sheet_order.sense 
A 1 2 ? parallel 
A 2 3 ? parallel 
A 3 4 ? parallel 
A 4 5 ? parallel 
# 
loop_
_struct_sheet_range.sheet_id 
_struct_sheet_range.id 
_struct_sheet_range.beg_label_comp_id 
_struct_sheet_range.beg_label_asym_id 
_struct_sheet_range.beg_label_seq_id 
_struct_sheet_range.pdbx_beg_PDB_ins_code 
_struct_sheet_range.end_label_comp_id 
_struct_sheet_range.end_label_asym_id 
_struct_sheet_range.end_label_seq_id 
_struct_sheet_range.pdbx_end_PDB_ins_code 
_struct_sheet_range.beg_auth_comp_id 
_struct_sheet_range.beg_auth_asym_id 
_struct_sheet_range.beg_auth_seq_id 
_struct_sheet_range.end_auth_comp_id 
_struct_sheet_range.end_auth_asym_id 
_struct_sheet_range.end_auth_seq_id 
A 1 VAL A 68  ? GLY A 72  ? VAL A 68  GLY A 72  
A 2 VAL A 34  ? ALA A 39  ? VAL A 34  ALA A 39  
A 3 THR A 113 ? TYR A 119 ? THR A 113 TYR A 119 
A 4 ILE A 141 ? PHE A 147 ? ILE A 141 PHE A 147 
A 5 THR A 167 ? PHE A 170 ? THR A 167 PHE A 170 
# 
loop_
_pdbx_struct_sheet_hbond.sheet_id 
_pdbx_struct_sheet_hbond.range_id_1 
_pdbx_struct_sheet_hbond.range_id_2 
_pdbx_struct_sheet_hbond.range_1_label_atom_id 
_pdbx_struct_sheet_hbond.range_1_label_comp_id 
_pdbx_struct_sheet_hbond.range_1_label_asym_id 
_pdbx_struct_sheet_hbond.range_1_label_seq_id 
_pdbx_struct_sheet_hbond.range_1_PDB_ins_code 
_pdbx_struct_sheet_hbond.range_1_auth_atom_id 
_pdbx_struct_sheet_hbond.range_1_auth_comp_id 
_pdbx_struct_sheet_hbond.range_1_auth_asym_id 
_pdbx_struct_sheet_hbond.range_1_auth_seq_id 
_pdbx_struct_sheet_hbond.range_2_label_atom_id 
_pdbx_struct_sheet_hbond.range_2_label_comp_id 
_pdbx_struct_sheet_hbond.range_2_label_asym_id 
_pdbx_struct_sheet_hbond.range_2_label_seq_id 
_pdbx_struct_sheet_hbond.range_2_PDB_ins_code 
_pdbx_struct_sheet_hbond.range_2_auth_atom_id 
_pdbx_struct_sheet_hbond.range_2_auth_comp_id 
_pdbx_struct_sheet_hbond.range_2_auth_asym_id 
_pdbx_struct_sheet_hbond.range_2_auth_seq_id 
A 1 2 O GLN A 71  ? O GLN A 71  N PHE A 36  ? N PHE A 36  
A 2 3 N ILE A 35  ? N ILE A 35  O THR A 113 ? O THR A 113 
A 3 4 N LEU A 114 ? N LEU A 114 O ALA A 142 ? O ALA A 142 
A 4 5 N LEU A 146 ? N LEU A 146 O PHE A 170 ? O PHE A 170 
# 
loop_
_struct_site.id 
_struct_site.pdbx_evidence_code 
_struct_site.pdbx_auth_asym_id 
_struct_site.pdbx_auth_comp_id 
_struct_site.pdbx_auth_seq_id 
_struct_site.pdbx_auth_ins_code 
_struct_site.pdbx_num_residues 
_struct_site.details 
AC1 Software A CL  215 ? 1 'BINDING SITE FOR RESIDUE CL A 215'  
AC2 Software A NXC 216 ? 9 'BINDING SITE FOR RESIDUE NXC A 216' 
# 
loop_
_struct_site_gen.id 
_struct_site_gen.site_id 
_struct_site_gen.pdbx_num_res 
_struct_site_gen.label_comp_id 
_struct_site_gen.label_asym_id 
_struct_site_gen.label_seq_id 
_struct_site_gen.pdbx_auth_ins_code 
_struct_site_gen.auth_comp_id 
_struct_site_gen.auth_asym_id 
_struct_site_gen.auth_seq_id 
_struct_site_gen.label_atom_id 
_struct_site_gen.label_alt_id 
_struct_site_gen.symmetry 
_struct_site_gen.details 
1  AC1 1 NXC C .   ? NXC A 216 . ? 1_555 ? 
2  AC2 9 GLY A 41  ? GLY A 41  . ? 1_555 ? 
3  AC2 9 SER A 42  ? SER A 42  . ? 1_555 ? 
4  AC2 9 ASN A 84  ? ASN A 84  . ? 1_555 ? 
5  AC2 9 SER A 120 ? SER A 120 . ? 1_555 ? 
6  AC2 9 GLN A 121 ? GLN A 121 . ? 1_555 ? 
7  AC2 9 LEU A 182 ? LEU A 182 . ? 1_555 ? 
8  AC2 9 VAL A 184 ? VAL A 184 . ? 1_555 ? 
9  AC2 9 HIS A 188 ? HIS A 188 . ? 1_555 ? 
10 AC2 9 CL  B .   ? CL  A 215 . ? 1_555 ? 
# 
_pdbx_entry_details.sequence_details           'SEE REFERENCE 2 IN UNIPROT DATABASE P00590' 
_pdbx_entry_details.entry_id                   3ESB 
_pdbx_entry_details.compound_details           ? 
_pdbx_entry_details.source_details             ? 
_pdbx_entry_details.nonpolymer_details         ? 
_pdbx_entry_details.has_ligand_of_interest     ? 
_pdbx_entry_details.has_protein_modification   Y 
# 
loop_
_pdbx_validate_torsion.id 
_pdbx_validate_torsion.PDB_model_num 
_pdbx_validate_torsion.auth_comp_id 
_pdbx_validate_torsion.auth_asym_id 
_pdbx_validate_torsion.auth_seq_id 
_pdbx_validate_torsion.PDB_ins_code 
_pdbx_validate_torsion.label_alt_id 
_pdbx_validate_torsion.phi 
_pdbx_validate_torsion.psi 
1 1 SER A 30  ? ? -117.41 65.48   
2 1 SER A 120 ? ? 66.05   -121.00 
# 
_pdbx_struct_special_symmetry.id              1 
_pdbx_struct_special_symmetry.PDB_model_num   1 
_pdbx_struct_special_symmetry.auth_asym_id    A 
_pdbx_struct_special_symmetry.auth_comp_id    CL 
_pdbx_struct_special_symmetry.auth_seq_id     215 
_pdbx_struct_special_symmetry.PDB_ins_code    ? 
_pdbx_struct_special_symmetry.label_asym_id   B 
_pdbx_struct_special_symmetry.label_comp_id   CL 
_pdbx_struct_special_symmetry.label_seq_id    . 
# 
loop_
_pdbx_unobs_or_zero_occ_residues.id 
_pdbx_unobs_or_zero_occ_residues.PDB_model_num 
_pdbx_unobs_or_zero_occ_residues.polymer_flag 
_pdbx_unobs_or_zero_occ_residues.occupancy_flag 
_pdbx_unobs_or_zero_occ_residues.auth_asym_id 
_pdbx_unobs_or_zero_occ_residues.auth_comp_id 
_pdbx_unobs_or_zero_occ_residues.auth_seq_id 
_pdbx_unobs_or_zero_occ_residues.PDB_ins_code 
_pdbx_unobs_or_zero_occ_residues.label_asym_id 
_pdbx_unobs_or_zero_occ_residues.label_comp_id 
_pdbx_unobs_or_zero_occ_residues.label_seq_id 
1  1 Y 1 A LEU 1  ? A LEU 1  
2  1 Y 1 A PRO 2  ? A PRO 2  
3  1 Y 1 A THR 3  ? A THR 3  
4  1 Y 1 A SER 4  ? A SER 4  
5  1 Y 1 A ASN 5  ? A ASN 5  
6  1 Y 1 A PRO 6  ? A PRO 6  
7  1 Y 1 A ALA 7  ? A ALA 7  
8  1 Y 1 A GLN 8  ? A GLN 8  
9  1 Y 1 A GLU 9  ? A GLU 9  
10 1 Y 1 A LEU 10 ? A LEU 10 
11 1 Y 1 A GLU 11 ? A GLU 11 
12 1 Y 1 A ALA 12 ? A ALA 12 
13 1 Y 1 A ARG 13 ? A ARG 13 
14 1 Y 1 A GLN 14 ? A GLN 14 
15 1 Y 1 A LEU 15 ? A LEU 15 
# 
loop_
_chem_comp_atom.comp_id 
_chem_comp_atom.atom_id 
_chem_comp_atom.type_symbol 
_chem_comp_atom.pdbx_aromatic_flag 
_chem_comp_atom.pdbx_stereo_config 
_chem_comp_atom.pdbx_ordinal 
ALA N    N  N N 1   
ALA CA   C  N S 2   
ALA C    C  N N 3   
ALA O    O  N N 4   
ALA CB   C  N N 5   
ALA OXT  O  N N 6   
ALA H    H  N N 7   
ALA H2   H  N N 8   
ALA HA   H  N N 9   
ALA HB1  H  N N 10  
ALA HB2  H  N N 11  
ALA HB3  H  N N 12  
ALA HXT  H  N N 13  
ARG N    N  N N 14  
ARG CA   C  N S 15  
ARG C    C  N N 16  
ARG O    O  N N 17  
ARG CB   C  N N 18  
ARG CG   C  N N 19  
ARG CD   C  N N 20  
ARG NE   N  N N 21  
ARG CZ   C  N N 22  
ARG NH1  N  N N 23  
ARG NH2  N  N N 24  
ARG OXT  O  N N 25  
ARG H    H  N N 26  
ARG H2   H  N N 27  
ARG HA   H  N N 28  
ARG HB2  H  N N 29  
ARG HB3  H  N N 30  
ARG HG2  H  N N 31  
ARG HG3  H  N N 32  
ARG HD2  H  N N 33  
ARG HD3  H  N N 34  
ARG HE   H  N N 35  
ARG HH11 H  N N 36  
ARG HH12 H  N N 37  
ARG HH21 H  N N 38  
ARG HH22 H  N N 39  
ARG HXT  H  N N 40  
ASN N    N  N N 41  
ASN CA   C  N S 42  
ASN C    C  N N 43  
ASN O    O  N N 44  
ASN CB   C  N N 45  
ASN CG   C  N N 46  
ASN OD1  O  N N 47  
ASN ND2  N  N N 48  
ASN OXT  O  N N 49  
ASN H    H  N N 50  
ASN H2   H  N N 51  
ASN HA   H  N N 52  
ASN HB2  H  N N 53  
ASN HB3  H  N N 54  
ASN HD21 H  N N 55  
ASN HD22 H  N N 56  
ASN HXT  H  N N 57  
ASP N    N  N N 58  
ASP CA   C  N S 59  
ASP C    C  N N 60  
ASP O    O  N N 61  
ASP CB   C  N N 62  
ASP CG   C  N N 63  
ASP OD1  O  N N 64  
ASP OD2  O  N N 65  
ASP OXT  O  N N 66  
ASP H    H  N N 67  
ASP H2   H  N N 68  
ASP HA   H  N N 69  
ASP HB2  H  N N 70  
ASP HB3  H  N N 71  
ASP HD2  H  N N 72  
ASP HXT  H  N N 73  
CL  CL   CL N N 74  
CYS N    N  N N 75  
CYS CA   C  N R 76  
CYS C    C  N N 77  
CYS O    O  N N 78  
CYS CB   C  N N 79  
CYS SG   S  N N 80  
CYS OXT  O  N N 81  
CYS H    H  N N 82  
CYS H2   H  N N 83  
CYS HA   H  N N 84  
CYS HB2  H  N N 85  
CYS HB3  H  N N 86  
CYS HG   H  N N 87  
CYS HXT  H  N N 88  
GLN N    N  N N 89  
GLN CA   C  N S 90  
GLN C    C  N N 91  
GLN O    O  N N 92  
GLN CB   C  N N 93  
GLN CG   C  N N 94  
GLN CD   C  N N 95  
GLN OE1  O  N N 96  
GLN NE2  N  N N 97  
GLN OXT  O  N N 98  
GLN H    H  N N 99  
GLN H2   H  N N 100 
GLN HA   H  N N 101 
GLN HB2  H  N N 102 
GLN HB3  H  N N 103 
GLN HG2  H  N N 104 
GLN HG3  H  N N 105 
GLN HE21 H  N N 106 
GLN HE22 H  N N 107 
GLN HXT  H  N N 108 
GLU N    N  N N 109 
GLU CA   C  N S 110 
GLU C    C  N N 111 
GLU O    O  N N 112 
GLU CB   C  N N 113 
GLU CG   C  N N 114 
GLU CD   C  N N 115 
GLU OE1  O  N N 116 
GLU OE2  O  N N 117 
GLU OXT  O  N N 118 
GLU H    H  N N 119 
GLU H2   H  N N 120 
GLU HA   H  N N 121 
GLU HB2  H  N N 122 
GLU HB3  H  N N 123 
GLU HG2  H  N N 124 
GLU HG3  H  N N 125 
GLU HE2  H  N N 126 
GLU HXT  H  N N 127 
GLY N    N  N N 128 
GLY CA   C  N N 129 
GLY C    C  N N 130 
GLY O    O  N N 131 
GLY OXT  O  N N 132 
GLY H    H  N N 133 
GLY H2   H  N N 134 
GLY HA2  H  N N 135 
GLY HA3  H  N N 136 
GLY HXT  H  N N 137 
HIS N    N  N N 138 
HIS CA   C  N S 139 
HIS C    C  N N 140 
HIS O    O  N N 141 
HIS CB   C  N N 142 
HIS CG   C  Y N 143 
HIS ND1  N  Y N 144 
HIS CD2  C  Y N 145 
HIS CE1  C  Y N 146 
HIS NE2  N  Y N 147 
HIS OXT  O  N N 148 
HIS H    H  N N 149 
HIS H2   H  N N 150 
HIS HA   H  N N 151 
HIS HB2  H  N N 152 
HIS HB3  H  N N 153 
HIS HD1  H  N N 154 
HIS HD2  H  N N 155 
HIS HE1  H  N N 156 
HIS HE2  H  N N 157 
HIS HXT  H  N N 158 
HOH O    O  N N 159 
HOH H1   H  N N 160 
HOH H2   H  N N 161 
ILE N    N  N N 162 
ILE CA   C  N S 163 
ILE C    C  N N 164 
ILE O    O  N N 165 
ILE CB   C  N S 166 
ILE CG1  C  N N 167 
ILE CG2  C  N N 168 
ILE CD1  C  N N 169 
ILE OXT  O  N N 170 
ILE H    H  N N 171 
ILE H2   H  N N 172 
ILE HA   H  N N 173 
ILE HB   H  N N 174 
ILE HG12 H  N N 175 
ILE HG13 H  N N 176 
ILE HG21 H  N N 177 
ILE HG22 H  N N 178 
ILE HG23 H  N N 179 
ILE HD11 H  N N 180 
ILE HD12 H  N N 181 
ILE HD13 H  N N 182 
ILE HXT  H  N N 183 
LEU N    N  N N 184 
LEU CA   C  N S 185 
LEU C    C  N N 186 
LEU O    O  N N 187 
LEU CB   C  N N 188 
LEU CG   C  N N 189 
LEU CD1  C  N N 190 
LEU CD2  C  N N 191 
LEU OXT  O  N N 192 
LEU H    H  N N 193 
LEU H2   H  N N 194 
LEU HA   H  N N 195 
LEU HB2  H  N N 196 
LEU HB3  H  N N 197 
LEU HG   H  N N 198 
LEU HD11 H  N N 199 
LEU HD12 H  N N 200 
LEU HD13 H  N N 201 
LEU HD21 H  N N 202 
LEU HD22 H  N N 203 
LEU HD23 H  N N 204 
LEU HXT  H  N N 205 
LYS N    N  N N 206 
LYS CA   C  N S 207 
LYS C    C  N N 208 
LYS O    O  N N 209 
LYS CB   C  N N 210 
LYS CG   C  N N 211 
LYS CD   C  N N 212 
LYS CE   C  N N 213 
LYS NZ   N  N N 214 
LYS OXT  O  N N 215 
LYS H    H  N N 216 
LYS H2   H  N N 217 
LYS HA   H  N N 218 
LYS HB2  H  N N 219 
LYS HB3  H  N N 220 
LYS HG2  H  N N 221 
LYS HG3  H  N N 222 
LYS HD2  H  N N 223 
LYS HD3  H  N N 224 
LYS HE2  H  N N 225 
LYS HE3  H  N N 226 
LYS HZ1  H  N N 227 
LYS HZ2  H  N N 228 
LYS HZ3  H  N N 229 
LYS HXT  H  N N 230 
MET N    N  N N 231 
MET CA   C  N S 232 
MET C    C  N N 233 
MET O    O  N N 234 
MET CB   C  N N 235 
MET CG   C  N N 236 
MET SD   S  N N 237 
MET CE   C  N N 238 
MET OXT  O  N N 239 
MET H    H  N N 240 
MET H2   H  N N 241 
MET HA   H  N N 242 
MET HB2  H  N N 243 
MET HB3  H  N N 244 
MET HG2  H  N N 245 
MET HG3  H  N N 246 
MET HE1  H  N N 247 
MET HE2  H  N N 248 
MET HE3  H  N N 249 
MET HXT  H  N N 250 
NXC CL   CL N N 251 
NXC PT   PT N N 252 
NXC C1   C  Y N 253 
NXC C6   C  Y N 254 
NXC C10  C  N N 255 
NXC N2   N  N N 256 
NXC C12  C  N N 257 
NXC C11  C  N N 258 
NXC C5   C  Y N 259 
NXC C4   C  Y N 260 
NXC C3   C  Y N 261 
NXC C2   C  Y N 262 
NXC C7   C  N N 263 
NXC N1   N  N N 264 
NXC C9   C  N N 265 
NXC C8   C  N N 266 
NXC C13  C  N N 267 
NXC C14  C  N N 268 
NXC C15  C  N N 269 
NXC P    P  N S 270 
NXC O2   O  N N 271 
NXC O1   O  N N 272 
NXC C16  C  N N 273 
NXC C17  C  N N 274 
NXC H10  H  N N 275 
NXC H10A H  N N 276 
NXC H12  H  N N 277 
NXC H12A H  N N 278 
NXC H12B H  N N 279 
NXC H11  H  N N 280 
NXC H11A H  N N 281 
NXC H11B H  N N 282 
NXC H5   H  N N 283 
NXC H3   H  N N 284 
NXC H7   H  N N 285 
NXC H7A  H  N N 286 
NXC H9   H  N N 287 
NXC H9A  H  N N 288 
NXC H9B  H  N N 289 
NXC H8   H  N N 290 
NXC H8A  H  N N 291 
NXC H8B  H  N N 292 
NXC H13  H  N N 293 
NXC H13A H  N N 294 
NXC H14  H  N N 295 
NXC H14A H  N N 296 
NXC H15  H  N N 297 
NXC H15A H  N N 298 
NXC H16  H  N N 299 
NXC H16A H  N N 300 
NXC H17  H  N N 301 
NXC H17A H  N N 302 
NXC H17B H  N N 303 
NXC O3   O  N N 304 
NXC C18  C  Y N 305 
NXC C19  C  Y N 306 
NXC C20  C  Y N 307 
NXC C21  C  Y N 308 
NXC C22  C  Y N 309 
NXC C23  C  Y N 310 
NXC N3   N  N N 311 
NXC O4   O  N N 312 
NXC O5   O  N N 313 
NXC H30  H  N N 314 
NXC H31  H  N N 315 
NXC H32  H  N N 316 
NXC H33  H  N N 317 
PHE N    N  N N 318 
PHE CA   C  N S 319 
PHE C    C  N N 320 
PHE O    O  N N 321 
PHE CB   C  N N 322 
PHE CG   C  Y N 323 
PHE CD1  C  Y N 324 
PHE CD2  C  Y N 325 
PHE CE1  C  Y N 326 
PHE CE2  C  Y N 327 
PHE CZ   C  Y N 328 
PHE OXT  O  N N 329 
PHE H    H  N N 330 
PHE H2   H  N N 331 
PHE HA   H  N N 332 
PHE HB2  H  N N 333 
PHE HB3  H  N N 334 
PHE HD1  H  N N 335 
PHE HD2  H  N N 336 
PHE HE1  H  N N 337 
PHE HE2  H  N N 338 
PHE HZ   H  N N 339 
PHE HXT  H  N N 340 
PRO N    N  N N 341 
PRO CA   C  N S 342 
PRO C    C  N N 343 
PRO O    O  N N 344 
PRO CB   C  N N 345 
PRO CG   C  N N 346 
PRO CD   C  N N 347 
PRO OXT  O  N N 348 
PRO H    H  N N 349 
PRO HA   H  N N 350 
PRO HB2  H  N N 351 
PRO HB3  H  N N 352 
PRO HG2  H  N N 353 
PRO HG3  H  N N 354 
PRO HD2  H  N N 355 
PRO HD3  H  N N 356 
PRO HXT  H  N N 357 
SER N    N  N N 358 
SER CA   C  N S 359 
SER C    C  N N 360 
SER O    O  N N 361 
SER CB   C  N N 362 
SER OG   O  N N 363 
SER OXT  O  N N 364 
SER H    H  N N 365 
SER H2   H  N N 366 
SER HA   H  N N 367 
SER HB2  H  N N 368 
SER HB3  H  N N 369 
SER HG   H  N N 370 
SER HXT  H  N N 371 
THR N    N  N N 372 
THR CA   C  N S 373 
THR C    C  N N 374 
THR O    O  N N 375 
THR CB   C  N R 376 
THR OG1  O  N N 377 
THR CG2  C  N N 378 
THR OXT  O  N N 379 
THR H    H  N N 380 
THR H2   H  N N 381 
THR HA   H  N N 382 
THR HB   H  N N 383 
THR HG1  H  N N 384 
THR HG21 H  N N 385 
THR HG22 H  N N 386 
THR HG23 H  N N 387 
THR HXT  H  N N 388 
TRP N    N  N N 389 
TRP CA   C  N S 390 
TRP C    C  N N 391 
TRP O    O  N N 392 
TRP CB   C  N N 393 
TRP CG   C  Y N 394 
TRP CD1  C  Y N 395 
TRP CD2  C  Y N 396 
TRP NE1  N  Y N 397 
TRP CE2  C  Y N 398 
TRP CE3  C  Y N 399 
TRP CZ2  C  Y N 400 
TRP CZ3  C  Y N 401 
TRP CH2  C  Y N 402 
TRP OXT  O  N N 403 
TRP H    H  N N 404 
TRP H2   H  N N 405 
TRP HA   H  N N 406 
TRP HB2  H  N N 407 
TRP HB3  H  N N 408 
TRP HD1  H  N N 409 
TRP HE1  H  N N 410 
TRP HE3  H  N N 411 
TRP HZ2  H  N N 412 
TRP HZ3  H  N N 413 
TRP HH2  H  N N 414 
TRP HXT  H  N N 415 
TYR N    N  N N 416 
TYR CA   C  N S 417 
TYR C    C  N N 418 
TYR O    O  N N 419 
TYR CB   C  N N 420 
TYR CG   C  Y N 421 
TYR CD1  C  Y N 422 
TYR CD2  C  Y N 423 
TYR CE1  C  Y N 424 
TYR CE2  C  Y N 425 
TYR CZ   C  Y N 426 
TYR OH   O  N N 427 
TYR OXT  O  N N 428 
TYR H    H  N N 429 
TYR H2   H  N N 430 
TYR HA   H  N N 431 
TYR HB2  H  N N 432 
TYR HB3  H  N N 433 
TYR HD1  H  N N 434 
TYR HD2  H  N N 435 
TYR HE1  H  N N 436 
TYR HE2  H  N N 437 
TYR HH   H  N N 438 
TYR HXT  H  N N 439 
VAL N    N  N N 440 
VAL CA   C  N S 441 
VAL C    C  N N 442 
VAL O    O  N N 443 
VAL CB   C  N N 444 
VAL CG1  C  N N 445 
VAL CG2  C  N N 446 
VAL OXT  O  N N 447 
VAL H    H  N N 448 
VAL H2   H  N N 449 
VAL HA   H  N N 450 
VAL HB   H  N N 451 
VAL HG11 H  N N 452 
VAL HG12 H  N N 453 
VAL HG13 H  N N 454 
VAL HG21 H  N N 455 
VAL HG22 H  N N 456 
VAL HG23 H  N N 457 
VAL HXT  H  N N 458 
# 
loop_
_chem_comp_bond.comp_id 
_chem_comp_bond.atom_id_1 
_chem_comp_bond.atom_id_2 
_chem_comp_bond.value_order 
_chem_comp_bond.pdbx_aromatic_flag 
_chem_comp_bond.pdbx_stereo_config 
_chem_comp_bond.pdbx_ordinal 
ALA N   CA   sing N N 1   
ALA N   H    sing N N 2   
ALA N   H2   sing N N 3   
ALA CA  C    sing N N 4   
ALA CA  CB   sing N N 5   
ALA CA  HA   sing N N 6   
ALA C   O    doub N N 7   
ALA C   OXT  sing N N 8   
ALA CB  HB1  sing N N 9   
ALA CB  HB2  sing N N 10  
ALA CB  HB3  sing N N 11  
ALA OXT HXT  sing N N 12  
ARG N   CA   sing N N 13  
ARG N   H    sing N N 14  
ARG N   H2   sing N N 15  
ARG CA  C    sing N N 16  
ARG CA  CB   sing N N 17  
ARG CA  HA   sing N N 18  
ARG C   O    doub N N 19  
ARG C   OXT  sing N N 20  
ARG CB  CG   sing N N 21  
ARG CB  HB2  sing N N 22  
ARG CB  HB3  sing N N 23  
ARG CG  CD   sing N N 24  
ARG CG  HG2  sing N N 25  
ARG CG  HG3  sing N N 26  
ARG CD  NE   sing N N 27  
ARG CD  HD2  sing N N 28  
ARG CD  HD3  sing N N 29  
ARG NE  CZ   sing N N 30  
ARG NE  HE   sing N N 31  
ARG CZ  NH1  sing N N 32  
ARG CZ  NH2  doub N N 33  
ARG NH1 HH11 sing N N 34  
ARG NH1 HH12 sing N N 35  
ARG NH2 HH21 sing N N 36  
ARG NH2 HH22 sing N N 37  
ARG OXT HXT  sing N N 38  
ASN N   CA   sing N N 39  
ASN N   H    sing N N 40  
ASN N   H2   sing N N 41  
ASN CA  C    sing N N 42  
ASN CA  CB   sing N N 43  
ASN CA  HA   sing N N 44  
ASN C   O    doub N N 45  
ASN C   OXT  sing N N 46  
ASN CB  CG   sing N N 47  
ASN CB  HB2  sing N N 48  
ASN CB  HB3  sing N N 49  
ASN CG  OD1  doub N N 50  
ASN CG  ND2  sing N N 51  
ASN ND2 HD21 sing N N 52  
ASN ND2 HD22 sing N N 53  
ASN OXT HXT  sing N N 54  
ASP N   CA   sing N N 55  
ASP N   H    sing N N 56  
ASP N   H2   sing N N 57  
ASP CA  C    sing N N 58  
ASP CA  CB   sing N N 59  
ASP CA  HA   sing N N 60  
ASP C   O    doub N N 61  
ASP C   OXT  sing N N 62  
ASP CB  CG   sing N N 63  
ASP CB  HB2  sing N N 64  
ASP CB  HB3  sing N N 65  
ASP CG  OD1  doub N N 66  
ASP CG  OD2  sing N N 67  
ASP OD2 HD2  sing N N 68  
ASP OXT HXT  sing N N 69  
CYS N   CA   sing N N 70  
CYS N   H    sing N N 71  
CYS N   H2   sing N N 72  
CYS CA  C    sing N N 73  
CYS CA  CB   sing N N 74  
CYS CA  HA   sing N N 75  
CYS C   O    doub N N 76  
CYS C   OXT  sing N N 77  
CYS CB  SG   sing N N 78  
CYS CB  HB2  sing N N 79  
CYS CB  HB3  sing N N 80  
CYS SG  HG   sing N N 81  
CYS OXT HXT  sing N N 82  
GLN N   CA   sing N N 83  
GLN N   H    sing N N 84  
GLN N   H2   sing N N 85  
GLN CA  C    sing N N 86  
GLN CA  CB   sing N N 87  
GLN CA  HA   sing N N 88  
GLN C   O    doub N N 89  
GLN C   OXT  sing N N 90  
GLN CB  CG   sing N N 91  
GLN CB  HB2  sing N N 92  
GLN CB  HB3  sing N N 93  
GLN CG  CD   sing N N 94  
GLN CG  HG2  sing N N 95  
GLN CG  HG3  sing N N 96  
GLN CD  OE1  doub N N 97  
GLN CD  NE2  sing N N 98  
GLN NE2 HE21 sing N N 99  
GLN NE2 HE22 sing N N 100 
GLN OXT HXT  sing N N 101 
GLU N   CA   sing N N 102 
GLU N   H    sing N N 103 
GLU N   H2   sing N N 104 
GLU CA  C    sing N N 105 
GLU CA  CB   sing N N 106 
GLU CA  HA   sing N N 107 
GLU C   O    doub N N 108 
GLU C   OXT  sing N N 109 
GLU CB  CG   sing N N 110 
GLU CB  HB2  sing N N 111 
GLU CB  HB3  sing N N 112 
GLU CG  CD   sing N N 113 
GLU CG  HG2  sing N N 114 
GLU CG  HG3  sing N N 115 
GLU CD  OE1  doub N N 116 
GLU CD  OE2  sing N N 117 
GLU OE2 HE2  sing N N 118 
GLU OXT HXT  sing N N 119 
GLY N   CA   sing N N 120 
GLY N   H    sing N N 121 
GLY N   H2   sing N N 122 
GLY CA  C    sing N N 123 
GLY CA  HA2  sing N N 124 
GLY CA  HA3  sing N N 125 
GLY C   O    doub N N 126 
GLY C   OXT  sing N N 127 
GLY OXT HXT  sing N N 128 
HIS N   CA   sing N N 129 
HIS N   H    sing N N 130 
HIS N   H2   sing N N 131 
HIS CA  C    sing N N 132 
HIS CA  CB   sing N N 133 
HIS CA  HA   sing N N 134 
HIS C   O    doub N N 135 
HIS C   OXT  sing N N 136 
HIS CB  CG   sing N N 137 
HIS CB  HB2  sing N N 138 
HIS CB  HB3  sing N N 139 
HIS CG  ND1  sing Y N 140 
HIS CG  CD2  doub Y N 141 
HIS ND1 CE1  doub Y N 142 
HIS ND1 HD1  sing N N 143 
HIS CD2 NE2  sing Y N 144 
HIS CD2 HD2  sing N N 145 
HIS CE1 NE2  sing Y N 146 
HIS CE1 HE1  sing N N 147 
HIS NE2 HE2  sing N N 148 
HIS OXT HXT  sing N N 149 
HOH O   H1   sing N N 150 
HOH O   H2   sing N N 151 
ILE N   CA   sing N N 152 
ILE N   H    sing N N 153 
ILE N   H2   sing N N 154 
ILE CA  C    sing N N 155 
ILE CA  CB   sing N N 156 
ILE CA  HA   sing N N 157 
ILE C   O    doub N N 158 
ILE C   OXT  sing N N 159 
ILE CB  CG1  sing N N 160 
ILE CB  CG2  sing N N 161 
ILE CB  HB   sing N N 162 
ILE CG1 CD1  sing N N 163 
ILE CG1 HG12 sing N N 164 
ILE CG1 HG13 sing N N 165 
ILE CG2 HG21 sing N N 166 
ILE CG2 HG22 sing N N 167 
ILE CG2 HG23 sing N N 168 
ILE CD1 HD11 sing N N 169 
ILE CD1 HD12 sing N N 170 
ILE CD1 HD13 sing N N 171 
ILE OXT HXT  sing N N 172 
LEU N   CA   sing N N 173 
LEU N   H    sing N N 174 
LEU N   H2   sing N N 175 
LEU CA  C    sing N N 176 
LEU CA  CB   sing N N 177 
LEU CA  HA   sing N N 178 
LEU C   O    doub N N 179 
LEU C   OXT  sing N N 180 
LEU CB  CG   sing N N 181 
LEU CB  HB2  sing N N 182 
LEU CB  HB3  sing N N 183 
LEU CG  CD1  sing N N 184 
LEU CG  CD2  sing N N 185 
LEU CG  HG   sing N N 186 
LEU CD1 HD11 sing N N 187 
LEU CD1 HD12 sing N N 188 
LEU CD1 HD13 sing N N 189 
LEU CD2 HD21 sing N N 190 
LEU CD2 HD22 sing N N 191 
LEU CD2 HD23 sing N N 192 
LEU OXT HXT  sing N N 193 
LYS N   CA   sing N N 194 
LYS N   H    sing N N 195 
LYS N   H2   sing N N 196 
LYS CA  C    sing N N 197 
LYS CA  CB   sing N N 198 
LYS CA  HA   sing N N 199 
LYS C   O    doub N N 200 
LYS C   OXT  sing N N 201 
LYS CB  CG   sing N N 202 
LYS CB  HB2  sing N N 203 
LYS CB  HB3  sing N N 204 
LYS CG  CD   sing N N 205 
LYS CG  HG2  sing N N 206 
LYS CG  HG3  sing N N 207 
LYS CD  CE   sing N N 208 
LYS CD  HD2  sing N N 209 
LYS CD  HD3  sing N N 210 
LYS CE  NZ   sing N N 211 
LYS CE  HE2  sing N N 212 
LYS CE  HE3  sing N N 213 
LYS NZ  HZ1  sing N N 214 
LYS NZ  HZ2  sing N N 215 
LYS NZ  HZ3  sing N N 216 
LYS OXT HXT  sing N N 217 
MET N   CA   sing N N 218 
MET N   H    sing N N 219 
MET N   H2   sing N N 220 
MET CA  C    sing N N 221 
MET CA  CB   sing N N 222 
MET CA  HA   sing N N 223 
MET C   O    doub N N 224 
MET C   OXT  sing N N 225 
MET CB  CG   sing N N 226 
MET CB  HB2  sing N N 227 
MET CB  HB3  sing N N 228 
MET CG  SD   sing N N 229 
MET CG  HG2  sing N N 230 
MET CG  HG3  sing N N 231 
MET SD  CE   sing N N 232 
MET CE  HE1  sing N N 233 
MET CE  HE2  sing N N 234 
MET CE  HE3  sing N N 235 
MET OXT HXT  sing N N 236 
NXC PT  N2   sing N N 237 
NXC PT  CL   sing N N 238 
NXC C1  C6   doub Y N 239 
NXC C1  PT   sing N N 240 
NXC C6  C10  sing N N 241 
NXC C10 N2   sing N N 242 
NXC C10 H10  sing N N 243 
NXC C10 H10A sing N N 244 
NXC N2  C12  sing N N 245 
NXC C12 H12  sing N N 246 
NXC C12 H12A sing N N 247 
NXC C12 H12B sing N N 248 
NXC C11 N2   sing N N 249 
NXC C11 H11  sing N N 250 
NXC C11 H11A sing N N 251 
NXC C11 H11B sing N N 252 
NXC C5  C6   sing Y N 253 
NXC C5  H5   sing N N 254 
NXC C4  C5   doub Y N 255 
NXC C3  C4   sing Y N 256 
NXC C3  C2   doub Y N 257 
NXC C3  H3   sing N N 258 
NXC C2  C1   sing Y N 259 
NXC C7  C2   sing N N 260 
NXC C7  N1   sing N N 261 
NXC C7  H7   sing N N 262 
NXC C7  H7A  sing N N 263 
NXC N1  C8   sing N N 264 
NXC N1  PT   sing N N 265 
NXC C9  N1   sing N N 266 
NXC C9  H9   sing N N 267 
NXC C9  H9A  sing N N 268 
NXC C9  H9B  sing N N 269 
NXC C8  H8   sing N N 270 
NXC C8  H8A  sing N N 271 
NXC C8  H8B  sing N N 272 
NXC C13 C4   sing N N 273 
NXC C13 H13  sing N N 274 
NXC C13 H13A sing N N 275 
NXC C14 C13  sing N N 276 
NXC C14 H14  sing N N 277 
NXC C14 H14A sing N N 278 
NXC C15 C14  sing N N 279 
NXC C15 H15  sing N N 280 
NXC C15 H15A sing N N 281 
NXC P   C15  sing N N 282 
NXC P   O1   sing N N 283 
NXC O2  P    doub N N 284 
NXC O1  C16  sing N N 285 
NXC C16 C17  sing N N 286 
NXC C16 H16  sing N N 287 
NXC C16 H16A sing N N 288 
NXC C17 H17  sing N N 289 
NXC C17 H17A sing N N 290 
NXC C17 H17B sing N N 291 
NXC P   O3   sing N N 292 
NXC O3  C18  sing N N 293 
NXC C19 C18  doub Y N 294 
NXC C18 C20  sing Y N 295 
NXC C20 C21  doub Y N 296 
NXC C21 C22  sing N N 297 
NXC C22 C23  doub Y N 298 
NXC C19 C23  sing N N 299 
NXC C22 N3   sing Y N 300 
NXC N3  O4   doub N N 301 
NXC N3  O5   sing Y N 302 
NXC C19 H30  sing N N 303 
NXC C20 H31  sing N N 304 
NXC C21 H32  sing N N 305 
NXC C23 H33  sing N N 306 
PHE N   CA   sing N N 307 
PHE N   H    sing N N 308 
PHE N   H2   sing N N 309 
PHE CA  C    sing N N 310 
PHE CA  CB   sing N N 311 
PHE CA  HA   sing N N 312 
PHE C   O    doub N N 313 
PHE C   OXT  sing N N 314 
PHE CB  CG   sing N N 315 
PHE CB  HB2  sing N N 316 
PHE CB  HB3  sing N N 317 
PHE CG  CD1  doub Y N 318 
PHE CG  CD2  sing Y N 319 
PHE CD1 CE1  sing Y N 320 
PHE CD1 HD1  sing N N 321 
PHE CD2 CE2  doub Y N 322 
PHE CD2 HD2  sing N N 323 
PHE CE1 CZ   doub Y N 324 
PHE CE1 HE1  sing N N 325 
PHE CE2 CZ   sing Y N 326 
PHE CE2 HE2  sing N N 327 
PHE CZ  HZ   sing N N 328 
PHE OXT HXT  sing N N 329 
PRO N   CA   sing N N 330 
PRO N   CD   sing N N 331 
PRO N   H    sing N N 332 
PRO CA  C    sing N N 333 
PRO CA  CB   sing N N 334 
PRO CA  HA   sing N N 335 
PRO C   O    doub N N 336 
PRO C   OXT  sing N N 337 
PRO CB  CG   sing N N 338 
PRO CB  HB2  sing N N 339 
PRO CB  HB3  sing N N 340 
PRO CG  CD   sing N N 341 
PRO CG  HG2  sing N N 342 
PRO CG  HG3  sing N N 343 
PRO CD  HD2  sing N N 344 
PRO CD  HD3  sing N N 345 
PRO OXT HXT  sing N N 346 
SER N   CA   sing N N 347 
SER N   H    sing N N 348 
SER N   H2   sing N N 349 
SER CA  C    sing N N 350 
SER CA  CB   sing N N 351 
SER CA  HA   sing N N 352 
SER C   O    doub N N 353 
SER C   OXT  sing N N 354 
SER CB  OG   sing N N 355 
SER CB  HB2  sing N N 356 
SER CB  HB3  sing N N 357 
SER OG  HG   sing N N 358 
SER OXT HXT  sing N N 359 
THR N   CA   sing N N 360 
THR N   H    sing N N 361 
THR N   H2   sing N N 362 
THR CA  C    sing N N 363 
THR CA  CB   sing N N 364 
THR CA  HA   sing N N 365 
THR C   O    doub N N 366 
THR C   OXT  sing N N 367 
THR CB  OG1  sing N N 368 
THR CB  CG2  sing N N 369 
THR CB  HB   sing N N 370 
THR OG1 HG1  sing N N 371 
THR CG2 HG21 sing N N 372 
THR CG2 HG22 sing N N 373 
THR CG2 HG23 sing N N 374 
THR OXT HXT  sing N N 375 
TRP N   CA   sing N N 376 
TRP N   H    sing N N 377 
TRP N   H2   sing N N 378 
TRP CA  C    sing N N 379 
TRP CA  CB   sing N N 380 
TRP CA  HA   sing N N 381 
TRP C   O    doub N N 382 
TRP C   OXT  sing N N 383 
TRP CB  CG   sing N N 384 
TRP CB  HB2  sing N N 385 
TRP CB  HB3  sing N N 386 
TRP CG  CD1  doub Y N 387 
TRP CG  CD2  sing Y N 388 
TRP CD1 NE1  sing Y N 389 
TRP CD1 HD1  sing N N 390 
TRP CD2 CE2  doub Y N 391 
TRP CD2 CE3  sing Y N 392 
TRP NE1 CE2  sing Y N 393 
TRP NE1 HE1  sing N N 394 
TRP CE2 CZ2  sing Y N 395 
TRP CE3 CZ3  doub Y N 396 
TRP CE3 HE3  sing N N 397 
TRP CZ2 CH2  doub Y N 398 
TRP CZ2 HZ2  sing N N 399 
TRP CZ3 CH2  sing Y N 400 
TRP CZ3 HZ3  sing N N 401 
TRP CH2 HH2  sing N N 402 
TRP OXT HXT  sing N N 403 
TYR N   CA   sing N N 404 
TYR N   H    sing N N 405 
TYR N   H2   sing N N 406 
TYR CA  C    sing N N 407 
TYR CA  CB   sing N N 408 
TYR CA  HA   sing N N 409 
TYR C   O    doub N N 410 
TYR C   OXT  sing N N 411 
TYR CB  CG   sing N N 412 
TYR CB  HB2  sing N N 413 
TYR CB  HB3  sing N N 414 
TYR CG  CD1  doub Y N 415 
TYR CG  CD2  sing Y N 416 
TYR CD1 CE1  sing Y N 417 
TYR CD1 HD1  sing N N 418 
TYR CD2 CE2  doub Y N 419 
TYR CD2 HD2  sing N N 420 
TYR CE1 CZ   doub Y N 421 
TYR CE1 HE1  sing N N 422 
TYR CE2 CZ   sing Y N 423 
TYR CE2 HE2  sing N N 424 
TYR CZ  OH   sing N N 425 
TYR OH  HH   sing N N 426 
TYR OXT HXT  sing N N 427 
VAL N   CA   sing N N 428 
VAL N   H    sing N N 429 
VAL N   H2   sing N N 430 
VAL CA  C    sing N N 431 
VAL CA  CB   sing N N 432 
VAL CA  HA   sing N N 433 
VAL C   O    doub N N 434 
VAL C   OXT  sing N N 435 
VAL CB  CG1  sing N N 436 
VAL CB  CG2  sing N N 437 
VAL CB  HB   sing N N 438 
VAL CG1 HG11 sing N N 439 
VAL CG1 HG12 sing N N 440 
VAL CG1 HG13 sing N N 441 
VAL CG2 HG21 sing N N 442 
VAL CG2 HG22 sing N N 443 
VAL CG2 HG23 sing N N 444 
VAL OXT HXT  sing N N 445 
# 
_pdbx_initial_refinement_model.id               1 
_pdbx_initial_refinement_model.entity_id_list   ? 
_pdbx_initial_refinement_model.type             'experimental model' 
_pdbx_initial_refinement_model.source_name      PDB 
_pdbx_initial_refinement_model.accession_code   1CUA 
_pdbx_initial_refinement_model.details          ? 
# 
_atom_sites.entry_id                    3ESB 
_atom_sites.fract_transf_matrix[1][1]   -0.00196827 
_atom_sites.fract_transf_matrix[1][2]   -0.01074454 
_atom_sites.fract_transf_matrix[1][3]   0.01236901 
_atom_sites.fract_transf_matrix[2][1]   -0.00756681 
_atom_sites.fract_transf_matrix[2][2]   0.00470348 
_atom_sites.fract_transf_matrix[2][3]   0.01388898 
_atom_sites.fract_transf_matrix[3][1]   -0.00873729 
_atom_sites.fract_transf_matrix[3][2]   -0.00279114 
_atom_sites.fract_transf_matrix[3][3]   -0.00381492 
_atom_sites.fract_transf_vector[1]      0.477689 
_atom_sites.fract_transf_vector[2]      0.128540 
_atom_sites.fract_transf_vector[3]      0.129351 
# 
loop_
_atom_type.symbol 
C  
CL 
N  
O  
P  
PT 
S  
# 
loop_
_atom_site.group_PDB 
_atom_site.id 
_atom_site.type_symbol 
_atom_site.label_atom_id 
_atom_site.label_alt_id 
_atom_site.label_comp_id 
_atom_site.label_asym_id 
_atom_site.label_entity_id 
_atom_site.label_seq_id 
_atom_site.pdbx_PDB_ins_code 
_atom_site.Cartn_x 
_atom_site.Cartn_y 
_atom_site.Cartn_z 
_atom_site.occupancy 
_atom_site.B_iso_or_equiv 
_atom_site.pdbx_formal_charge 
_atom_site.auth_seq_id 
_atom_site.auth_comp_id 
_atom_site.auth_asym_id 
_atom_site.auth_atom_id 
_atom_site.pdbx_PDB_model_num 
ATOM   1    N  N   . GLY A 1 16  ? -1.168  17.631  -2.388  1.00 61.96 ? 16  GLY A N   1 
ATOM   2    C  CA  . GLY A 1 16  ? -2.019  16.534  -2.941  1.00 61.82 ? 16  GLY A CA  1 
ATOM   3    C  C   . GLY A 1 16  ? -1.638  16.179  -4.368  1.00 61.70 ? 16  GLY A C   1 
ATOM   4    O  O   . GLY A 1 16  ? -2.476  16.243  -5.276  1.00 62.24 ? 16  GLY A O   1 
ATOM   5    N  N   . ARG A 1 17  ? -0.373  15.806  -4.560  1.00 60.94 ? 17  ARG A N   1 
ATOM   6    C  CA  . ARG A 1 17  ? 0.156   15.431  -5.872  1.00 60.00 ? 17  ARG A CA  1 
ATOM   7    C  C   . ARG A 1 17  ? 0.133   13.916  -6.037  1.00 58.37 ? 17  ARG A C   1 
ATOM   8    O  O   . ARG A 1 17  ? 0.335   13.170  -5.067  1.00 57.94 ? 17  ARG A O   1 
ATOM   9    C  CB  . ARG A 1 17  ? 1.593   15.941  -6.042  1.00 60.72 ? 17  ARG A CB  1 
ATOM   10   C  CG  . ARG A 1 17  ? 1.914   16.452  -7.447  1.00 63.02 ? 17  ARG A CG  1 
ATOM   11   C  CD  . ARG A 1 17  ? 2.181   15.327  -8.442  1.00 66.52 ? 17  ARG A CD  1 
ATOM   12   N  NE  . ARG A 1 17  ? 1.869   15.755  -9.803  1.00 69.66 ? 17  ARG A NE  1 
ATOM   13   C  CZ  . ARG A 1 17  ? 2.771   15.892  -10.772 1.00 72.56 ? 17  ARG A CZ  1 
ATOM   14   N  NH1 . ARG A 1 17  ? 4.053   15.611  -10.541 1.00 73.50 ? 17  ARG A NH1 1 
ATOM   15   N  NH2 . ARG A 1 17  ? 2.390   16.299  -11.982 1.00 73.51 ? 17  ARG A NH2 1 
ATOM   16   N  N   . THR A 1 18  ? -0.078  13.481  -7.278  1.00 56.19 ? 18  THR A N   1 
ATOM   17   C  CA  . THR A 1 18  ? -0.290  12.073  -7.595  1.00 54.23 ? 18  THR A CA  1 
ATOM   18   C  C   . THR A 1 18  ? 0.985   11.276  -7.890  1.00 52.97 ? 18  THR A C   1 
ATOM   19   O  O   . THR A 1 18  ? 0.907   10.090  -8.178  1.00 52.73 ? 18  THR A O   1 
ATOM   20   C  CB  . THR A 1 18  ? -1.318  11.904  -8.736  1.00 54.26 ? 18  THR A CB  1 
ATOM   21   O  OG1 . THR A 1 18  ? -0.884  12.623  -9.899  1.00 54.87 ? 18  THR A OG1 1 
ATOM   22   C  CG2 . THR A 1 18  ? -2.681  12.436  -8.303  1.00 53.94 ? 18  THR A CG2 1 
ATOM   23   N  N   . THR A 1 19  ? 2.151   11.919  -7.808  1.00 51.45 ? 19  THR A N   1 
ATOM   24   C  CA  . THR A 1 19  ? 3.436   11.226  -7.972  1.00 50.05 ? 19  THR A CA  1 
ATOM   25   C  C   . THR A 1 19  ? 4.378   11.585  -6.834  1.00 49.85 ? 19  THR A C   1 
ATOM   26   O  O   . THR A 1 19  ? 4.745   12.760  -6.671  1.00 50.18 ? 19  THR A O   1 
ATOM   27   C  CB  . THR A 1 19  ? 4.160   11.559  -9.313  1.00 49.96 ? 19  THR A CB  1 
ATOM   28   O  OG1 . THR A 1 19  ? 3.319   11.239  -10.429 1.00 48.70 ? 19  THR A OG1 1 
ATOM   29   C  CG2 . THR A 1 19  ? 5.486   10.787  -9.431  1.00 48.89 ? 19  THR A CG2 1 
ATOM   30   N  N   . ARG A 1 20  ? 4.776   10.566  -6.069  1.00 48.76 ? 20  ARG A N   1 
ATOM   31   C  CA  . ARG A 1 20  ? 5.687   10.727  -4.961  1.00 48.00 ? 20  ARG A CA  1 
ATOM   32   C  C   . ARG A 1 20  ? 6.802   9.694   -5.031  1.00 48.18 ? 20  ARG A C   1 
ATOM   33   O  O   . ARG A 1 20  ? 6.552   8.479   -5.044  1.00 47.25 ? 20  ARG A O   1 
ATOM   34   C  CB  . ARG A 1 20  ? 4.936   10.656  -3.621  1.00 47.72 ? 20  ARG A CB  1 
ATOM   35   C  CG  . ARG A 1 20  ? 4.030   11.862  -3.350  1.00 46.52 ? 20  ARG A CG  1 
ATOM   36   C  CD  . ARG A 1 20  ? 4.829   13.161  -3.071  1.00 45.90 ? 20  ARG A CD  1 
ATOM   37   N  NE  . ARG A 1 20  ? 5.498   13.145  -1.764  1.00 43.95 ? 20  ARG A NE  1 
ATOM   38   C  CZ  . ARG A 1 20  ? 4.885   13.405  -0.603  1.00 45.12 ? 20  ARG A CZ  1 
ATOM   39   N  NH1 . ARG A 1 20  ? 3.576   13.695  -0.567  1.00 43.65 ? 20  ARG A NH1 1 
ATOM   40   N  NH2 . ARG A 1 20  ? 5.574   13.369  0.534   1.00 42.36 ? 20  ARG A NH2 1 
ATOM   41   N  N   . ASP A 1 21  ? 8.040   10.189  -5.089  1.00 48.65 ? 21  ASP A N   1 
ATOM   42   C  CA  . ASP A 1 21  ? 9.210   9.320   -5.155  1.00 48.74 ? 21  ASP A CA  1 
ATOM   43   C  C   . ASP A 1 21  ? 10.179  9.605   -4.021  1.00 49.33 ? 21  ASP A C   1 
ATOM   44   O  O   . ASP A 1 21  ? 11.377  9.768   -4.253  1.00 49.86 ? 21  ASP A O   1 
ATOM   45   C  CB  . ASP A 1 21  ? 9.917   9.471   -6.508  1.00 48.55 ? 21  ASP A CB  1 
ATOM   46   C  CG  . ASP A 1 21  ? 9.141   8.844   -7.663  1.00 48.35 ? 21  ASP A CG  1 
ATOM   47   O  OD1 . ASP A 1 21  ? 8.751   7.656   -7.582  1.00 45.80 ? 21  ASP A OD1 1 
ATOM   48   O  OD2 . ASP A 1 21  ? 8.929   9.550   -8.668  1.00 50.05 ? 21  ASP A OD2 1 
ATOM   49   N  N   . ASP A 1 22  ? 9.673   9.650   -2.791  1.00 49.53 ? 22  ASP A N   1 
ATOM   50   C  CA  . ASP A 1 22  ? 10.497  10.067  -1.658  1.00 49.86 ? 22  ASP A CA  1 
ATOM   51   C  C   . ASP A 1 22  ? 11.524  9.015   -1.280  1.00 50.60 ? 22  ASP A C   1 
ATOM   52   O  O   . ASP A 1 22  ? 12.612  9.367   -0.850  1.00 51.16 ? 22  ASP A O   1 
ATOM   53   C  CB  . ASP A 1 22  ? 9.662   10.421  -0.420  1.00 49.51 ? 22  ASP A CB  1 
ATOM   54   C  CG  . ASP A 1 22  ? 8.683   11.550  -0.662  1.00 48.88 ? 22  ASP A CG  1 
ATOM   55   O  OD1 . ASP A 1 22  ? 8.710   12.169  -1.753  1.00 48.49 ? 22  ASP A OD1 1 
ATOM   56   O  OD2 . ASP A 1 22  ? 7.877   11.812  0.259   1.00 46.57 ? 22  ASP A OD2 1 
ATOM   57   N  N   . LEU A 1 23  ? 11.183  7.736   -1.410  1.00 51.46 ? 23  LEU A N   1 
ATOM   58   C  CA  . LEU A 1 23  ? 12.150  6.675   -1.142  1.00 51.92 ? 23  LEU A CA  1 
ATOM   59   C  C   . LEU A 1 23  ? 13.265  6.615   -2.182  1.00 53.50 ? 23  LEU A C   1 
ATOM   60   O  O   . LEU A 1 23  ? 14.433  6.448   -1.824  1.00 53.62 ? 23  LEU A O   1 
ATOM   61   C  CB  . LEU A 1 23  ? 11.472  5.310   -1.049  1.00 52.18 ? 23  LEU A CB  1 
ATOM   62   C  CG  . LEU A 1 23  ? 12.403  4.086   -0.958  1.00 50.69 ? 23  LEU A CG  1 
ATOM   63   C  CD1 . LEU A 1 23  ? 13.207  4.079   0.348   1.00 49.26 ? 23  LEU A CD1 1 
ATOM   64   C  CD2 . LEU A 1 23  ? 11.623  2.805   -1.112  1.00 50.27 ? 23  LEU A CD2 1 
ATOM   65   N  N   . ILE A 1 24  ? 12.893  6.721   -3.458  1.00 55.18 ? 24  ILE A N   1 
ATOM   66   C  CA  . ILE A 1 24  ? 13.825  6.592   -4.588  1.00 56.77 ? 24  ILE A CA  1 
ATOM   67   C  C   . ILE A 1 24  ? 14.815  7.757   -4.586  1.00 58.07 ? 24  ILE A C   1 
ATOM   68   O  O   . ILE A 1 24  ? 16.037  7.565   -4.724  1.00 58.37 ? 24  ILE A O   1 
ATOM   69   C  CB  . ILE A 1 24  ? 13.065  6.523   -5.932  1.00 56.60 ? 24  ILE A CB  1 
ATOM   70   C  CG1 . ILE A 1 24  ? 12.443  5.135   -6.121  1.00 55.96 ? 24  ILE A CG1 1 
ATOM   71   C  CG2 . ILE A 1 24  ? 13.977  6.885   -7.123  1.00 57.33 ? 24  ILE A CG2 1 
ATOM   72   C  CD1 . ILE A 1 24  ? 11.601  5.026   -7.378  1.00 55.11 ? 24  ILE A CD1 1 
ATOM   73   N  N   . ASN A 1 25  ? 14.262  8.954   -4.414  1.00 59.22 ? 25  ASN A N   1 
ATOM   74   C  CA  . ASN A 1 25  ? 15.020  10.175  -4.259  1.00 60.32 ? 25  ASN A CA  1 
ATOM   75   C  C   . ASN A 1 25  ? 15.353  10.414  -2.786  1.00 61.41 ? 25  ASN A C   1 
ATOM   76   O  O   . ASN A 1 25  ? 15.801  11.495  -2.402  1.00 61.48 ? 25  ASN A O   1 
ATOM   77   C  CB  . ASN A 1 25  ? 14.218  11.335  -4.841  1.00 60.14 ? 25  ASN A CB  1 
ATOM   78   C  CG  . ASN A 1 25  ? 13.963  11.165  -6.314  1.00 59.91 ? 25  ASN A CG  1 
ATOM   79   O  OD1 . ASN A 1 25  ? 14.576  10.319  -6.963  1.00 59.93 ? 25  ASN A OD1 1 
ATOM   80   N  ND2 . ASN A 1 25  ? 13.059  11.966  -6.856  1.00 59.89 ? 25  ASN A ND2 1 
ATOM   81   N  N   . GLY A 1 26  ? 15.133  9.383   -1.972  1.00 62.68 ? 26  GLY A N   1 
ATOM   82   C  CA  . GLY A 1 26  ? 15.462  9.411   -0.554  1.00 63.80 ? 26  GLY A CA  1 
ATOM   83   C  C   . GLY A 1 26  ? 16.955  9.426   -0.340  1.00 64.90 ? 26  GLY A C   1 
ATOM   84   O  O   . GLY A 1 26  ? 17.717  8.959   -1.190  1.00 64.84 ? 26  GLY A O   1 
ATOM   85   N  N   . ASN A 1 27  ? 17.352  9.971   0.809   1.00 66.03 ? 27  ASN A N   1 
ATOM   86   C  CA  . ASN A 1 27  ? 18.745  10.185  1.168   1.00 66.91 ? 27  ASN A CA  1 
ATOM   87   C  C   . ASN A 1 27  ? 19.120  9.271   2.321   1.00 66.96 ? 27  ASN A C   1 
ATOM   88   O  O   . ASN A 1 27  ? 18.591  9.408   3.421   1.00 66.92 ? 27  ASN A O   1 
ATOM   89   C  CB  . ASN A 1 27  ? 18.983  11.650  1.598   1.00 67.58 ? 27  ASN A CB  1 
ATOM   90   C  CG  . ASN A 1 27  ? 18.245  12.687  0.709   1.00 68.98 ? 27  ASN A CG  1 
ATOM   91   O  OD1 . ASN A 1 27  ? 18.863  13.344  -0.145  1.00 69.43 ? 27  ASN A OD1 1 
ATOM   92   N  ND2 . ASN A 1 27  ? 16.929  12.849  0.936   1.00 69.13 ? 27  ASN A ND2 1 
ATOM   93   N  N   . SER A 1 28  ? 20.044  8.346   2.075   1.00 67.29 ? 28  SER A N   1 
ATOM   94   C  CA  . SER A 1 28  ? 20.520  7.429   3.122   1.00 67.31 ? 28  SER A CA  1 
ATOM   95   C  C   . SER A 1 28  ? 21.063  8.153   4.380   1.00 67.37 ? 28  SER A C   1 
ATOM   96   O  O   . SER A 1 28  ? 21.056  7.596   5.486   1.00 67.21 ? 28  SER A O   1 
ATOM   97   C  CB  . SER A 1 28  ? 21.581  6.489   2.552   1.00 67.37 ? 28  SER A CB  1 
ATOM   98   O  OG  . SER A 1 28  ? 21.878  5.447   3.466   1.00 67.50 ? 28  SER A OG  1 
ATOM   99   N  N   . ALA A 1 29  ? 21.514  9.393   4.197   1.00 67.30 ? 29  ALA A N   1 
ATOM   100  C  CA  . ALA A 1 29  ? 22.116  10.180  5.268   1.00 67.23 ? 29  ALA A CA  1 
ATOM   101  C  C   . ALA A 1 29  ? 21.066  11.001  6.012   1.00 67.21 ? 29  ALA A C   1 
ATOM   102  O  O   . ALA A 1 29  ? 21.276  11.365  7.175   1.00 67.38 ? 29  ALA A O   1 
ATOM   103  C  CB  . ALA A 1 29  ? 23.216  11.086  4.713   1.00 67.36 ? 29  ALA A CB  1 
ATOM   104  N  N   . SER A 1 30  ? 19.955  11.313  5.335   1.00 66.61 ? 30  SER A N   1 
ATOM   105  C  CA  . SER A 1 30  ? 18.779  11.899  5.998   1.00 65.54 ? 30  SER A CA  1 
ATOM   106  C  C   . SER A 1 30  ? 17.555  10.974  5.889   1.00 64.41 ? 30  SER A C   1 
ATOM   107  O  O   . SER A 1 30  ? 16.550  11.294  5.242   1.00 64.51 ? 30  SER A O   1 
ATOM   108  C  CB  . SER A 1 30  ? 18.485  13.328  5.504   1.00 65.72 ? 30  SER A CB  1 
ATOM   109  O  OG  . SER A 1 30  ? 18.295  13.387  4.100   1.00 66.31 ? 30  SER A OG  1 
ATOM   110  N  N   . CYS A 1 31  ? 17.667  9.815   6.533   1.00 62.82 ? 31  CYS A N   1 
ATOM   111  C  CA  . CYS A 1 31  ? 16.586  8.832   6.579   1.00 60.84 ? 31  CYS A CA  1 
ATOM   112  C  C   . CYS A 1 31  ? 15.317  9.363   7.235   1.00 59.25 ? 31  CYS A C   1 
ATOM   113  O  O   . CYS A 1 31  ? 15.375  10.096  8.230   1.00 59.17 ? 31  CYS A O   1 
ATOM   114  C  CB  . CYS A 1 31  ? 17.036  7.563   7.305   1.00 60.76 ? 31  CYS A CB  1 
ATOM   115  S  SG  . CYS A 1 31  ? 17.646  6.260   6.209   1.00 62.86 ? 31  CYS A SG  1 
ATOM   116  N  N   . ALA A 1 32  ? 14.179  8.979   6.654   1.00 57.06 ? 32  ALA A N   1 
ATOM   117  C  CA  . ALA A 1 32  ? 12.874  9.158   7.263   1.00 54.96 ? 32  ALA A CA  1 
ATOM   118  C  C   . ALA A 1 32  ? 12.685  8.093   8.318   1.00 53.73 ? 32  ALA A C   1 
ATOM   119  O  O   . ALA A 1 32  ? 13.418  7.102   8.369   1.00 53.77 ? 32  ALA A O   1 
ATOM   120  C  CB  . ALA A 1 32  ? 11.788  9.050   6.222   1.00 55.15 ? 32  ALA A CB  1 
ATOM   121  N  N   . ASP A 1 33  ? 11.686  8.290   9.160   1.00 52.04 ? 33  ASP A N   1 
ATOM   122  C  CA  . ASP A 1 33  ? 11.417  7.357   10.236  1.00 50.49 ? 33  ASP A CA  1 
ATOM   123  C  C   . ASP A 1 33  ? 10.263  6.419   9.883   1.00 48.55 ? 33  ASP A C   1 
ATOM   124  O  O   . ASP A 1 33  ? 10.111  5.346   10.458  1.00 47.69 ? 33  ASP A O   1 
ATOM   125  C  CB  . ASP A 1 33  ? 11.134  8.159   11.503  1.00 51.52 ? 33  ASP A CB  1 
ATOM   126  C  CG  . ASP A 1 33  ? 12.317  9.053   11.902  1.00 54.29 ? 33  ASP A CG  1 
ATOM   127  O  OD1 . ASP A 1 33  ? 13.418  8.494   12.141  1.00 57.04 ? 33  ASP A OD1 1 
ATOM   128  O  OD2 . ASP A 1 33  ? 12.146  10.299  11.949  1.00 55.00 ? 33  ASP A OD2 1 
ATOM   129  N  N   . VAL A 1 34  ? 9.457   6.843   8.918   1.00 46.92 ? 34  VAL A N   1 
ATOM   130  C  CA  . VAL A 1 34  ? 8.359   6.045   8.396   1.00 45.44 ? 34  VAL A CA  1 
ATOM   131  C  C   . VAL A 1 34  ? 8.454   6.085   6.876   1.00 44.42 ? 34  VAL A C   1 
ATOM   132  O  O   . VAL A 1 34  ? 8.696   7.149   6.273   1.00 44.27 ? 34  VAL A O   1 
ATOM   133  C  CB  . VAL A 1 34  ? 6.970   6.557   8.914   1.00 45.90 ? 34  VAL A CB  1 
ATOM   134  C  CG1 . VAL A 1 34  ? 5.810   5.786   8.289   1.00 44.82 ? 34  VAL A CG1 1 
ATOM   135  C  CG2 . VAL A 1 34  ? 6.891   6.458   10.453  1.00 44.71 ? 34  VAL A CG2 1 
ATOM   136  N  N   . ILE A 1 35  ? 8.295   4.915   6.263   1.00 42.71 ? 35  ILE A N   1 
ATOM   137  C  CA  . ILE A 1 35  ? 8.278   4.804   4.803   1.00 41.06 ? 35  ILE A CA  1 
ATOM   138  C  C   . ILE A 1 35  ? 6.963   4.170   4.337   1.00 38.69 ? 35  ILE A C   1 
ATOM   139  O  O   . ILE A 1 35  ? 6.605   3.087   4.781   1.00 37.52 ? 35  ILE A O   1 
ATOM   140  C  CB  . ILE A 1 35  ? 9.500   4.016   4.265   1.00 41.17 ? 35  ILE A CB  1 
ATOM   141  C  CG1 . ILE A 1 35  ? 10.802  4.651   4.776   1.00 42.48 ? 35  ILE A CG1 1 
ATOM   142  C  CG2 . ILE A 1 35  ? 9.478   3.991   2.719   1.00 41.93 ? 35  ILE A CG2 1 
ATOM   143  C  CD1 . ILE A 1 35  ? 12.087  3.947   4.309   1.00 42.13 ? 35  ILE A CD1 1 
ATOM   144  N  N   . PHE A 1 36  ? 6.261   4.875   3.452   1.00 36.55 ? 36  PHE A N   1 
ATOM   145  C  CA  . PHE A 1 36  ? 4.938   4.460   2.975   1.00 34.94 ? 36  PHE A CA  1 
ATOM   146  C  C   . PHE A 1 36  ? 5.040   4.060   1.536   1.00 34.10 ? 36  PHE A C   1 
ATOM   147  O  O   . PHE A 1 36  ? 5.368   4.886   0.689   1.00 34.38 ? 36  PHE A O   1 
ATOM   148  C  CB  . PHE A 1 36  ? 3.906   5.611   3.079   1.00 34.25 ? 36  PHE A CB  1 
ATOM   149  C  CG  . PHE A 1 36  ? 2.476   5.215   2.670   1.00 31.13 ? 36  PHE A CG  1 
ATOM   150  C  CD1 . PHE A 1 36  ? 1.879   4.070   3.171   1.00 28.04 ? 36  PHE A CD1 1 
ATOM   151  C  CD2 . PHE A 1 36  ? 1.730   6.029   1.832   1.00 29.93 ? 36  PHE A CD2 1 
ATOM   152  C  CE1 . PHE A 1 36  ? 0.587   3.717   2.821   1.00 30.35 ? 36  PHE A CE1 1 
ATOM   153  C  CE2 . PHE A 1 36  ? 0.411   5.693   1.472   1.00 31.23 ? 36  PHE A CE2 1 
ATOM   154  C  CZ  . PHE A 1 36  ? -0.160  4.537   1.972   1.00 30.86 ? 36  PHE A CZ  1 
ATOM   155  N  N   . ILE A 1 37  ? 4.736   2.805   1.250   1.00 33.17 ? 37  ILE A N   1 
ATOM   156  C  CA  . ILE A 1 37  ? 4.784   2.323   -0.158  1.00 32.28 ? 37  ILE A CA  1 
ATOM   157  C  C   . ILE A 1 37  ? 3.378   1.944   -0.612  1.00 30.66 ? 37  ILE A C   1 
ATOM   158  O  O   . ILE A 1 37  ? 2.751   1.079   -0.025  1.00 30.06 ? 37  ILE A O   1 
ATOM   159  C  CB  . ILE A 1 37  ? 5.830   1.158   -0.377  1.00 32.15 ? 37  ILE A CB  1 
ATOM   160  C  CG1 . ILE A 1 37  ? 7.243   1.621   0.043   1.00 31.74 ? 37  ILE A CG1 1 
ATOM   161  C  CG2 . ILE A 1 37  ? 5.853   0.713   -1.854  1.00 32.07 ? 37  ILE A CG2 1 
ATOM   162  C  CD1 . ILE A 1 37  ? 8.228   0.464   0.207   1.00 32.37 ? 37  ILE A CD1 1 
ATOM   163  N  N   . TYR A 1 38  ? 2.906   2.618   -1.648  1.00 29.94 ? 38  TYR A N   1 
ATOM   164  C  CA  . TYR A 1 38  ? 1.504   2.547   -2.078  1.00 29.65 ? 38  TYR A CA  1 
ATOM   165  C  C   . TYR A 1 38  ? 1.350   2.217   -3.568  1.00 29.76 ? 38  TYR A C   1 
ATOM   166  O  O   . TYR A 1 38  ? 1.976   2.852   -4.409  1.00 29.73 ? 38  TYR A O   1 
ATOM   167  C  CB  . TYR A 1 38  ? 0.802   3.883   -1.803  1.00 28.44 ? 38  TYR A CB  1 
ATOM   168  C  CG  . TYR A 1 38  ? -0.649  3.869   -2.197  1.00 28.18 ? 38  TYR A CG  1 
ATOM   169  C  CD1 . TYR A 1 38  ? -1.629  3.396   -1.329  1.00 28.74 ? 38  TYR A CD1 1 
ATOM   170  C  CD2 . TYR A 1 38  ? -1.047  4.296   -3.450  1.00 28.45 ? 38  TYR A CD2 1 
ATOM   171  C  CE1 . TYR A 1 38  ? -2.977  3.366   -1.711  1.00 27.55 ? 38  TYR A CE1 1 
ATOM   172  C  CE2 . TYR A 1 38  ? -2.367  4.259   -3.833  1.00 28.32 ? 38  TYR A CE2 1 
ATOM   173  C  CZ  . TYR A 1 38  ? -3.319  3.802   -2.950  1.00 28.42 ? 38  TYR A CZ  1 
ATOM   174  O  OH  . TYR A 1 38  ? -4.622  3.791   -3.346  1.00 31.15 ? 38  TYR A OH  1 
ATOM   175  N  N   . ALA A 1 39  ? 0.478   1.262   -3.874  1.00 30.12 ? 39  ALA A N   1 
ATOM   176  C  CA  . ALA A 1 39  ? 0.168   0.868   -5.257  1.00 30.48 ? 39  ALA A CA  1 
ATOM   177  C  C   . ALA A 1 39  ? -1.244  1.307   -5.706  1.00 30.65 ? 39  ALA A C   1 
ATOM   178  O  O   . ALA A 1 39  ? -2.234  0.936   -5.096  1.00 30.83 ? 39  ALA A O   1 
ATOM   179  C  CB  . ALA A 1 39  ? 0.353   -0.636  -5.410  1.00 30.23 ? 39  ALA A CB  1 
ATOM   180  N  N   . ARG A 1 40  ? -1.312  2.120   -6.757  1.00 31.44 ? 40  ARG A N   1 
ATOM   181  C  CA  . ARG A 1 40  ? -2.579  2.643   -7.290  1.00 32.72 ? 40  ARG A CA  1 
ATOM   182  C  C   . ARG A 1 40  ? -3.402  1.571   -8.029  1.00 33.31 ? 40  ARG A C   1 
ATOM   183  O  O   . ARG A 1 40  ? -2.937  0.432   -8.244  1.00 32.81 ? 40  ARG A O   1 
ATOM   184  C  CB  . ARG A 1 40  ? -2.300  3.816   -8.244  1.00 32.53 ? 40  ARG A CB  1 
ATOM   185  C  CG  . ARG A 1 40  ? -1.657  3.404   -9.589  1.00 33.18 ? 40  ARG A CG  1 
ATOM   186  C  CD  . ARG A 1 40  ? -1.126  4.623   -10.330 1.00 33.12 ? 40  ARG A CD  1 
ATOM   187  N  NE  . ARG A 1 40  ? -0.620  4.344   -11.674 1.00 34.20 ? 40  ARG A NE  1 
ATOM   188  C  CZ  . ARG A 1 40  ? 0.497   3.665   -11.961 1.00 33.63 ? 40  ARG A CZ  1 
ATOM   189  N  NH1 . ARG A 1 40  ? 1.233   3.135   -10.991 1.00 31.70 ? 40  ARG A NH1 1 
ATOM   190  N  NH2 . ARG A 1 40  ? 0.854   3.499   -13.236 1.00 29.59 ? 40  ARG A NH2 1 
ATOM   191  N  N   . GLY A 1 41  ? -4.621  1.941   -8.419  1.00 33.64 ? 41  GLY A N   1 
ATOM   192  C  CA  . GLY A 1 41  ? -5.473  1.046   -9.196  1.00 34.32 ? 41  GLY A CA  1 
ATOM   193  C  C   . GLY A 1 41  ? -5.220  1.161   -10.688 1.00 35.36 ? 41  GLY A C   1 
ATOM   194  O  O   . GLY A 1 41  ? -4.492  2.057   -11.134 1.00 35.34 ? 41  GLY A O   1 
ATOM   195  N  N   . SER A 1 42  ? -5.835  0.266   -11.465 1.00 35.65 ? 42  SER A N   1 
ATOM   196  C  CA  . SER A 1 42  ? -5.682  0.254   -12.915 1.00 36.29 ? 42  SER A CA  1 
ATOM   197  C  C   . SER A 1 42  ? -6.029  1.604   -13.548 1.00 37.87 ? 42  SER A C   1 
ATOM   198  O  O   . SER A 1 42  ? -7.044  2.246   -13.188 1.00 38.40 ? 42  SER A O   1 
ATOM   199  C  CB  . SER A 1 42  ? -6.538  -0.844  -13.549 1.00 35.57 ? 42  SER A CB  1 
ATOM   200  O  OG  . SER A 1 42  ? -6.366  -2.092  -12.898 1.00 34.55 ? 42  SER A OG  1 
ATOM   201  N  N   . THR A 1 43  ? -5.185  2.015   -14.498 1.00 38.78 ? 43  THR A N   1 
ATOM   202  C  CA  . THR A 1 43  ? -5.356  3.245   -15.296 1.00 40.27 ? 43  THR A CA  1 
ATOM   203  C  C   . THR A 1 43  ? -5.199  4.554   -14.522 1.00 41.18 ? 43  THR A C   1 
ATOM   204  O  O   . THR A 1 43  ? -5.406  5.622   -15.106 1.00 41.92 ? 43  THR A O   1 
ATOM   205  C  CB  . THR A 1 43  ? -6.711  3.300   -16.111 1.00 40.71 ? 43  THR A CB  1 
ATOM   206  O  OG1 . THR A 1 43  ? -7.778  3.838   -15.294 1.00 42.21 ? 43  THR A OG1 1 
ATOM   207  C  CG2 . THR A 1 43  ? -7.102  1.929   -16.692 1.00 38.89 ? 43  THR A CG2 1 
ATOM   208  N  N   . GLU A 1 44  ? -4.838  4.486   -13.237 1.00 41.57 ? 44  GLU A N   1 
ATOM   209  C  CA  . GLU A 1 44  ? -4.776  5.691   -12.386 1.00 42.40 ? 44  GLU A CA  1 
ATOM   210  C  C   . GLU A 1 44  ? -3.567  6.606   -12.670 1.00 43.39 ? 44  GLU A C   1 
ATOM   211  O  O   . GLU A 1 44  ? -2.526  6.140   -13.159 1.00 43.62 ? 44  GLU A O   1 
ATOM   212  C  CB  . GLU A 1 44  ? -4.856  5.325   -10.900 1.00 41.87 ? 44  GLU A CB  1 
ATOM   213  C  CG  . GLU A 1 44  ? -6.253  4.866   -10.447 1.00 40.10 ? 44  GLU A CG  1 
ATOM   214  C  CD  . GLU A 1 44  ? -6.460  4.967   -8.949  1.00 39.27 ? 44  GLU A CD  1 
ATOM   215  O  OE1 . GLU A 1 44  ? -5.617  4.489   -8.171  1.00 37.53 ? 44  GLU A OE1 1 
ATOM   216  O  OE2 . GLU A 1 44  ? -7.496  5.521   -8.536  1.00 41.52 ? 44  GLU A OE2 1 
ATOM   217  N  N   . THR A 1 45  ? -3.714  7.899   -12.370 1.00 44.19 ? 45  THR A N   1 
ATOM   218  C  CA  . THR A 1 45  ? -2.670  8.894   -12.672 1.00 44.87 ? 45  THR A CA  1 
ATOM   219  C  C   . THR A 1 45  ? -1.462  8.762   -11.728 1.00 44.25 ? 45  THR A C   1 
ATOM   220  O  O   . THR A 1 45  ? -1.578  8.219   -10.617 1.00 44.33 ? 45  THR A O   1 
ATOM   221  C  CB  . THR A 1 45  ? -3.213  10.374  -12.685 1.00 45.53 ? 45  THR A CB  1 
ATOM   222  O  OG1 . THR A 1 45  ? -3.646  10.766  -11.370 1.00 48.10 ? 45  THR A OG1 1 
ATOM   223  C  CG2 . THR A 1 45  ? -4.383  10.531  -13.652 1.00 46.14 ? 45  THR A CG2 1 
ATOM   224  N  N   . GLY A 1 46  ? -0.304  9.226   -12.198 1.00 43.56 ? 46  GLY A N   1 
ATOM   225  C  CA  . GLY A 1 46  ? 0.926   9.248   -11.400 1.00 41.86 ? 46  GLY A CA  1 
ATOM   226  C  C   . GLY A 1 46  ? 1.331   7.884   -10.900 1.00 40.74 ? 46  GLY A C   1 
ATOM   227  O  O   . GLY A 1 46  ? 1.216   6.901   -11.621 1.00 41.47 ? 46  GLY A O   1 
ATOM   228  N  N   . ASN A 1 47  ? 1.836   7.828   -9.674  1.00 39.45 ? 47  ASN A N   1 
ATOM   229  C  CA  . ASN A 1 47  ? 2.037   6.557   -8.986  1.00 37.94 ? 47  ASN A CA  1 
ATOM   230  C  C   . ASN A 1 47  ? 1.215   6.392   -7.693  1.00 36.82 ? 47  ASN A C   1 
ATOM   231  O  O   . ASN A 1 47  ? 1.423   5.442   -6.950  1.00 36.43 ? 47  ASN A O   1 
ATOM   232  C  CB  . ASN A 1 47  ? 3.529   6.286   -8.745  1.00 37.86 ? 47  ASN A CB  1 
ATOM   233  C  CG  . ASN A 1 47  ? 4.201   7.369   -7.922  1.00 39.21 ? 47  ASN A CG  1 
ATOM   234  O  OD1 . ASN A 1 47  ? 3.543   8.161   -7.237  1.00 39.50 ? 47  ASN A OD1 1 
ATOM   235  N  ND2 . ASN A 1 47  ? 5.525   7.393   -7.969  1.00 38.66 ? 47  ASN A ND2 1 
ATOM   236  N  N   . LEU A 1 48  ? 0.279   7.306   -7.437  1.00 35.98 ? 48  LEU A N   1 
ATOM   237  C  CA  . LEU A 1 48  ? -0.564  7.218   -6.241  1.00 35.87 ? 48  LEU A CA  1 
ATOM   238  C  C   . LEU A 1 48  ? -2.055  7.213   -6.564  1.00 36.81 ? 48  LEU A C   1 
ATOM   239  O  O   . LEU A 1 48  ? -2.863  6.780   -5.753  1.00 37.64 ? 48  LEU A O   1 
ATOM   240  C  CB  . LEU A 1 48  ? -0.238  8.327   -5.241  1.00 35.05 ? 48  LEU A CB  1 
ATOM   241  C  CG  . LEU A 1 48  ? 1.116   8.357   -4.518  1.00 34.01 ? 48  LEU A CG  1 
ATOM   242  C  CD1 . LEU A 1 48  ? 1.173   9.578   -3.578  1.00 33.04 ? 48  LEU A CD1 1 
ATOM   243  C  CD2 . LEU A 1 48  ? 1.408   7.065   -3.745  1.00 29.68 ? 48  LEU A CD2 1 
ATOM   244  N  N   . GLY A 1 49  ? -2.422  7.680   -7.753  1.00 37.68 ? 49  GLY A N   1 
ATOM   245  C  CA  . GLY A 1 49  ? -3.824  7.667   -8.169  1.00 37.90 ? 49  GLY A CA  1 
ATOM   246  C  C   . GLY A 1 49  ? -4.698  8.585   -7.328  1.00 38.37 ? 49  GLY A C   1 
ATOM   247  O  O   . GLY A 1 49  ? -4.227  9.609   -6.853  1.00 38.13 ? 49  GLY A O   1 
ATOM   248  N  N   . THR A 1 50  ? -5.960  8.184   -7.158  1.00 38.56 ? 50  THR A N   1 
ATOM   249  C  CA  . THR A 1 50  ? -6.981  8.924   -6.450  1.00 38.92 ? 50  THR A CA  1 
ATOM   250  C  C   . THR A 1 50  ? -6.877  8.877   -4.931  1.00 38.90 ? 50  THR A C   1 
ATOM   251  O  O   . THR A 1 50  ? -7.240  9.843   -4.273  1.00 39.92 ? 50  THR A O   1 
ATOM   252  C  CB  . THR A 1 50  ? -8.403  8.401   -6.805  1.00 39.29 ? 50  THR A CB  1 
ATOM   253  O  OG1 . THR A 1 50  ? -8.464  6.981   -6.590  1.00 38.82 ? 50  THR A OG1 1 
ATOM   254  C  CG2 . THR A 1 50  ? -8.758  8.717   -8.255  1.00 39.92 ? 50  THR A CG2 1 
ATOM   255  N  N   . LEU A 1 51  ? -6.418  7.760   -4.365  1.00 38.41 ? 51  LEU A N   1 
ATOM   256  C  CA  . LEU A 1 51  ? -6.431  7.580   -2.904  1.00 37.08 ? 51  LEU A CA  1 
ATOM   257  C  C   . LEU A 1 51  ? -5.109  7.891   -2.218  1.00 37.47 ? 51  LEU A C   1 
ATOM   258  O  O   . LEU A 1 51  ? -5.084  8.365   -1.082  1.00 36.90 ? 51  LEU A O   1 
ATOM   259  C  CB  . LEU A 1 51  ? -6.890  6.169   -2.541  1.00 36.32 ? 51  LEU A CB  1 
ATOM   260  C  CG  . LEU A 1 51  ? -8.249  5.732   -3.102  1.00 35.24 ? 51  LEU A CG  1 
ATOM   261  C  CD1 . LEU A 1 51  ? -8.580  4.308   -2.657  1.00 32.79 ? 51  LEU A CD1 1 
ATOM   262  C  CD2 . LEU A 1 51  ? -9.414  6.730   -2.754  1.00 33.19 ? 51  LEU A CD2 1 
ATOM   263  N  N   . GLY A 1 52  ? -4.007  7.618   -2.919  1.00 38.33 ? 52  GLY A N   1 
ATOM   264  C  CA  . GLY A 1 52  ? -2.665  7.793   -2.373  1.00 38.28 ? 52  GLY A CA  1 
ATOM   265  C  C   . GLY A 1 52  ? -2.428  9.138   -1.715  1.00 38.37 ? 52  GLY A C   1 
ATOM   266  O  O   . GLY A 1 52  ? -1.973  9.195   -0.576  1.00 37.91 ? 52  GLY A O   1 
ATOM   267  N  N   . PRO A 1 53  ? -2.705  10.235  -2.439  1.00 39.00 ? 53  PRO A N   1 
ATOM   268  C  CA  . PRO A 1 53  ? -2.464  11.567  -1.867  1.00 39.42 ? 53  PRO A CA  1 
ATOM   269  C  C   . PRO A 1 53  ? -3.190  11.845  -0.549  1.00 39.87 ? 53  PRO A C   1 
ATOM   270  O  O   . PRO A 1 53  ? -2.593  12.447  0.329   1.00 40.55 ? 53  PRO A O   1 
ATOM   271  C  CB  . PRO A 1 53  ? -2.923  12.507  -2.977  1.00 39.44 ? 53  PRO A CB  1 
ATOM   272  C  CG  . PRO A 1 53  ? -2.695  11.673  -4.254  1.00 39.60 ? 53  PRO A CG  1 
ATOM   273  C  CD  . PRO A 1 53  ? -3.186  10.323  -3.830  1.00 38.80 ? 53  PRO A CD  1 
ATOM   274  N  N   . SER A 1 54  ? -4.436  11.386  -0.407  1.00 39.85 ? 54  SER A N   1 
ATOM   275  C  CA  . SER A 1 54  ? -5.219  11.587  0.809   1.00 40.28 ? 54  SER A CA  1 
ATOM   276  C  C   . SER A 1 54  ? -4.623  10.912  2.028   1.00 40.43 ? 54  SER A C   1 
ATOM   277  O  O   . SER A 1 54  ? -4.689  11.473  3.140   1.00 41.42 ? 54  SER A O   1 
ATOM   278  C  CB  . SER A 1 54  ? -6.663  11.123  0.622   1.00 39.92 ? 54  SER A CB  1 
ATOM   279  O  OG  . SER A 1 54  ? -7.262  11.802  -0.462  1.00 41.03 ? 54  SER A OG  1 
ATOM   280  N  N   . ILE A 1 55  ? -4.063  9.717   1.834   1.00 40.11 ? 55  ILE A N   1 
ATOM   281  C  CA  . ILE A 1 55  ? -3.408  8.975   2.912   1.00 39.79 ? 55  ILE A CA  1 
ATOM   282  C  C   . ILE A 1 55  ? -2.081  9.649   3.301   1.00 40.01 ? 55  ILE A C   1 
ATOM   283  O  O   . ILE A 1 55  ? -1.751  9.736   4.470   1.00 39.55 ? 55  ILE A O   1 
ATOM   284  C  CB  . ILE A 1 55  ? -3.119  7.501   2.526   1.00 39.51 ? 55  ILE A CB  1 
ATOM   285  C  CG1 . ILE A 1 55  ? -4.361  6.824   1.939   1.00 39.70 ? 55  ILE A CG1 1 
ATOM   286  C  CG2 . ILE A 1 55  ? -2.618  6.718   3.749   1.00 39.10 ? 55  ILE A CG2 1 
ATOM   287  C  CD1 . ILE A 1 55  ? -4.091  5.421   1.347   1.00 39.21 ? 55  ILE A CD1 1 
ATOM   288  N  N   . ALA A 1 56  ? -1.348  10.102  2.289   1.00 40.60 ? 56  ALA A N   1 
ATOM   289  C  CA  . ALA A 1 56  ? -0.043  10.747  2.420   1.00 41.98 ? 56  ALA A CA  1 
ATOM   290  C  C   . ALA A 1 56  ? -0.153  12.029  3.253   1.00 43.08 ? 56  ALA A C   1 
ATOM   291  O  O   . ALA A 1 56  ? 0.478   12.148  4.302   1.00 42.73 ? 56  ALA A O   1 
ATOM   292  C  CB  . ALA A 1 56  ? 0.535   11.061  1.027   1.00 40.90 ? 56  ALA A CB  1 
ATOM   293  N  N   . SER A 1 57  ? -0.987  12.960  2.790   1.00 44.89 ? 57  SER A N   1 
ATOM   294  C  CA  . SER A 1 57  ? -1.230  14.214  3.502   1.00 46.77 ? 57  SER A CA  1 
ATOM   295  C  C   . SER A 1 57  ? -1.555  13.948  4.982   1.00 47.40 ? 57  SER A C   1 
ATOM   296  O  O   . SER A 1 57  ? -1.008  14.596  5.866   1.00 48.06 ? 57  SER A O   1 
ATOM   297  C  CB  . SER A 1 57  ? -2.328  15.036  2.804   1.00 46.79 ? 57  SER A CB  1 
ATOM   298  O  OG  . SER A 1 57  ? -3.624  14.575  3.154   1.00 48.45 ? 57  SER A OG  1 
ATOM   299  N  N   . ASN A 1 58  ? -2.393  12.954  5.241   1.00 48.16 ? 58  ASN A N   1 
ATOM   300  C  CA  . ASN A 1 58  ? -2.765  12.595  6.599   1.00 49.45 ? 58  ASN A CA  1 
ATOM   301  C  C   . ASN A 1 58  ? -1.605  12.021  7.418   1.00 50.11 ? 58  ASN A C   1 
ATOM   302  O  O   . ASN A 1 58  ? -1.470  12.322  8.613   1.00 50.01 ? 58  ASN A O   1 
ATOM   303  C  CB  . ASN A 1 58  ? -3.920  11.611  6.550   1.00 50.22 ? 58  ASN A CB  1 
ATOM   304  C  CG  . ASN A 1 58  ? -4.824  11.711  7.748   1.00 52.58 ? 58  ASN A CG  1 
ATOM   305  O  OD1 . ASN A 1 58  ? -4.689  10.945  8.710   1.00 54.37 ? 58  ASN A OD1 1 
ATOM   306  N  ND2 . ASN A 1 58  ? -5.746  12.675  7.717   1.00 53.16 ? 58  ASN A ND2 1 
ATOM   307  N  N   . LEU A 1 59  ? -0.777  11.195  6.763   1.00 50.41 ? 59  LEU A N   1 
ATOM   308  C  CA  . LEU A 1 59  ? 0.438   10.634  7.353   1.00 50.48 ? 59  LEU A CA  1 
ATOM   309  C  C   . LEU A 1 59  ? 1.444   11.738  7.679   1.00 51.17 ? 59  LEU A C   1 
ATOM   310  O  O   . LEU A 1 59  ? 2.051   11.732  8.744   1.00 51.22 ? 59  LEU A O   1 
ATOM   311  C  CB  . LEU A 1 59  ? 1.074   9.594   6.410   1.00 49.71 ? 59  LEU A CB  1 
ATOM   312  C  CG  . LEU A 1 59  ? 1.000   8.082   6.684   1.00 48.54 ? 59  LEU A CG  1 
ATOM   313  C  CD1 . LEU A 1 59  ? -0.227  7.654   7.460   1.00 45.29 ? 59  LEU A CD1 1 
ATOM   314  C  CD2 . LEU A 1 59  ? 1.071   7.308   5.358   1.00 46.60 ? 59  LEU A CD2 1 
ATOM   315  N  N   . GLU A 1 60  ? 1.604   12.673  6.746   1.00 51.93 ? 60  GLU A N   1 
ATOM   316  C  CA  . GLU A 1 60  ? 2.456   13.848  6.910   1.00 52.73 ? 60  GLU A CA  1 
ATOM   317  C  C   . GLU A 1 60  ? 2.103   14.726  8.138   1.00 53.37 ? 60  GLU A C   1 
ATOM   318  O  O   . GLU A 1 60  ? 2.976   15.055  8.924   1.00 53.42 ? 60  GLU A O   1 
ATOM   319  C  CB  . GLU A 1 60  ? 2.443   14.672  5.626   1.00 52.61 ? 60  GLU A CB  1 
ATOM   320  C  CG  . GLU A 1 60  ? 3.289   14.072  4.521   1.00 52.96 ? 60  GLU A CG  1 
ATOM   321  C  CD  . GLU A 1 60  ? 2.927   14.587  3.137   1.00 54.32 ? 60  GLU A CD  1 
ATOM   322  O  OE1 . GLU A 1 60  ? 1.899   15.294  2.990   1.00 56.80 ? 60  GLU A OE1 1 
ATOM   323  O  OE2 . GLU A 1 60  ? 3.670   14.279  2.182   1.00 52.43 ? 60  GLU A OE2 1 
ATOM   324  N  N   . SER A 1 61  ? 0.834   15.082  8.325   1.00 54.15 ? 61  SER A N   1 
ATOM   325  C  CA  . SER A 1 61  ? 0.442   15.827  9.532   1.00 54.45 ? 61  SER A CA  1 
ATOM   326  C  C   . SER A 1 61  ? 0.716   15.063  10.844  1.00 54.43 ? 61  SER A C   1 
ATOM   327  O  O   . SER A 1 61  ? 1.091   15.675  11.851  1.00 54.66 ? 61  SER A O   1 
ATOM   328  C  CB  . SER A 1 61  ? -1.006  16.343  9.446   1.00 54.51 ? 61  SER A CB  1 
ATOM   329  O  OG  . SER A 1 61  ? -1.964  15.315  9.619   1.00 55.65 ? 61  SER A OG  1 
ATOM   330  N  N   . ALA A 1 62  ? 0.568   13.739  10.827  1.00 54.22 ? 62  ALA A N   1 
ATOM   331  C  CA  . ALA A 1 62  ? 0.839   12.907  12.012  1.00 54.03 ? 62  ALA A CA  1 
ATOM   332  C  C   . ALA A 1 62  ? 2.324   12.640  12.307  1.00 54.01 ? 62  ALA A C   1 
ATOM   333  O  O   . ALA A 1 62  ? 2.736   12.590  13.468  1.00 54.04 ? 62  ALA A O   1 
ATOM   334  C  CB  . ALA A 1 62  ? 0.066   11.592  11.944  1.00 53.73 ? 62  ALA A CB  1 
ATOM   335  N  N   . PHE A 1 63  ? 3.130   12.458  11.270  1.00 54.16 ? 63  PHE A N   1 
ATOM   336  C  CA  . PHE A 1 63  ? 4.556   12.185  11.479  1.00 54.34 ? 63  PHE A CA  1 
ATOM   337  C  C   . PHE A 1 63  ? 5.436   13.405  11.198  1.00 54.50 ? 63  PHE A C   1 
ATOM   338  O  O   . PHE A 1 63  ? 6.635   13.391  11.492  1.00 54.67 ? 63  PHE A O   1 
ATOM   339  C  CB  . PHE A 1 63  ? 5.017   10.973  10.646  1.00 53.97 ? 63  PHE A CB  1 
ATOM   340  C  CG  . PHE A 1 63  ? 4.285   9.690   10.968  1.00 53.50 ? 63  PHE A CG  1 
ATOM   341  C  CD1 . PHE A 1 63  ? 4.389   9.106   12.235  1.00 53.26 ? 63  PHE A CD1 1 
ATOM   342  C  CD2 . PHE A 1 63  ? 3.507   9.058   9.999   1.00 52.01 ? 63  PHE A CD2 1 
ATOM   343  C  CE1 . PHE A 1 63  ? 3.711   7.919   12.548  1.00 51.77 ? 63  PHE A CE1 1 
ATOM   344  C  CE2 . PHE A 1 63  ? 2.827   7.865   10.291  1.00 51.94 ? 63  PHE A CE2 1 
ATOM   345  C  CZ  . PHE A 1 63  ? 2.934   7.291   11.570  1.00 52.85 ? 63  PHE A CZ  1 
ATOM   346  N  N   . GLY A 1 64  ? 4.837   14.451  10.634  1.00 54.72 ? 64  GLY A N   1 
ATOM   347  C  CA  . GLY A 1 64  ? 5.578   15.604  10.133  1.00 55.31 ? 64  GLY A CA  1 
ATOM   348  C  C   . GLY A 1 64  ? 6.053   15.367  8.710   1.00 56.02 ? 64  GLY A C   1 
ATOM   349  O  O   . GLY A 1 64  ? 6.258   14.224  8.304   1.00 56.86 ? 64  GLY A O   1 
ATOM   350  N  N   . LYS A 1 65  ? 6.259   16.431  7.944   1.00 56.41 ? 65  LYS A N   1 
ATOM   351  C  CA  . LYS A 1 65  ? 6.622   16.261  6.538   1.00 56.73 ? 65  LYS A CA  1 
ATOM   352  C  C   . LYS A 1 65  ? 7.957   15.536  6.336   1.00 56.65 ? 65  LYS A C   1 
ATOM   353  O  O   . LYS A 1 65  ? 8.190   14.969  5.265   1.00 57.33 ? 65  LYS A O   1 
ATOM   354  C  CB  . LYS A 1 65  ? 6.583   17.590  5.776   1.00 56.72 ? 65  LYS A CB  1 
ATOM   355  C  CG  . LYS A 1 65  ? 6.203   17.421  4.313   1.00 58.14 ? 65  LYS A CG  1 
ATOM   356  C  CD  . LYS A 1 65  ? 5.531   18.677  3.744   1.00 61.20 ? 65  LYS A CD  1 
ATOM   357  C  CE  . LYS A 1 65  ? 4.024   18.754  4.070   1.00 61.20 ? 65  LYS A CE  1 
ATOM   358  N  NZ  . LYS A 1 65  ? 3.421   20.038  3.579   1.00 61.50 ? 65  LYS A NZ  1 
ATOM   359  N  N   . ASP A 1 66  ? 8.816   15.548  7.356   1.00 56.14 ? 66  ASP A N   1 
ATOM   360  C  CA  . ASP A 1 66  ? 10.101  14.838  7.328   1.00 55.52 ? 66  ASP A CA  1 
ATOM   361  C  C   . ASP A 1 66  ? 10.065  13.559  8.166   1.00 54.62 ? 66  ASP A C   1 
ATOM   362  O  O   . ASP A 1 66  ? 11.064  12.837  8.279   1.00 54.51 ? 66  ASP A O   1 
ATOM   363  C  CB  . ASP A 1 66  ? 11.223  15.740  7.832   1.00 56.15 ? 66  ASP A CB  1 
ATOM   364  C  CG  . ASP A 1 66  ? 11.567  16.845  6.858   1.00 58.75 ? 66  ASP A CG  1 
ATOM   365  O  OD1 . ASP A 1 66  ? 11.959  16.552  5.701   1.00 59.20 ? 66  ASP A OD1 1 
ATOM   366  O  OD2 . ASP A 1 66  ? 11.455  18.020  7.263   1.00 61.78 ? 66  ASP A OD2 1 
ATOM   367  N  N   . GLY A 1 67  ? 8.915   13.271  8.754   1.00 53.75 ? 67  GLY A N   1 
ATOM   368  C  CA  . GLY A 1 67  ? 8.767   12.039  9.524   1.00 53.02 ? 67  GLY A CA  1 
ATOM   369  C  C   . GLY A 1 67  ? 8.460   10.799  8.690   1.00 51.92 ? 67  GLY A C   1 
ATOM   370  O  O   . GLY A 1 67  ? 8.546   9.669   9.199   1.00 51.36 ? 67  GLY A O   1 
ATOM   371  N  N   . VAL A 1 68  ? 8.120   11.027  7.416   1.00 50.79 ? 68  VAL A N   1 
ATOM   372  C  CA  . VAL A 1 68  ? 7.588   10.003  6.525   1.00 49.75 ? 68  VAL A CA  1 
ATOM   373  C  C   . VAL A 1 68  ? 8.070   10.170  5.075   1.00 49.43 ? 68  VAL A C   1 
ATOM   374  O  O   . VAL A 1 68  ? 7.925   11.244  4.489   1.00 49.06 ? 68  VAL A O   1 
ATOM   375  C  CB  . VAL A 1 68  ? 6.018   9.963   6.609   1.00 50.02 ? 68  VAL A CB  1 
ATOM   376  C  CG1 . VAL A 1 68  ? 5.379   11.258  6.081   1.00 48.35 ? 68  VAL A CG1 1 
ATOM   377  C  CG2 . VAL A 1 68  ? 5.440   8.708   5.926   1.00 48.78 ? 68  VAL A CG2 1 
ATOM   378  N  N   . TRP A 1 69  ? 8.673   9.115   4.514   1.00 48.87 ? 69  TRP A N   1 
ATOM   379  C  CA  . TRP A 1 69  ? 8.900   9.047   3.050   1.00 48.22 ? 69  TRP A CA  1 
ATOM   380  C  C   . TRP A 1 69  ? 7.665   8.416   2.400   1.00 46.91 ? 69  TRP A C   1 
ATOM   381  O  O   . TRP A 1 69  ? 7.238   7.332   2.803   1.00 46.97 ? 69  TRP A O   1 
ATOM   382  C  CB  . TRP A 1 69  ? 10.146  8.227   2.684   1.00 48.75 ? 69  TRP A CB  1 
ATOM   383  C  CG  . TRP A 1 69  ? 11.465  8.938   2.833   1.00 50.32 ? 69  TRP A CG  1 
ATOM   384  C  CD1 . TRP A 1 69  ? 11.662  10.282  3.038   1.00 51.87 ? 69  TRP A CD1 1 
ATOM   385  C  CD2 . TRP A 1 69  ? 12.775  8.351   2.751   1.00 51.20 ? 69  TRP A CD2 1 
ATOM   386  N  NE1 . TRP A 1 69  ? 13.007  10.560  3.122   1.00 52.37 ? 69  TRP A NE1 1 
ATOM   387  C  CE2 . TRP A 1 69  ? 13.716  9.399   2.948   1.00 51.94 ? 69  TRP A CE2 1 
ATOM   388  C  CE3 . TRP A 1 69  ? 13.248  7.045   2.544   1.00 50.30 ? 69  TRP A CE3 1 
ATOM   389  C  CZ2 . TRP A 1 69  ? 15.104  9.182   2.939   1.00 50.11 ? 69  TRP A CZ2 1 
ATOM   390  C  CZ3 . TRP A 1 69  ? 14.633  6.825   2.533   1.00 51.31 ? 69  TRP A CZ3 1 
ATOM   391  C  CH2 . TRP A 1 69  ? 15.545  7.894   2.737   1.00 51.00 ? 69  TRP A CH2 1 
ATOM   392  N  N   . ILE A 1 70  ? 7.085   9.099   1.421   1.00 45.25 ? 70  ILE A N   1 
ATOM   393  C  CA  . ILE A 1 70  ? 5.941   8.565   0.699   1.00 43.38 ? 70  ILE A CA  1 
ATOM   394  C  C   . ILE A 1 70  ? 6.377   8.066   -0.678  1.00 42.98 ? 70  ILE A C   1 
ATOM   395  O  O   . ILE A 1 70  ? 6.948   8.824   -1.475  1.00 42.33 ? 70  ILE A O   1 
ATOM   396  C  CB  . ILE A 1 70  ? 4.804   9.607   0.550   1.00 43.95 ? 70  ILE A CB  1 
ATOM   397  C  CG1 . ILE A 1 70  ? 4.430   10.235  1.919   1.00 41.61 ? 70  ILE A CG1 1 
ATOM   398  C  CG2 . ILE A 1 70  ? 3.573   8.987   -0.209  1.00 43.03 ? 70  ILE A CG2 1 
ATOM   399  C  CD1 . ILE A 1 70  ? 3.604   9.359   2.853   1.00 36.74 ? 70  ILE A CD1 1 
ATOM   400  N  N   . GLN A 1 71  ? 6.110   6.785   -0.947  1.00 41.62 ? 71  GLN A N   1 
ATOM   401  C  CA  . GLN A 1 71  ? 6.513   6.162   -2.218  1.00 40.51 ? 71  GLN A CA  1 
ATOM   402  C  C   . GLN A 1 71  ? 5.353   5.382   -2.894  1.00 39.70 ? 71  GLN A C   1 
ATOM   403  O  O   . GLN A 1 71  ? 4.878   4.373   -2.388  1.00 38.98 ? 71  GLN A O   1 
ATOM   404  C  CB  . GLN A 1 71  ? 7.765   5.281   -2.021  1.00 39.37 ? 71  GLN A CB  1 
ATOM   405  C  CG  . GLN A 1 71  ? 8.291   4.623   -3.294  1.00 39.91 ? 71  GLN A CG  1 
ATOM   406  C  CD  . GLN A 1 71  ? 8.831   5.608   -4.341  1.00 40.21 ? 71  GLN A CD  1 
ATOM   407  O  OE1 . GLN A 1 71  ? 8.366   5.650   -5.494  1.00 39.44 ? 71  GLN A OE1 1 
ATOM   408  N  NE2 . GLN A 1 71  ? 9.832   6.382   -3.952  1.00 38.20 ? 71  GLN A NE2 1 
ATOM   409  N  N   . GLY A 1 72  ? 4.900   5.895   -4.027  1.00 39.41 ? 72  GLY A N   1 
ATOM   410  C  CA  . GLY A 1 72  ? 4.058   5.144   -4.937  1.00 39.95 ? 72  GLY A CA  1 
ATOM   411  C  C   . GLY A 1 72  ? 4.872   4.133   -5.722  1.00 40.12 ? 72  GLY A C   1 
ATOM   412  O  O   . GLY A 1 72  ? 6.062   4.333   -5.953  1.00 40.16 ? 72  GLY A O   1 
ATOM   413  N  N   . VAL A 1 73  ? 4.231   3.031   -6.103  1.00 40.48 ? 73  VAL A N   1 
ATOM   414  C  CA  . VAL A 1 73  ? 4.839   2.005   -6.949  1.00 40.05 ? 73  VAL A CA  1 
ATOM   415  C  C   . VAL A 1 73  ? 4.689   2.384   -8.420  1.00 40.41 ? 73  VAL A C   1 
ATOM   416  O  O   . VAL A 1 73  ? 3.610   2.227   -9.002  1.00 41.07 ? 73  VAL A O   1 
ATOM   417  C  CB  . VAL A 1 73  ? 4.203   0.628   -6.708  1.00 39.84 ? 73  VAL A CB  1 
ATOM   418  C  CG1 . VAL A 1 73  ? 4.972   -0.454  -7.452  1.00 39.41 ? 73  VAL A CG1 1 
ATOM   419  C  CG2 . VAL A 1 73  ? 4.162   0.323   -5.242  1.00 38.73 ? 73  VAL A CG2 1 
ATOM   420  N  N   . GLY A 1 74  ? 5.765   2.890   -9.022  1.00 40.65 ? 74  GLY A N   1 
ATOM   421  C  CA  . GLY A 1 74  ? 5.775   3.190   -10.464 1.00 41.45 ? 74  GLY A CA  1 
ATOM   422  C  C   . GLY A 1 74  ? 6.617   2.180   -11.221 1.00 42.14 ? 74  GLY A C   1 
ATOM   423  O  O   . GLY A 1 74  ? 6.461   0.963   -11.029 1.00 43.02 ? 74  GLY A O   1 
ATOM   424  N  N   . GLY A 1 75  ? 7.525   2.665   -12.065 1.00 42.44 ? 75  GLY A N   1 
ATOM   425  C  CA  . GLY A 1 75  ? 8.452   1.776   -12.782 1.00 42.42 ? 75  GLY A CA  1 
ATOM   426  C  C   . GLY A 1 75  ? 7.763   0.737   -13.662 1.00 42.01 ? 75  GLY A C   1 
ATOM   427  O  O   . GLY A 1 75  ? 6.995   1.092   -14.553 1.00 42.09 ? 75  GLY A O   1 
ATOM   428  N  N   . ALA A 1 76  ? 8.056   -0.541  -13.399 1.00 41.68 ? 76  ALA A N   1 
ATOM   429  C  CA  . ALA A 1 76  ? 7.464   -1.673  -14.121 1.00 41.68 ? 76  ALA A CA  1 
ATOM   430  C  C   . ALA A 1 76  ? 5.980   -1.938  -13.795 1.00 41.84 ? 76  ALA A C   1 
ATOM   431  O  O   . ALA A 1 76  ? 5.329   -2.747  -14.480 1.00 41.02 ? 76  ALA A O   1 
ATOM   432  C  CB  . ALA A 1 76  ? 8.291   -2.962  -13.887 1.00 41.26 ? 76  ALA A CB  1 
ATOM   433  N  N   . TYR A 1 77  ? 5.455   -1.299  -12.741 1.00 42.09 ? 77  TYR A N   1 
ATOM   434  C  CA  . TYR A 1 77  ? 4.011   -1.340  -12.498 1.00 41.89 ? 77  TYR A CA  1 
ATOM   435  C  C   . TYR A 1 77  ? 3.305   -0.332  -13.391 1.00 41.62 ? 77  TYR A C   1 
ATOM   436  O  O   . TYR A 1 77  ? 3.367   0.878   -13.159 1.00 41.43 ? 77  TYR A O   1 
ATOM   437  C  CB  . TYR A 1 77  ? 3.658   -1.113  -11.025 1.00 42.04 ? 77  TYR A CB  1 
ATOM   438  C  CG  . TYR A 1 77  ? 2.171   -1.188  -10.728 1.00 41.86 ? 77  TYR A CG  1 
ATOM   439  C  CD1 . TYR A 1 77  ? 1.382   -2.237  -11.247 1.00 41.90 ? 77  TYR A CD1 1 
ATOM   440  C  CD2 . TYR A 1 77  ? 1.545   -0.220  -9.913  1.00 41.44 ? 77  TYR A CD2 1 
ATOM   441  C  CE1 . TYR A 1 77  ? 0.025   -2.313  -10.972 1.00 41.91 ? 77  TYR A CE1 1 
ATOM   442  C  CE2 . TYR A 1 77  ? 0.183   -0.292  -9.623  1.00 39.63 ? 77  TYR A CE2 1 
ATOM   443  C  CZ  . TYR A 1 77  ? -0.564  -1.337  -10.157 1.00 41.41 ? 77  TYR A CZ  1 
ATOM   444  O  OH  . TYR A 1 77  ? -1.889  -1.416  -9.903  1.00 40.65 ? 77  TYR A OH  1 
ATOM   445  N  N   . ARG A 1 78  ? 2.642   -0.849  -14.421 1.00 41.48 ? 78  ARG A N   1 
ATOM   446  C  CA  . ARG A 1 78  ? 1.933   -0.006  -15.382 1.00 41.46 ? 78  ARG A CA  1 
ATOM   447  C  C   . ARG A 1 78  ? 0.424   0.120   -15.097 1.00 40.44 ? 78  ARG A C   1 
ATOM   448  O  O   . ARG A 1 78  ? -0.302  0.810   -15.822 1.00 40.21 ? 78  ARG A O   1 
ATOM   449  C  CB  . ARG A 1 78  ? 2.154   -0.525  -16.807 1.00 41.87 ? 78  ARG A CB  1 
ATOM   450  C  CG  . ARG A 1 78  ? 3.627   -0.732  -17.249 1.00 45.63 ? 78  ARG A CG  1 
ATOM   451  C  CD  . ARG A 1 78  ? 4.546   0.505   -17.108 1.00 53.06 ? 78  ARG A CD  1 
ATOM   452  N  NE  . ARG A 1 78  ? 4.142   1.649   -17.935 1.00 59.90 ? 78  ARG A NE  1 
ATOM   453  C  CZ  . ARG A 1 78  ? 4.468   1.835   -19.224 1.00 63.58 ? 78  ARG A CZ  1 
ATOM   454  N  NH1 . ARG A 1 78  ? 4.046   2.931   -19.863 1.00 64.21 ? 78  ARG A NH1 1 
ATOM   455  N  NH2 . ARG A 1 78  ? 5.209   0.938   -19.884 1.00 64.73 ? 78  ARG A NH2 1 
ATOM   456  N  N   . ALA A 1 79  ? -0.045  -0.561  -14.053 1.00 39.75 ? 79  ALA A N   1 
ATOM   457  C  CA  . ALA A 1 79  ? -1.450  -0.518  -13.633 1.00 39.11 ? 79  ALA A CA  1 
ATOM   458  C  C   . ALA A 1 79  ? -2.379  -0.812  -14.804 1.00 38.73 ? 79  ALA A C   1 
ATOM   459  O  O   . ALA A 1 79  ? -3.350  -0.097  -15.038 1.00 38.22 ? 79  ALA A O   1 
ATOM   460  C  CB  . ALA A 1 79  ? -1.777  0.834   -12.977 1.00 38.90 ? 79  ALA A CB  1 
ATOM   461  N  N   . THR A 1 80  ? -2.036  -1.861  -15.548 1.00 38.75 ? 80  THR A N   1 
ATOM   462  C  CA  . THR A 1 80  ? -2.759  -2.270  -16.760 1.00 39.17 ? 80  THR A CA  1 
ATOM   463  C  C   . THR A 1 80  ? -4.053  -2.973  -16.344 1.00 38.15 ? 80  THR A C   1 
ATOM   464  O  O   . THR A 1 80  ? -4.045  -3.830  -15.453 1.00 37.81 ? 80  THR A O   1 
ATOM   465  C  CB  . THR A 1 80  ? -1.874  -3.212  -17.626 1.00 39.42 ? 80  THR A CB  1 
ATOM   466  O  OG1 . THR A 1 80  ? -0.749  -2.482  -18.149 1.00 43.31 ? 80  THR A OG1 1 
ATOM   467  C  CG2 . THR A 1 80  ? -2.636  -3.781  -18.771 1.00 40.26 ? 80  THR A CG2 1 
ATOM   468  N  N   . LEU A 1 81  ? -5.156  -2.593  -16.979 1.00 37.28 ? 81  LEU A N   1 
ATOM   469  C  CA  . LEU A 1 81  ? -6.460  -3.213  -16.725 1.00 36.97 ? 81  LEU A CA  1 
ATOM   470  C  C   . LEU A 1 81  ? -6.465  -4.742  -16.931 1.00 35.69 ? 81  LEU A C   1 
ATOM   471  O  O   . LEU A 1 81  ? -6.942  -5.480  -16.076 1.00 35.51 ? 81  LEU A O   1 
ATOM   472  C  CB  . LEU A 1 81  ? -7.532  -2.561  -17.612 1.00 37.34 ? 81  LEU A CB  1 
ATOM   473  C  CG  . LEU A 1 81  ? -8.890  -2.148  -17.029 1.00 39.46 ? 81  LEU A CG  1 
ATOM   474  C  CD1 . LEU A 1 81  ? -10.067 -2.535  -17.968 1.00 40.00 ? 81  LEU A CD1 1 
ATOM   475  C  CD2 . LEU A 1 81  ? -9.129  -2.651  -15.598 1.00 38.19 ? 81  LEU A CD2 1 
ATOM   476  N  N   . GLY A 1 82  ? -5.922  -5.216  -18.057 1.00 35.13 ? 82  GLY A N   1 
ATOM   477  C  CA  . GLY A 1 82  ? -5.887  -6.657  -18.364 1.00 33.42 ? 82  GLY A CA  1 
ATOM   478  C  C   . GLY A 1 82  ? -5.109  -7.510  -17.393 1.00 33.19 ? 82  GLY A C   1 
ATOM   479  O  O   . GLY A 1 82  ? -5.350  -8.718  -17.289 1.00 33.39 ? 82  GLY A O   1 
ATOM   480  N  N   . ASP A 1 83  ? -4.175  -6.889  -16.671 1.00 33.11 ? 83  ASP A N   1 
ATOM   481  C  CA  . ASP A 1 83  ? -3.341  -7.601  -15.712 1.00 33.52 ? 83  ASP A CA  1 
ATOM   482  C  C   . ASP A 1 83  ? -4.121  -8.081  -14.498 1.00 33.13 ? 83  ASP A C   1 
ATOM   483  O  O   . ASP A 1 83  ? -3.709  -9.026  -13.836 1.00 32.90 ? 83  ASP A O   1 
ATOM   484  C  CB  . ASP A 1 83  ? -2.126  -6.762  -15.292 1.00 33.97 ? 83  ASP A CB  1 
ATOM   485  C  CG  . ASP A 1 83  ? -0.999  -6.773  -16.343 1.00 35.91 ? 83  ASP A CG  1 
ATOM   486  O  OD1 . ASP A 1 83  ? -1.106  -7.510  -17.347 1.00 35.29 ? 83  ASP A OD1 1 
ATOM   487  O  OD2 . ASP A 1 83  ? 0.002   -6.041  -16.160 1.00 36.70 ? 83  ASP A OD2 1 
ATOM   488  N  N   . ASN A 1 84  ? -5.243  -7.424  -14.206 1.00 33.31 ? 84  ASN A N   1 
ATOM   489  C  CA  . ASN A 1 84  ? -6.174  -7.883  -13.180 1.00 33.34 ? 84  ASN A CA  1 
ATOM   490  C  C   . ASN A 1 84  ? -6.538  -9.348  -13.399 1.00 33.83 ? 84  ASN A C   1 
ATOM   491  O  O   . ASN A 1 84  ? -6.773  -10.101 -12.446 1.00 33.24 ? 84  ASN A O   1 
ATOM   492  C  CB  . ASN A 1 84  ? -7.448  -7.038  -13.229 1.00 33.50 ? 84  ASN A CB  1 
ATOM   493  C  CG  . ASN A 1 84  ? -7.307  -5.722  -12.503 1.00 32.19 ? 84  ASN A CG  1 
ATOM   494  O  OD1 . ASN A 1 84  ? -7.152  -5.693  -11.291 1.00 30.87 ? 84  ASN A OD1 1 
ATOM   495  N  ND2 . ASN A 1 84  ? -7.371  -4.626  -13.240 1.00 31.98 ? 84  ASN A ND2 1 
ATOM   496  N  N   . ALA A 1 85  ? -6.565  -9.744  -14.671 1.00 34.81 ? 85  ALA A N   1 
ATOM   497  C  CA  . ALA A 1 85  ? -6.990  -11.101 -15.082 1.00 35.61 ? 85  ALA A CA  1 
ATOM   498  C  C   . ALA A 1 85  ? -5.931  -12.188 -14.873 1.00 36.03 ? 85  ALA A C   1 
ATOM   499  O  O   . ALA A 1 85  ? -6.207  -13.382 -15.099 1.00 36.94 ? 85  ALA A O   1 
ATOM   500  C  CB  . ALA A 1 85  ? -7.483  -11.090 -16.531 1.00 35.05 ? 85  ALA A CB  1 
ATOM   501  N  N   . LEU A 1 86  ? -4.732  -11.789 -14.434 1.00 35.88 ? 86  LEU A N   1 
ATOM   502  C  CA  . LEU A 1 86  ? -3.648  -12.743 -14.143 1.00 36.12 ? 86  LEU A CA  1 
ATOM   503  C  C   . LEU A 1 86  ? -3.881  -13.402 -12.774 1.00 36.15 ? 86  LEU A C   1 
ATOM   504  O  O   . LEU A 1 86  ? -4.598  -12.844 -11.949 1.00 36.91 ? 86  LEU A O   1 
ATOM   505  C  CB  . LEU A 1 86  ? -2.266  -12.066 -14.237 1.00 35.74 ? 86  LEU A CB  1 
ATOM   506  C  CG  . LEU A 1 86  ? -1.779  -11.644 -15.624 1.00 36.69 ? 86  LEU A CG  1 
ATOM   507  C  CD1 . LEU A 1 86  ? -0.606  -10.692 -15.529 1.00 38.15 ? 86  LEU A CD1 1 
ATOM   508  C  CD2 . LEU A 1 86  ? -1.393  -12.858 -16.476 1.00 38.86 ? 86  LEU A CD2 1 
ATOM   509  N  N   . PRO A 1 87  ? -3.306  -14.594 -12.543 1.00 35.66 ? 87  PRO A N   1 
ATOM   510  C  CA  . PRO A 1 87  ? -3.546  -15.414 -11.356 1.00 36.29 ? 87  PRO A CA  1 
ATOM   511  C  C   . PRO A 1 87  ? -3.461  -14.685 -10.004 1.00 36.54 ? 87  PRO A C   1 
ATOM   512  O  O   . PRO A 1 87  ? -4.314  -14.924 -9.127  1.00 36.92 ? 87  PRO A O   1 
ATOM   513  C  CB  . PRO A 1 87  ? -2.433  -16.477 -11.424 1.00 35.99 ? 87  PRO A CB  1 
ATOM   514  C  CG  . PRO A 1 87  ? -2.163  -16.621 -12.839 1.00 36.34 ? 87  PRO A CG  1 
ATOM   515  C  CD  . PRO A 1 87  ? -2.375  -15.257 -13.467 1.00 35.92 ? 87  PRO A CD  1 
ATOM   516  N  N   . ARG A 1 88  ? -2.441  -13.848 -9.814  1.00 35.62 ? 88  ARG A N   1 
ATOM   517  C  CA  . ARG A 1 88  ? -2.343  -13.097 -8.542  1.00 35.86 ? 88  ARG A CA  1 
ATOM   518  C  C   . ARG A 1 88  ? -3.035  -11.732 -8.587  1.00 34.85 ? 88  ARG A C   1 
ATOM   519  O  O   . ARG A 1 88  ? -3.089  -11.039 -7.575  1.00 35.47 ? 88  ARG A O   1 
ATOM   520  C  CB  . ARG A 1 88  ? -0.896  -12.978 -8.078  1.00 35.77 ? 88  ARG A CB  1 
ATOM   521  C  CG  . ARG A 1 88  ? -0.161  -14.319 -8.164  1.00 37.34 ? 88  ARG A CG  1 
ATOM   522  C  CD  . ARG A 1 88  ? 1.281   -14.196 -7.737  1.00 38.25 ? 88  ARG A CD  1 
ATOM   523  N  NE  . ARG A 1 88  ? 1.378   -14.206 -6.276  1.00 38.80 ? 88  ARG A NE  1 
ATOM   524  C  CZ  . ARG A 1 88  ? 2.484   -13.915 -5.610  1.00 36.98 ? 88  ARG A CZ  1 
ATOM   525  N  NH1 . ARG A 1 88  ? 3.594   -13.589 -6.265  1.00 37.31 ? 88  ARG A NH1 1 
ATOM   526  N  NH2 . ARG A 1 88  ? 2.480   -13.950 -4.298  1.00 35.91 ? 88  ARG A NH2 1 
ATOM   527  N  N   . GLY A 1 89  ? -3.579  -11.366 -9.749  1.00 33.60 ? 89  GLY A N   1 
ATOM   528  C  CA  . GLY A 1 89  ? -4.349  -10.135 -9.880  1.00 32.43 ? 89  GLY A CA  1 
ATOM   529  C  C   . GLY A 1 89  ? -3.500  -8.984  -10.368 1.00 31.65 ? 89  GLY A C   1 
ATOM   530  O  O   . GLY A 1 89  ? -3.977  -7.834  -10.452 1.00 30.77 ? 89  GLY A O   1 
ATOM   531  N  N   . THR A 1 90  ? -2.240  -9.300  -10.680 1.00 30.63 ? 90  THR A N   1 
ATOM   532  C  CA  . THR A 1 90  ? -1.315  -8.340  -11.281 1.00 30.12 ? 90  THR A CA  1 
ATOM   533  C  C   . THR A 1 90  ? -0.166  -9.094  -11.994 1.00 30.76 ? 90  THR A C   1 
ATOM   534  O  O   . THR A 1 90  ? -0.111  -10.318 -11.940 1.00 30.24 ? 90  THR A O   1 
ATOM   535  C  CB  . THR A 1 90  ? -0.799  -7.264  -10.231 1.00 29.87 ? 90  THR A CB  1 
ATOM   536  O  OG1 . THR A 1 90  ? -0.057  -6.237  -10.908 1.00 27.98 ? 90  THR A OG1 1 
ATOM   537  C  CG2 . THR A 1 90  ? 0.025   -7.889  -9.116  1.00 26.80 ? 90  THR A CG2 1 
ATOM   538  N  N   . SER A 1 91  ? 0.725   -8.365  -12.666 1.00 31.18 ? 91  SER A N   1 
ATOM   539  C  CA  . SER A 1 91  ? 1.862   -8.983  -13.346 1.00 32.75 ? 91  SER A CA  1 
ATOM   540  C  C   . SER A 1 91  ? 2.979   -9.351  -12.382 1.00 33.34 ? 91  SER A C   1 
ATOM   541  O  O   . SER A 1 91  ? 3.075   -8.789  -11.286 1.00 34.46 ? 91  SER A O   1 
ATOM   542  C  CB  . SER A 1 91  ? 2.416   -8.061  -14.423 1.00 32.53 ? 91  SER A CB  1 
ATOM   543  O  OG  . SER A 1 91  ? 3.072   -6.965  -13.822 1.00 32.76 ? 91  SER A OG  1 
ATOM   544  N  N   . SER A 1 92  ? 3.810   -10.305 -12.799 1.00 33.60 ? 92  SER A N   1 
ATOM   545  C  CA  . SER A 1 92  ? 5.056   -10.688 -12.102 1.00 32.97 ? 92  SER A CA  1 
ATOM   546  C  C   . SER A 1 92  ? 6.049   -9.538  -12.020 1.00 32.86 ? 92  SER A C   1 
ATOM   547  O  O   . SER A 1 92  ? 6.726   -9.379  -10.999 1.00 32.70 ? 92  SER A O   1 
ATOM   548  C  CB  . SER A 1 92  ? 5.734   -11.845 -12.850 1.00 33.00 ? 92  SER A CB  1 
ATOM   549  O  OG  . SER A 1 92  ? 5.177   -13.085 -12.486 1.00 33.89 ? 92  SER A OG  1 
ATOM   550  N  N   . ALA A 1 93  ? 6.133   -8.766  -13.106 1.00 32.32 ? 93  ALA A N   1 
ATOM   551  C  CA  . ALA A 1 93  ? 6.937   -7.551  -13.184 1.00 33.14 ? 93  ALA A CA  1 
ATOM   552  C  C   . ALA A 1 93  ? 6.574   -6.493  -12.119 1.00 34.22 ? 93  ALA A C   1 
ATOM   553  O  O   . ALA A 1 93  ? 7.469   -5.907  -11.481 1.00 34.23 ? 93  ALA A O   1 
ATOM   554  C  CB  . ALA A 1 93  ? 6.829   -6.935  -14.590 1.00 32.07 ? 93  ALA A CB  1 
ATOM   555  N  N   . ALA A 1 94  ? 5.267   -6.212  -11.986 1.00 34.93 ? 94  ALA A N   1 
ATOM   556  C  CA  . ALA A 1 94  ? 4.743   -5.291  -10.978 1.00 35.02 ? 94  ALA A CA  1 
ATOM   557  C  C   . ALA A 1 94  ? 5.148   -5.767  -9.595  1.00 35.74 ? 94  ALA A C   1 
ATOM   558  O  O   . ALA A 1 94  ? 5.640   -4.985  -8.779  1.00 35.48 ? 94  ALA A O   1 
ATOM   559  C  CB  . ALA A 1 94  ? 3.231   -5.200  -11.089 1.00 34.96 ? 94  ALA A CB  1 
ATOM   560  N  N   . ILE A 1 95  ? 4.960   -7.064  -9.352  1.00 36.85 ? 95  ILE A N   1 
ATOM   561  C  CA  . ILE A 1 95  ? 5.314   -7.684  -8.084  1.00 38.23 ? 95  ILE A CA  1 
ATOM   562  C  C   . ILE A 1 95  ? 6.807   -7.565  -7.742  1.00 39.92 ? 95  ILE A C   1 
ATOM   563  O  O   . ILE A 1 95  ? 7.166   -7.292  -6.594  1.00 40.87 ? 95  ILE A O   1 
ATOM   564  C  CB  . ILE A 1 95  ? 4.871   -9.148  -8.019  1.00 38.07 ? 95  ILE A CB  1 
ATOM   565  C  CG1 . ILE A 1 95  ? 3.353   -9.249  -8.161  1.00 37.72 ? 95  ILE A CG1 1 
ATOM   566  C  CG2 . ILE A 1 95  ? 5.327   -9.788  -6.698  1.00 37.92 ? 95  ILE A CG2 1 
ATOM   567  C  CD1 . ILE A 1 95  ? 2.797   -10.668 -8.202  1.00 37.48 ? 95  ILE A CD1 1 
ATOM   568  N  N   . ARG A 1 96  ? 7.679   -7.734  -8.728  1.00 41.26 ? 96  ARG A N   1 
ATOM   569  C  CA  . ARG A 1 96  ? 9.077   -7.563  -8.442  1.00 42.72 ? 96  ARG A CA  1 
ATOM   570  C  C   . ARG A 1 96  ? 9.437   -6.063  -8.292  1.00 42.16 ? 96  ARG A C   1 
ATOM   571  O  O   . ARG A 1 96  ? 10.301  -5.716  -7.493  1.00 42.18 ? 96  ARG A O   1 
ATOM   572  C  CB  . ARG A 1 96  ? 9.970   -8.405  -9.388  1.00 43.05 ? 96  ARG A CB  1 
ATOM   573  C  CG  . ARG A 1 96  ? 10.417  -7.771  -10.701 1.00 44.88 ? 96  ARG A CG  1 
ATOM   574  C  CD  . ARG A 1 96  ? 11.259  -8.786  -11.527 1.00 45.83 ? 96  ARG A CD  1 
ATOM   575  N  NE  . ARG A 1 96  ? 10.417  -9.798  -12.190 1.00 49.78 ? 96  ARG A NE  1 
ATOM   576  C  CZ  . ARG A 1 96  ? 9.963   -9.721  -13.449 1.00 51.47 ? 96  ARG A CZ  1 
ATOM   577  N  NH1 . ARG A 1 96  ? 10.273  -8.683  -14.233 1.00 49.40 ? 96  ARG A NH1 1 
ATOM   578  N  NH2 . ARG A 1 96  ? 9.197   -10.706 -13.932 1.00 52.53 ? 96  ARG A NH2 1 
ATOM   579  N  N   . GLU A 1 97  ? 8.744   -5.186  -9.013  1.00 41.99 ? 97  GLU A N   1 
ATOM   580  C  CA  . GLU A 1 97  ? 8.909   -3.734  -8.827  1.00 42.34 ? 97  GLU A CA  1 
ATOM   581  C  C   . GLU A 1 97  ? 8.596   -3.264  -7.395  1.00 42.08 ? 97  GLU A C   1 
ATOM   582  O  O   . GLU A 1 97  ? 9.337   -2.437  -6.837  1.00 42.49 ? 97  GLU A O   1 
ATOM   583  C  CB  . GLU A 1 97  ? 8.063   -2.944  -9.826  1.00 42.45 ? 97  GLU A CB  1 
ATOM   584  C  CG  . GLU A 1 97  ? 8.154   -1.422  -9.702  1.00 44.76 ? 97  GLU A CG  1 
ATOM   585  C  CD  . GLU A 1 97  ? 9.467   -0.861  -10.262 1.00 49.64 ? 97  GLU A CD  1 
ATOM   586  O  OE1 . GLU A 1 97  ? 9.927   -1.328  -11.337 1.00 49.17 ? 97  GLU A OE1 1 
ATOM   587  O  OE2 . GLU A 1 97  ? 10.031  0.058   -9.621  1.00 51.77 ? 97  GLU A OE2 1 
ATOM   588  N  N   . MET A 1 98  ? 7.510   -3.786  -6.811  1.00 40.86 ? 98  MET A N   1 
ATOM   589  C  CA  . MET A 1 98  ? 7.119   -3.416  -5.447  1.00 39.35 ? 98  MET A CA  1 
ATOM   590  C  C   . MET A 1 98  ? 7.970   -4.131  -4.396  1.00 39.28 ? 98  MET A C   1 
ATOM   591  O  O   . MET A 1 98  ? 8.244   -3.576  -3.326  1.00 40.01 ? 98  MET A O   1 
ATOM   592  C  CB  . MET A 1 98  ? 5.604   -3.624  -5.207  1.00 38.97 ? 98  MET A CB  1 
ATOM   593  C  CG  . MET A 1 98  ? 5.097   -3.168  -3.822  1.00 38.51 ? 98  MET A CG  1 
ATOM   594  S  SD  . MET A 1 98  ? 3.291   -3.148  -3.591  1.00 36.86 ? 98  MET A SD  1 
ATOM   595  C  CE  . MET A 1 98  ? 3.154   -2.331  -1.976  1.00 38.08 ? 98  MET A CE  1 
ATOM   596  N  N   . LEU A 1 99  ? 8.363   -5.364  -4.681  1.00 39.00 ? 99  LEU A N   1 
ATOM   597  C  CA  . LEU A 1 99  ? 9.282   -6.111  -3.796  1.00 38.55 ? 99  LEU A CA  1 
ATOM   598  C  C   . LEU A 1 99  ? 10.633  -5.401  -3.689  1.00 38.68 ? 99  LEU A C   1 
ATOM   599  O  O   . LEU A 1 99  ? 11.234  -5.344  -2.607  1.00 38.60 ? 99  LEU A O   1 
ATOM   600  C  CB  . LEU A 1 99  ? 9.521   -7.521  -4.320  1.00 38.34 ? 99  LEU A CB  1 
ATOM   601  C  CG  . LEU A 1 99  ? 8.722   -8.696  -3.793  1.00 38.33 ? 99  LEU A CG  1 
ATOM   602  C  CD1 . LEU A 1 99  ? 9.006   -9.880  -4.680  1.00 37.50 ? 99  LEU A CD1 1 
ATOM   603  C  CD2 . LEU A 1 99  ? 9.118   -9.000  -2.373  1.00 37.78 ? 99  LEU A CD2 1 
ATOM   604  N  N   . GLY A 1 100 ? 11.091  -4.872  -4.818  1.00 38.38 ? 100 GLY A N   1 
ATOM   605  C  CA  . GLY A 1 100 ? 12.289  -4.046  -4.879  1.00 39.10 ? 100 GLY A CA  1 
ATOM   606  C  C   . GLY A 1 100 ? 12.239  -2.783  -4.035  1.00 39.31 ? 100 GLY A C   1 
ATOM   607  O  O   . GLY A 1 100 ? 13.238  -2.414  -3.401  1.00 39.24 ? 100 GLY A O   1 
ATOM   608  N  N   . LEU A 1 101 ? 11.087  -2.110  -4.043  1.00 39.70 ? 101 LEU A N   1 
ATOM   609  C  CA  . LEU A 1 101 ? 10.874  -0.905  -3.230  1.00 39.25 ? 101 LEU A CA  1 
ATOM   610  C  C   . LEU A 1 101 ? 10.921  -1.182  -1.730  1.00 39.61 ? 101 LEU A C   1 
ATOM   611  O  O   . LEU A 1 101 ? 11.523  -0.428  -0.987  1.00 40.63 ? 101 LEU A O   1 
ATOM   612  C  CB  . LEU A 1 101 ? 9.560   -0.229  -3.595  1.00 39.15 ? 101 LEU A CB  1 
ATOM   613  C  CG  . LEU A 1 101 ? 9.543   0.438   -4.959  1.00 37.09 ? 101 LEU A CG  1 
ATOM   614  C  CD1 . LEU A 1 101 ? 8.118   0.856   -5.304  1.00 32.83 ? 101 LEU A CD1 1 
ATOM   615  C  CD2 . LEU A 1 101 ? 10.512  1.620   -5.001  1.00 36.63 ? 101 LEU A CD2 1 
ATOM   616  N  N   . PHE A 1 102 ? 10.303  -2.261  -1.291  1.00 39.87 ? 102 PHE A N   1 
ATOM   617  C  CA  . PHE A 1 102 ? 10.409  -2.699  0.089   1.00 41.13 ? 102 PHE A CA  1 
ATOM   618  C  C   . PHE A 1 102 ? 11.859  -2.948  0.505   1.00 42.18 ? 102 PHE A C   1 
ATOM   619  O  O   . PHE A 1 102 ? 12.243  -2.658  1.649   1.00 41.51 ? 102 PHE A O   1 
ATOM   620  C  CB  . PHE A 1 102 ? 9.621   -3.988  0.290   1.00 40.75 ? 102 PHE A CB  1 
ATOM   621  C  CG  . PHE A 1 102 ? 8.131   -3.783  0.458   1.00 42.11 ? 102 PHE A CG  1 
ATOM   622  C  CD1 . PHE A 1 102 ? 7.626   -3.005  1.504   1.00 39.66 ? 102 PHE A CD1 1 
ATOM   623  C  CD2 . PHE A 1 102 ? 7.228   -4.398  -0.420  1.00 41.65 ? 102 PHE A CD2 1 
ATOM   624  C  CE1 . PHE A 1 102 ? 6.249   -2.833  1.665   1.00 40.95 ? 102 PHE A CE1 1 
ATOM   625  C  CE2 . PHE A 1 102 ? 5.849   -4.233  -0.264  1.00 40.70 ? 102 PHE A CE2 1 
ATOM   626  C  CZ  . PHE A 1 102 ? 5.356   -3.451  0.783   1.00 40.65 ? 102 PHE A CZ  1 
ATOM   627  N  N   . GLN A 1 103 ? 12.635  -3.507  -0.429  1.00 43.24 ? 103 GLN A N   1 
ATOM   628  C  CA  . GLN A 1 103 ? 14.026  -3.854  -0.207  1.00 44.75 ? 103 GLN A CA  1 
ATOM   629  C  C   . GLN A 1 103 ? 14.910  -2.601  -0.190  1.00 45.47 ? 103 GLN A C   1 
ATOM   630  O  O   . GLN A 1 103 ? 15.806  -2.486  0.633   1.00 45.44 ? 103 GLN A O   1 
ATOM   631  C  CB  . GLN A 1 103 ? 14.498  -4.862  -1.265  1.00 44.82 ? 103 GLN A CB  1 
ATOM   632  C  CG  . GLN A 1 103 ? 14.039  -6.315  -0.994  1.00 45.34 ? 103 GLN A CG  1 
ATOM   633  C  CD  . GLN A 1 103 ? 13.919  -7.159  -2.269  1.00 48.25 ? 103 GLN A CD  1 
ATOM   634  O  OE1 . GLN A 1 103 ? 14.160  -6.671  -3.395  1.00 47.40 ? 103 GLN A OE1 1 
ATOM   635  N  NE2 . GLN A 1 103 ? 13.522  -8.427  -2.099  1.00 47.29 ? 103 GLN A NE2 1 
ATOM   636  N  N   . GLN A 1 104 ? 14.643  -1.664  -1.089  1.00 46.70 ? 104 GLN A N   1 
ATOM   637  C  CA  . GLN A 1 104 ? 15.321  -0.386  -1.068  1.00 48.37 ? 104 GLN A CA  1 
ATOM   638  C  C   . GLN A 1 104 ? 15.104  0.330   0.276   1.00 49.77 ? 104 GLN A C   1 
ATOM   639  O  O   . GLN A 1 104 ? 16.037  0.934   0.822   1.00 50.22 ? 104 GLN A O   1 
ATOM   640  C  CB  . GLN A 1 104 ? 14.820  0.469   -2.213  1.00 48.51 ? 104 GLN A CB  1 
ATOM   641  C  CG  . GLN A 1 104 ? 15.548  1.780   -2.374  1.00 49.79 ? 104 GLN A CG  1 
ATOM   642  C  CD  . GLN A 1 104 ? 15.222  2.425   -3.683  1.00 51.71 ? 104 GLN A CD  1 
ATOM   643  O  OE1 . GLN A 1 104 ? 14.829  1.739   -4.632  1.00 53.05 ? 104 GLN A OE1 1 
ATOM   644  N  NE2 . GLN A 1 104 ? 15.368  3.751   -3.757  1.00 51.15 ? 104 GLN A NE2 1 
ATOM   645  N  N   . ALA A 1 105 ? 13.879  0.247   0.803   1.00 50.82 ? 105 ALA A N   1 
ATOM   646  C  CA  . ALA A 1 105 ? 13.538  0.786   2.130   1.00 51.85 ? 105 ALA A CA  1 
ATOM   647  C  C   . ALA A 1 105 ? 14.349  0.140   3.237   1.00 52.37 ? 105 ALA A C   1 
ATOM   648  O  O   . ALA A 1 105 ? 14.965  0.843   4.036   1.00 52.56 ? 105 ALA A O   1 
ATOM   649  C  CB  . ALA A 1 105 ? 12.039  0.646   2.420   1.00 51.56 ? 105 ALA A CB  1 
ATOM   650  N  N   . ASN A 1 106 ? 14.334  -1.191  3.278   1.00 53.15 ? 106 ASN A N   1 
ATOM   651  C  CA  . ASN A 1 106 ? 15.129  -1.975  4.226   1.00 54.11 ? 106 ASN A CA  1 
ATOM   652  C  C   . ASN A 1 106 ? 16.624  -1.607  4.190   1.00 54.84 ? 106 ASN A C   1 
ATOM   653  O  O   . ASN A 1 106 ? 17.289  -1.599  5.230   1.00 55.69 ? 106 ASN A O   1 
ATOM   654  C  CB  . ASN A 1 106 ? 14.931  -3.469  3.954   1.00 53.77 ? 106 ASN A CB  1 
ATOM   655  C  CG  . ASN A 1 106 ? 15.705  -4.375  4.928   1.00 54.62 ? 106 ASN A CG  1 
ATOM   656  O  OD1 . ASN A 1 106 ? 15.440  -4.397  6.131   1.00 54.91 ? 106 ASN A OD1 1 
ATOM   657  N  ND2 . ASN A 1 106 ? 16.639  -5.164  4.386   1.00 54.93 ? 106 ASN A ND2 1 
ATOM   658  N  N   . THR A 1 107 ? 17.131  -1.284  2.999   1.00 55.03 ? 107 THR A N   1 
ATOM   659  C  CA  . THR A 1 107 ? 18.546  -0.990  2.794   1.00 55.42 ? 107 THR A CA  1 
ATOM   660  C  C   . THR A 1 107 ? 18.891  0.467   3.145   1.00 55.41 ? 107 THR A C   1 
ATOM   661  O  O   . THR A 1 107 ? 19.760  0.696   3.984   1.00 55.83 ? 107 THR A O   1 
ATOM   662  C  CB  . THR A 1 107 ? 19.011  -1.389  1.348   1.00 55.61 ? 107 THR A CB  1 
ATOM   663  O  OG1 . THR A 1 107 ? 18.812  -2.797  1.159   1.00 55.69 ? 107 THR A OG1 1 
ATOM   664  C  CG2 . THR A 1 107 ? 20.487  -1.075  1.115   1.00 55.68 ? 107 THR A CG2 1 
ATOM   665  N  N   . LYS A 1 108 ? 18.223  1.438   2.515   1.00 55.12 ? 108 LYS A N   1 
ATOM   666  C  CA  . LYS A 1 108 ? 18.448  2.849   2.830   1.00 54.91 ? 108 LYS A CA  1 
ATOM   667  C  C   . LYS A 1 108 ? 18.228  3.155   4.310   1.00 55.32 ? 108 LYS A C   1 
ATOM   668  O  O   . LYS A 1 108 ? 19.094  3.745   4.976   1.00 55.69 ? 108 LYS A O   1 
ATOM   669  C  CB  . LYS A 1 108 ? 17.560  3.765   1.993   1.00 54.53 ? 108 LYS A CB  1 
ATOM   670  C  CG  . LYS A 1 108 ? 17.879  3.754   0.529   1.00 53.42 ? 108 LYS A CG  1 
ATOM   671  C  CD  . LYS A 1 108 ? 17.617  5.081   -0.099  1.00 50.41 ? 108 LYS A CD  1 
ATOM   672  C  CE  . LYS A 1 108 ? 17.572  4.908   -1.585  1.00 51.19 ? 108 LYS A CE  1 
ATOM   673  N  NZ  . LYS A 1 108 ? 17.701  6.200   -2.290  1.00 52.92 ? 108 LYS A NZ  1 
ATOM   674  N  N   . CYS A 1 109 ? 17.076  2.732   4.819   1.00 55.28 ? 109 CYS A N   1 
ATOM   675  C  CA  . CYS A 1 109 ? 16.626  3.120   6.146   1.00 55.17 ? 109 CYS A CA  1 
ATOM   676  C  C   . CYS A 1 109 ? 16.234  1.932   7.031   1.00 54.40 ? 109 CYS A C   1 
ATOM   677  O  O   . CYS A 1 109 ? 15.051  1.698   7.278   1.00 54.50 ? 109 CYS A O   1 
ATOM   678  C  CB  . CYS A 1 109 ? 15.488  4.120   6.005   1.00 54.87 ? 109 CYS A CB  1 
ATOM   679  S  SG  . CYS A 1 109 ? 15.980  5.638   5.167   1.00 59.31 ? 109 CYS A SG  1 
ATOM   680  N  N   . PRO A 1 110 ? 17.233  1.192   7.539   1.00 54.09 ? 110 PRO A N   1 
ATOM   681  C  CA  . PRO A 1 110 ? 16.992  -0.049  8.299   1.00 53.89 ? 110 PRO A CA  1 
ATOM   682  C  C   . PRO A 1 110 ? 16.235  0.129   9.619   1.00 53.69 ? 110 PRO A C   1 
ATOM   683  O  O   . PRO A 1 110 ? 15.810  -0.862  10.226  1.00 53.29 ? 110 PRO A O   1 
ATOM   684  C  CB  . PRO A 1 110 ? 18.408  -0.582  8.565   1.00 54.19 ? 110 PRO A CB  1 
ATOM   685  C  CG  . PRO A 1 110 ? 19.283  0.604   8.464   1.00 54.21 ? 110 PRO A CG  1 
ATOM   686  C  CD  . PRO A 1 110 ? 18.672  1.485   7.415   1.00 54.16 ? 110 PRO A CD  1 
ATOM   687  N  N   . ASP A 1 111 ? 16.071  1.382   10.048  1.00 53.54 ? 111 ASP A N   1 
ATOM   688  C  CA  . ASP A 1 111 ? 15.418  1.700   11.322  1.00 53.22 ? 111 ASP A CA  1 
ATOM   689  C  C   . ASP A 1 111 ? 14.012  2.301   11.132  1.00 52.17 ? 111 ASP A C   1 
ATOM   690  O  O   . ASP A 1 111 ? 13.198  2.279   12.051  1.00 52.25 ? 111 ASP A O   1 
ATOM   691  C  CB  . ASP A 1 111 ? 16.312  2.619   12.174  1.00 53.79 ? 111 ASP A CB  1 
ATOM   692  C  CG  . ASP A 1 111 ? 17.678  1.991   12.481  1.00 56.29 ? 111 ASP A CG  1 
ATOM   693  O  OD1 . ASP A 1 111 ? 17.723  0.864   13.034  1.00 58.12 ? 111 ASP A OD1 1 
ATOM   694  O  OD2 . ASP A 1 111 ? 18.709  2.626   12.160  1.00 57.91 ? 111 ASP A OD2 1 
ATOM   695  N  N   . ALA A 1 112 ? 13.749  2.842   9.943   1.00 51.14 ? 112 ALA A N   1 
ATOM   696  C  CA  . ALA A 1 112 ? 12.398  3.226   9.520   1.00 49.61 ? 112 ALA A CA  1 
ATOM   697  C  C   . ALA A 1 112 ? 11.354  2.112   9.705   1.00 48.70 ? 112 ALA A C   1 
ATOM   698  O  O   . ALA A 1 112 ? 11.609  0.928   9.420   1.00 48.67 ? 112 ALA A O   1 
ATOM   699  C  CB  . ALA A 1 112 ? 12.417  3.700   8.079   1.00 49.32 ? 112 ALA A CB  1 
ATOM   700  N  N   . THR A 1 113 ? 10.198  2.499   10.238  1.00 47.32 ? 113 THR A N   1 
ATOM   701  C  CA  . THR A 1 113 ? 9.013   1.651   10.217  1.00 45.78 ? 113 THR A CA  1 
ATOM   702  C  C   . THR A 1 113 ? 8.370   1.677   8.822   1.00 43.68 ? 113 THR A C   1 
ATOM   703  O  O   . THR A 1 113 ? 8.338   2.713   8.143   1.00 42.73 ? 113 THR A O   1 
ATOM   704  C  CB  . THR A 1 113 ? 7.997   2.065   11.291  1.00 45.93 ? 113 THR A CB  1 
ATOM   705  O  OG1 . THR A 1 113 ? 8.638   2.019   12.567  1.00 47.97 ? 113 THR A OG1 1 
ATOM   706  C  CG2 . THR A 1 113 ? 6.835   1.085   11.332  1.00 46.83 ? 113 THR A CG2 1 
ATOM   707  N  N   . LEU A 1 114 ? 7.881   0.517   8.405   1.00 41.79 ? 114 LEU A N   1 
ATOM   708  C  CA  . LEU A 1 114 ? 7.287   0.371   7.074   1.00 39.90 ? 114 LEU A CA  1 
ATOM   709  C  C   . LEU A 1 114 ? 5.773   0.308   7.177   1.00 38.02 ? 114 LEU A C   1 
ATOM   710  O  O   . LEU A 1 114 ? 5.205   -0.319  8.085   1.00 37.12 ? 114 LEU A O   1 
ATOM   711  C  CB  . LEU A 1 114 ? 7.850   -0.871  6.336   1.00 39.63 ? 114 LEU A CB  1 
ATOM   712  C  CG  . LEU A 1 114 ? 9.380   -0.946  6.102   1.00 39.16 ? 114 LEU A CG  1 
ATOM   713  C  CD1 . LEU A 1 114 ? 9.800   -2.174  5.269   1.00 37.56 ? 114 LEU A CD1 1 
ATOM   714  C  CD2 . LEU A 1 114 ? 9.919   0.341   5.460   1.00 35.84 ? 114 LEU A CD2 1 
ATOM   715  N  N   . ILE A 1 115 ? 5.133   0.988   6.242   1.00 35.96 ? 115 ILE A N   1 
ATOM   716  C  CA  . ILE A 1 115 ? 3.693   0.850   6.044   1.00 34.19 ? 115 ILE A CA  1 
ATOM   717  C  C   . ILE A 1 115 ? 3.385   0.747   4.550   1.00 32.94 ? 115 ILE A C   1 
ATOM   718  O  O   . ILE A 1 115 ? 4.150   1.256   3.716   1.00 32.23 ? 115 ILE A O   1 
ATOM   719  C  CB  . ILE A 1 115 ? 2.901   2.006   6.742   1.00 34.76 ? 115 ILE A CB  1 
ATOM   720  C  CG1 . ILE A 1 115 ? 3.641   3.332   6.595   1.00 32.96 ? 115 ILE A CG1 1 
ATOM   721  C  CG2 . ILE A 1 115 ? 2.671   1.694   8.224   1.00 31.42 ? 115 ILE A CG2 1 
ATOM   722  C  CD1 . ILE A 1 115 ? 2.773   4.513   6.839   1.00 33.39 ? 115 ILE A CD1 1 
ATOM   723  N  N   . ALA A 1 116 ? 2.299   0.056   4.195   1.00 31.57 ? 116 ALA A N   1 
ATOM   724  C  CA  . ALA A 1 116 ? 1.922   -0.055  2.765   1.00 30.45 ? 116 ALA A CA  1 
ATOM   725  C  C   . ALA A 1 116 ? 0.409   -0.010  2.496   1.00 29.66 ? 116 ALA A C   1 
ATOM   726  O  O   . ALA A 1 116 ? -0.404  -0.129  3.400   1.00 29.25 ? 116 ALA A O   1 
ATOM   727  C  CB  . ALA A 1 116 ? 2.559   -1.314  2.119   1.00 29.28 ? 116 ALA A CB  1 
ATOM   728  N  N   . GLY A 1 117 ? 0.042   0.181   1.235   1.00 29.21 ? 117 GLY A N   1 
ATOM   729  C  CA  . GLY A 1 117 ? -1.347  0.028   0.828   1.00 28.01 ? 117 GLY A CA  1 
ATOM   730  C  C   . GLY A 1 117 ? -1.472  -0.095  -0.668  1.00 27.72 ? 117 GLY A C   1 
ATOM   731  O  O   . GLY A 1 117 ? -0.474  -0.005  -1.410  1.00 26.98 ? 117 GLY A O   1 
ATOM   732  N  N   . GLY A 1 118 ? -2.710  -0.291  -1.114  1.00 27.63 ? 118 GLY A N   1 
ATOM   733  C  CA  . GLY A 1 118 ? -3.018  -0.284  -2.530  1.00 26.85 ? 118 GLY A CA  1 
ATOM   734  C  C   . GLY A 1 118 ? -4.509  -0.274  -2.722  1.00 27.04 ? 118 GLY A C   1 
ATOM   735  O  O   . GLY A 1 118 ? -5.249  -0.638  -1.820  1.00 27.04 ? 118 GLY A O   1 
ATOM   736  N  N   . TYR A 1 119 ? -4.933  0.162   -3.900  1.00 26.85 ? 119 TYR A N   1 
ATOM   737  C  CA  . TYR A 1 119 ? -6.335  0.200   -4.277  1.00 27.41 ? 119 TYR A CA  1 
ATOM   738  C  C   . TYR A 1 119 ? -6.517  -0.693  -5.491  1.00 27.36 ? 119 TYR A C   1 
ATOM   739  O  O   . TYR A 1 119 ? -5.786  -0.544  -6.460  1.00 28.04 ? 119 TYR A O   1 
ATOM   740  C  CB  . TYR A 1 119 ? -6.726  1.637   -4.649  1.00 26.82 ? 119 TYR A CB  1 
ATOM   741  C  CG  . TYR A 1 119 ? -8.041  1.805   -5.380  1.00 26.32 ? 119 TYR A CG  1 
ATOM   742  C  CD1 . TYR A 1 119 ? -9.212  1.185   -4.926  1.00 27.22 ? 119 TYR A CD1 1 
ATOM   743  C  CD2 . TYR A 1 119 ? -8.121  2.612   -6.513  1.00 27.11 ? 119 TYR A CD2 1 
ATOM   744  C  CE1 . TYR A 1 119 ? -10.435 1.364   -5.594  1.00 25.86 ? 119 TYR A CE1 1 
ATOM   745  C  CE2 . TYR A 1 119 ? -9.317  2.799   -7.175  1.00 26.57 ? 119 TYR A CE2 1 
ATOM   746  C  CZ  . TYR A 1 119 ? -10.465 2.184   -6.703  1.00 27.00 ? 119 TYR A CZ  1 
ATOM   747  O  OH  . TYR A 1 119 ? -11.639 2.379   -7.377  1.00 29.82 ? 119 TYR A OH  1 
ATOM   748  N  N   . SER A 1 120 ? -7.489  -1.607  -5.434  1.00 28.00 ? 120 SER A N   1 
ATOM   749  C  CA  . SER A 1 120 ? -7.907  -2.388  -6.606  1.00 28.64 ? 120 SER A CA  1 
ATOM   750  C  C   . SER A 1 120 ? -6.754  -3.318  -7.043  1.00 28.54 ? 120 SER A C   1 
ATOM   751  O  O   . SER A 1 120 ? -6.281  -4.108  -6.224  1.00 28.34 ? 120 SER A O   1 
ATOM   752  C  CB  . SER A 1 120 ? -8.373  -1.425  -7.716  1.00 28.31 ? 120 SER A CB  1 
ATOM   753  O  OG  . SER A 1 120 ? -8.953  -2.125  -8.809  1.00 32.45 ? 120 SER A OG  1 
ATOM   754  N  N   . GLN A 1 121 ? -6.259  -3.199  -8.286  1.00 28.39 ? 121 GLN A N   1 
ATOM   755  C  CA  . GLN A 1 121 ? -5.087  -3.986  -8.688  1.00 28.07 ? 121 GLN A CA  1 
ATOM   756  C  C   . GLN A 1 121 ? -3.920  -3.708  -7.760  1.00 28.20 ? 121 GLN A C   1 
ATOM   757  O  O   . GLN A 1 121 ? -3.125  -4.599  -7.473  1.00 28.36 ? 121 GLN A O   1 
ATOM   758  C  CB  . GLN A 1 121 ? -4.663  -3.722  -10.137 1.00 28.06 ? 121 GLN A CB  1 
ATOM   759  C  CG  . GLN A 1 121 ? -3.492  -4.593  -10.556 1.00 25.87 ? 121 GLN A CG  1 
ATOM   760  C  CD  . GLN A 1 121 ? -3.005  -4.359  -11.981 1.00 28.22 ? 121 GLN A CD  1 
ATOM   761  O  OE1 . GLN A 1 121 ? -1.907  -4.802  -12.332 1.00 28.74 ? 121 GLN A OE1 1 
ATOM   762  N  NE2 . GLN A 1 121 ? -3.798  -3.662  -12.803 1.00 26.72 ? 121 GLN A NE2 1 
ATOM   763  N  N   . GLY A 1 122 ? -3.818  -2.460  -7.294  1.00 28.41 ? 122 GLY A N   1 
ATOM   764  C  CA  . GLY A 1 122 ? -2.807  -2.105  -6.301  1.00 27.73 ? 122 GLY A CA  1 
ATOM   765  C  C   . GLY A 1 122 ? -2.896  -2.892  -5.013  1.00 26.99 ? 122 GLY A C   1 
ATOM   766  O  O   . GLY A 1 122 ? -1.882  -3.143  -4.372  1.00 26.68 ? 122 GLY A O   1 
ATOM   767  N  N   . ALA A 1 123 ? -4.108  -3.291  -4.630  1.00 27.37 ? 123 ALA A N   1 
ATOM   768  C  CA  . ALA A 1 123 ? -4.312  -4.071  -3.400  1.00 27.52 ? 123 ALA A CA  1 
ATOM   769  C  C   . ALA A 1 123 ? -3.896  -5.538  -3.579  1.00 28.14 ? 123 ALA A C   1 
ATOM   770  O  O   . ALA A 1 123 ? -3.372  -6.173  -2.640  1.00 28.20 ? 123 ALA A O   1 
ATOM   771  C  CB  . ALA A 1 123 ? -5.751  -3.979  -2.947  1.00 27.49 ? 123 ALA A CB  1 
ATOM   772  N  N   . ALA A 1 124 ? -4.177  -6.079  -4.767  1.00 27.96 ? 124 ALA A N   1 
ATOM   773  C  CA  . ALA A 1 124 ? -3.647  -7.378  -5.197  1.00 28.43 ? 124 ALA A CA  1 
ATOM   774  C  C   . ALA A 1 124 ? -2.103  -7.330  -5.280  1.00 28.39 ? 124 ALA A C   1 
ATOM   775  O  O   . ALA A 1 124 ? -1.428  -8.222  -4.803  1.00 28.85 ? 124 ALA A O   1 
ATOM   776  C  CB  . ALA A 1 124 ? -4.249  -7.778  -6.560  1.00 27.86 ? 124 ALA A CB  1 
ATOM   777  N  N   . LEU A 1 125 ? -1.564  -6.279  -5.885  1.00 29.11 ? 125 LEU A N   1 
ATOM   778  C  CA  . LEU A 1 125 ? -0.118  -6.047  -5.932  1.00 29.78 ? 125 LEU A CA  1 
ATOM   779  C  C   . LEU A 1 125 ? 0.551   -5.971  -4.536  1.00 30.93 ? 125 LEU A C   1 
ATOM   780  O  O   . LEU A 1 125 ? 1.576   -6.637  -4.305  1.00 31.76 ? 125 LEU A O   1 
ATOM   781  C  CB  . LEU A 1 125 ? 0.206   -4.804  -6.803  1.00 29.51 ? 125 LEU A CB  1 
ATOM   782  C  CG  . LEU A 1 125 ? 1.690   -4.417  -6.931  1.00 29.13 ? 125 LEU A CG  1 
ATOM   783  C  CD1 . LEU A 1 125 ? 2.509   -5.548  -7.562  1.00 27.57 ? 125 LEU A CD1 1 
ATOM   784  C  CD2 . LEU A 1 125 ? 1.875   -3.136  -7.686  1.00 29.01 ? 125 LEU A CD2 1 
ATOM   785  N  N   . ALA A 1 126 ? -0.046  -5.217  -3.608  1.00 30.58 ? 126 ALA A N   1 
ATOM   786  C  CA  . ALA A 1 126 ? 0.464   -5.115  -2.241  1.00 31.15 ? 126 ALA A CA  1 
ATOM   787  C  C   . ALA A 1 126 ? 0.431   -6.438  -1.514  1.00 31.91 ? 126 ALA A C   1 
ATOM   788  O  O   . ALA A 1 126 ? 1.403   -6.801  -0.849  1.00 31.66 ? 126 ALA A O   1 
ATOM   789  C  CB  . ALA A 1 126 ? -0.315  -4.052  -1.430  1.00 31.33 ? 126 ALA A CB  1 
ATOM   790  N  N   . ALA A 1 127 ? -0.695  -7.148  -1.622  1.00 32.10 ? 127 ALA A N   1 
ATOM   791  C  CA  . ALA A 1 127 ? -0.834  -8.463  -1.023  1.00 32.47 ? 127 ALA A CA  1 
ATOM   792  C  C   . ALA A 1 127 ? 0.185   -9.502  -1.518  1.00 33.24 ? 127 ALA A C   1 
ATOM   793  O  O   . ALA A 1 127 ? 0.610   -10.379 -0.755  1.00 33.07 ? 127 ALA A O   1 
ATOM   794  C  CB  . ALA A 1 127 ? -2.234  -8.984  -1.227  1.00 32.86 ? 127 ALA A CB  1 
ATOM   795  N  N   . ALA A 1 128 ? 0.535   -9.423  -2.796  1.00 33.79 ? 128 ALA A N   1 
ATOM   796  C  CA  . ALA A 1 128 ? 1.371   -10.432 -3.446  1.00 34.33 ? 128 ALA A CA  1 
ATOM   797  C  C   . ALA A 1 128 ? 2.832   -10.179 -3.099  1.00 34.93 ? 128 ALA A C   1 
ATOM   798  O  O   . ALA A 1 128 ? 3.565   -11.110 -2.780  1.00 34.99 ? 128 ALA A O   1 
ATOM   799  C  CB  . ALA A 1 128 ? 1.163   -10.373 -4.946  1.00 34.38 ? 128 ALA A CB  1 
ATOM   800  N  N   . SER A 1 129 ? 3.230   -8.904  -3.154  1.00 35.28 ? 129 SER A N   1 
ATOM   801  C  CA  . SER A 1 129 ? 4.556   -8.470  -2.789  1.00 35.43 ? 129 SER A CA  1 
ATOM   802  C  C   . SER A 1 129 ? 4.866   -8.778  -1.340  1.00 36.21 ? 129 SER A C   1 
ATOM   803  O  O   . SER A 1 129 ? 5.974   -9.203  -1.028  1.00 36.95 ? 129 SER A O   1 
ATOM   804  C  CB  . SER A 1 129 ? 4.709   -6.985  -3.053  1.00 35.36 ? 129 SER A CB  1 
ATOM   805  O  OG  . SER A 1 129 ? 4.383   -6.712  -4.398  1.00 35.30 ? 129 SER A OG  1 
ATOM   806  N  N   . ILE A 1 130 ? 3.891   -8.568  -0.460  1.00 36.57 ? 130 ILE A N   1 
ATOM   807  C  CA  . ILE A 1 130 ? 4.071   -8.832  0.968   1.00 36.93 ? 130 ILE A CA  1 
ATOM   808  C  C   . ILE A 1 130 ? 4.146   -10.337 1.248   1.00 38.27 ? 130 ILE A C   1 
ATOM   809  O  O   . ILE A 1 130 ? 4.916   -10.777 2.105   1.00 38.91 ? 130 ILE A O   1 
ATOM   810  C  CB  . ILE A 1 130 ? 2.997   -8.086  1.834   1.00 36.44 ? 130 ILE A CB  1 
ATOM   811  C  CG1 . ILE A 1 130 ? 3.253   -6.576  1.779   1.00 34.29 ? 130 ILE A CG1 1 
ATOM   812  C  CG2 . ILE A 1 130 ? 2.999   -8.548  3.273   1.00 33.86 ? 130 ILE A CG2 1 
ATOM   813  C  CD1 . ILE A 1 130 ? 2.093   -5.757  2.231   1.00 31.16 ? 130 ILE A CD1 1 
ATOM   814  N  N   . GLU A 1 131 ? 3.342   -11.115 0.523   1.00 39.63 ? 131 GLU A N   1 
ATOM   815  C  CA  . GLU A 1 131 ? 3.425   -12.579 0.527   1.00 40.56 ? 131 GLU A CA  1 
ATOM   816  C  C   . GLU A 1 131 ? 4.830   -13.115 0.175   1.00 40.98 ? 131 GLU A C   1 
ATOM   817  O  O   . GLU A 1 131 ? 5.315   -14.041 0.831   1.00 41.47 ? 131 GLU A O   1 
ATOM   818  C  CB  . GLU A 1 131 ? 2.394   -13.166 -0.442  1.00 40.35 ? 131 GLU A CB  1 
ATOM   819  C  CG  . GLU A 1 131 ? 2.338   -14.669 -0.464  1.00 40.03 ? 131 GLU A CG  1 
ATOM   820  C  CD  . GLU A 1 131 ? 1.429   -15.192 -1.538  1.00 43.00 ? 131 GLU A CD  1 
ATOM   821  O  OE1 . GLU A 1 131 ? 1.023   -14.417 -2.440  1.00 41.36 ? 131 GLU A OE1 1 
ATOM   822  O  OE2 . GLU A 1 131 ? 1.113   -16.393 -1.490  1.00 45.01 ? 131 GLU A OE2 1 
ATOM   823  N  N   . ASP A 1 132 ? 5.451   -12.519 -0.846  1.00 41.55 ? 132 ASP A N   1 
ATOM   824  C  CA  . ASP A 1 132 ? 6.776   -12.885 -1.354  1.00 42.30 ? 132 ASP A CA  1 
ATOM   825  C  C   . ASP A 1 132 ? 7.997   -12.272 -0.620  1.00 43.32 ? 132 ASP A C   1 
ATOM   826  O  O   . ASP A 1 132 ? 9.127   -12.782 -0.744  1.00 43.33 ? 132 ASP A O   1 
ATOM   827  C  CB  . ASP A 1 132 ? 6.881   -12.497 -2.834  1.00 42.16 ? 132 ASP A CB  1 
ATOM   828  C  CG  . ASP A 1 132 ? 5.934   -13.288 -3.736  1.00 41.83 ? 132 ASP A CG  1 
ATOM   829  O  OD1 . ASP A 1 132 ? 5.328   -14.290 -3.300  1.00 40.07 ? 132 ASP A OD1 1 
ATOM   830  O  OD2 . ASP A 1 132 ? 5.791   -12.878 -4.906  1.00 43.40 ? 132 ASP A OD2 1 
ATOM   831  N  N   . LEU A 1 133 ? 7.789   -11.171 0.100   1.00 43.69 ? 133 LEU A N   1 
ATOM   832  C  CA  . LEU A 1 133 ? 8.862   -10.523 0.871   1.00 44.72 ? 133 LEU A CA  1 
ATOM   833  C  C   . LEU A 1 133 ? 9.597   -11.431 1.865   1.00 45.01 ? 133 LEU A C   1 
ATOM   834  O  O   . LEU A 1 133 ? 8.972   -12.237 2.532   1.00 44.57 ? 133 LEU A O   1 
ATOM   835  C  CB  . LEU A 1 133 ? 8.301   -9.351  1.681   1.00 44.46 ? 133 LEU A CB  1 
ATOM   836  C  CG  . LEU A 1 133 ? 8.600   -7.908  1.328   1.00 44.64 ? 133 LEU A CG  1 
ATOM   837  C  CD1 . LEU A 1 133 ? 8.105   -7.077  2.495   1.00 44.55 ? 133 LEU A CD1 1 
ATOM   838  C  CD2 . LEU A 1 133 ? 10.074  -7.635  1.046   1.00 42.86 ? 133 LEU A CD2 1 
ATOM   839  N  N   . ASP A 1 134 ? 10.915  -11.253 1.983   1.00 46.22 ? 134 ASP A N   1 
ATOM   840  C  CA  . ASP A 1 134 ? 11.675  -11.801 3.117   1.00 47.59 ? 134 ASP A CA  1 
ATOM   841  C  C   . ASP A 1 134 ? 10.937  -11.537 4.430   1.00 47.96 ? 134 ASP A C   1 
ATOM   842  O  O   . ASP A 1 134 ? 10.503  -10.412 4.686   1.00 48.27 ? 134 ASP A O   1 
ATOM   843  C  CB  . ASP A 1 134 ? 13.069  -11.170 3.195   1.00 48.20 ? 134 ASP A CB  1 
ATOM   844  C  CG  . ASP A 1 134 ? 13.905  -11.735 4.350   1.00 50.24 ? 134 ASP A CG  1 
ATOM   845  O  OD1 . ASP A 1 134 ? 14.280  -12.929 4.283   1.00 49.31 ? 134 ASP A OD1 1 
ATOM   846  O  OD2 . ASP A 1 134 ? 14.165  -10.989 5.329   1.00 52.19 ? 134 ASP A OD2 1 
ATOM   847  N  N   . SER A 1 135 ? 10.810  -12.560 5.273   1.00 48.32 ? 135 SER A N   1 
ATOM   848  C  CA  . SER A 1 135 ? 9.996   -12.439 6.483   1.00 48.70 ? 135 SER A CA  1 
ATOM   849  C  C   . SER A 1 135 ? 10.453  -11.355 7.444   1.00 48.95 ? 135 SER A C   1 
ATOM   850  O  O   . SER A 1 135 ? 9.670   -10.936 8.306   1.00 49.51 ? 135 SER A O   1 
ATOM   851  C  CB  . SER A 1 135 ? 9.901   -13.766 7.226   1.00 48.47 ? 135 SER A CB  1 
ATOM   852  O  OG  . SER A 1 135 ? 11.108  -14.005 7.925   1.00 50.25 ? 135 SER A OG  1 
ATOM   853  N  N   . ALA A 1 136 ? 11.703  -10.905 7.312   1.00 49.23 ? 136 ALA A N   1 
ATOM   854  C  CA  . ALA A 1 136 ? 12.272  -9.916  8.236   1.00 48.98 ? 136 ALA A CA  1 
ATOM   855  C  C   . ALA A 1 136 ? 12.015  -8.483  7.779   1.00 49.01 ? 136 ALA A C   1 
ATOM   856  O  O   . ALA A 1 136 ? 11.840  -7.592  8.614   1.00 48.84 ? 136 ALA A O   1 
ATOM   857  C  CB  . ALA A 1 136 ? 13.767  -10.161 8.453   1.00 49.13 ? 136 ALA A CB  1 
ATOM   858  N  N   . ILE A 1 137 ? 12.019  -8.258  6.460   1.00 48.74 ? 137 ILE A N   1 
ATOM   859  C  CA  . ILE A 1 137 ? 11.513  -6.995  5.897   1.00 48.15 ? 137 ILE A CA  1 
ATOM   860  C  C   . ILE A 1 137 ? 10.002  -6.875  6.180   1.00 47.93 ? 137 ILE A C   1 
ATOM   861  O  O   . ILE A 1 137 ? 9.527   -5.833  6.629   1.00 47.86 ? 137 ILE A O   1 
ATOM   862  C  CB  . ILE A 1 137 ? 11.783  -6.863  4.381   1.00 47.86 ? 137 ILE A CB  1 
ATOM   863  C  CG1 . ILE A 1 137 ? 13.250  -7.180  4.072   1.00 47.80 ? 137 ILE A CG1 1 
ATOM   864  C  CG2 . ILE A 1 137 ? 11.399  -5.463  3.897   1.00 47.33 ? 137 ILE A CG2 1 
ATOM   865  C  CD1 . ILE A 1 137 ? 13.738  -6.776  2.666   1.00 48.19 ? 137 ILE A CD1 1 
ATOM   866  N  N   . ARG A 1 138 ? 9.274   -7.967  5.952   1.00 47.55 ? 138 ARG A N   1 
ATOM   867  C  CA  . ARG A 1 138 ? 7.837   -8.027  6.181   1.00 47.24 ? 138 ARG A CA  1 
ATOM   868  C  C   . ARG A 1 138 ? 7.500   -7.796  7.654   1.00 47.00 ? 138 ARG A C   1 
ATOM   869  O  O   . ARG A 1 138 ? 6.410   -7.314  7.989   1.00 47.83 ? 138 ARG A O   1 
ATOM   870  C  CB  . ARG A 1 138 ? 7.283   -9.370  5.704   1.00 46.74 ? 138 ARG A CB  1 
ATOM   871  C  CG  . ARG A 1 138 ? 5.760   -9.523  5.768   1.00 47.13 ? 138 ARG A CG  1 
ATOM   872  C  CD  . ARG A 1 138 ? 5.376   -10.993 5.781   1.00 48.22 ? 138 ARG A CD  1 
ATOM   873  N  NE  . ARG A 1 138 ? 5.923   -11.654 4.603   1.00 50.97 ? 138 ARG A NE  1 
ATOM   874  C  CZ  . ARG A 1 138 ? 6.375   -12.907 4.539   1.00 51.38 ? 138 ARG A CZ  1 
ATOM   875  N  NH1 . ARG A 1 138 ? 6.376   -13.729 5.590   1.00 49.28 ? 138 ARG A NH1 1 
ATOM   876  N  NH2 . ARG A 1 138 ? 6.827   -13.339 3.384   1.00 52.88 ? 138 ARG A NH2 1 
ATOM   877  N  N   . ASP A 1 139 ? 8.437   -8.138  8.526   1.00 46.10 ? 139 ASP A N   1 
ATOM   878  C  CA  . ASP A 1 139 ? 8.293   -7.917  9.961   1.00 45.16 ? 139 ASP A CA  1 
ATOM   879  C  C   . ASP A 1 139 ? 8.229   -6.444  10.313  1.00 43.58 ? 139 ASP A C   1 
ATOM   880  O  O   . ASP A 1 139 ? 7.653   -6.070  11.326  1.00 43.43 ? 139 ASP A O   1 
ATOM   881  C  CB  . ASP A 1 139 ? 9.471   -8.552  10.704  1.00 46.11 ? 139 ASP A CB  1 
ATOM   882  C  CG  . ASP A 1 139 ? 9.206   -9.985  11.073  1.00 48.02 ? 139 ASP A CG  1 
ATOM   883  O  OD1 . ASP A 1 139 ? 8.019   -10.322 11.283  1.00 51.60 ? 139 ASP A OD1 1 
ATOM   884  O  OD2 . ASP A 1 139 ? 10.178  -10.771 11.164  1.00 51.95 ? 139 ASP A OD2 1 
ATOM   885  N  N   . LYS A 1 140 ? 8.840   -5.627  9.470   1.00 41.58 ? 140 LYS A N   1 
ATOM   886  C  CA  . LYS A 1 140 ? 8.934   -4.203  9.689   1.00 40.56 ? 140 LYS A CA  1 
ATOM   887  C  C   . LYS A 1 140 ? 7.732   -3.402  9.142   1.00 39.09 ? 140 LYS A C   1 
ATOM   888  O  O   . LYS A 1 140 ? 7.699   -2.182  9.321   1.00 38.16 ? 140 LYS A O   1 
ATOM   889  C  CB  . LYS A 1 140 ? 10.197  -3.657  9.017   1.00 40.76 ? 140 LYS A CB  1 
ATOM   890  C  CG  . LYS A 1 140 ? 11.518  -4.157  9.535   1.00 42.28 ? 140 LYS A CG  1 
ATOM   891  C  CD  . LYS A 1 140 ? 12.577  -3.647  8.592   1.00 44.60 ? 140 LYS A CD  1 
ATOM   892  C  CE  . LYS A 1 140 ? 13.964  -3.684  9.175   1.00 46.80 ? 140 LYS A CE  1 
ATOM   893  N  NZ  . LYS A 1 140 ? 14.824  -2.771  8.348   1.00 47.31 ? 140 LYS A NZ  1 
ATOM   894  N  N   . ILE A 1 141 ? 6.805   -4.073  8.432   1.00 37.98 ? 141 ILE A N   1 
ATOM   895  C  CA  . ILE A 1 141 ? 5.611   -3.420  7.888   1.00 36.40 ? 141 ILE A CA  1 
ATOM   896  C  C   . ILE A 1 141 ? 4.581   -3.455  8.994   1.00 36.01 ? 141 ILE A C   1 
ATOM   897  O  O   . ILE A 1 141 ? 3.916   -4.463  9.224   1.00 35.92 ? 141 ILE A O   1 
ATOM   898  C  CB  . ILE A 1 141 ? 5.053   -4.045  6.554   1.00 37.00 ? 141 ILE A CB  1 
ATOM   899  C  CG1 . ILE A 1 141 ? 6.176   -4.453  5.583   1.00 36.66 ? 141 ILE A CG1 1 
ATOM   900  C  CG2 . ILE A 1 141 ? 4.068   -3.080  5.839   1.00 34.17 ? 141 ILE A CG2 1 
ATOM   901  C  CD1 . ILE A 1 141 ? 5.696   -5.428  4.485   1.00 35.98 ? 141 ILE A CD1 1 
ATOM   902  N  N   . ALA A 1 142 ? 4.483   -2.340  9.704   1.00 35.14 ? 142 ALA A N   1 
ATOM   903  C  CA  . ALA A 1 142 ? 3.617   -2.232  10.878  1.00 34.70 ? 142 ALA A CA  1 
ATOM   904  C  C   . ALA A 1 142 ? 2.124   -2.375  10.502  1.00 33.90 ? 142 ALA A C   1 
ATOM   905  O  O   . ALA A 1 142 ? 1.327   -2.977  11.236  1.00 33.91 ? 142 ALA A O   1 
ATOM   906  C  CB  . ALA A 1 142 ? 3.877   -0.881  11.571  1.00 34.52 ? 142 ALA A CB  1 
ATOM   907  N  N   . GLY A 1 143 ? 1.747   -1.794  9.371   1.00 32.64 ? 143 GLY A N   1 
ATOM   908  C  CA  . GLY A 1 143 ? 0.370   -1.892  8.918   1.00 31.84 ? 143 GLY A CA  1 
ATOM   909  C  C   . GLY A 1 143 ? 0.264   -1.816  7.419   1.00 30.35 ? 143 GLY A C   1 
ATOM   910  O  O   . GLY A 1 143 ? 1.117   -1.250  6.756   1.00 30.61 ? 143 GLY A O   1 
ATOM   911  N  N   . THR A 1 144 ? -0.803  -2.388  6.890   1.00 30.16 ? 144 THR A N   1 
ATOM   912  C  CA  . THR A 1 144 ? -1.099  -2.303  5.465   1.00 29.34 ? 144 THR A CA  1 
ATOM   913  C  C   . THR A 1 144 ? -2.590  -2.015  5.296   1.00 29.25 ? 144 THR A C   1 
ATOM   914  O  O   . THR A 1 144 ? -3.430  -2.648  5.952   1.00 28.53 ? 144 THR A O   1 
ATOM   915  C  CB  . THR A 1 144 ? -0.642  -3.627  4.728   1.00 29.94 ? 144 THR A CB  1 
ATOM   916  O  OG1 . THR A 1 144 ? 0.779   -3.762  4.878   1.00 29.32 ? 144 THR A OG1 1 
ATOM   917  C  CG2 . THR A 1 144 ? -0.985  -3.621  3.211   1.00 27.69 ? 144 THR A CG2 1 
ATOM   918  N  N   . VAL A 1 145 ? -2.911  -1.044  4.446   1.00 28.66 ? 145 VAL A N   1 
ATOM   919  C  CA  . VAL A 1 145 ? -4.314  -0.771  4.098   1.00 28.91 ? 145 VAL A CA  1 
ATOM   920  C  C   . VAL A 1 145 ? -4.645  -1.200  2.665   1.00 29.14 ? 145 VAL A C   1 
ATOM   921  O  O   . VAL A 1 145 ? -3.883  -0.922  1.743   1.00 28.64 ? 145 VAL A O   1 
ATOM   922  C  CB  . VAL A 1 145 ? -4.709  0.751   4.317   1.00 28.72 ? 145 VAL A CB  1 
ATOM   923  C  CG1 . VAL A 1 145 ? -4.942  1.037   5.807   1.00 29.15 ? 145 VAL A CG1 1 
ATOM   924  C  CG2 . VAL A 1 145 ? -3.648  1.703   3.754   1.00 26.75 ? 145 VAL A CG2 1 
ATOM   925  N  N   . LEU A 1 146 ? -5.787  -1.867  2.479   1.00 29.62 ? 146 LEU A N   1 
ATOM   926  C  CA  . LEU A 1 146 ? -6.237  -2.249  1.138   1.00 29.53 ? 146 LEU A CA  1 
ATOM   927  C  C   . LEU A 1 146 ? -7.673  -1.782  0.805   1.00 30.02 ? 146 LEU A C   1 
ATOM   928  O  O   . LEU A 1 146 ? -8.598  -1.947  1.600   1.00 30.68 ? 146 LEU A O   1 
ATOM   929  C  CB  . LEU A 1 146 ? -6.123  -3.762  0.956   1.00 28.71 ? 146 LEU A CB  1 
ATOM   930  C  CG  . LEU A 1 146 ? -4.834  -4.521  1.309   1.00 28.52 ? 146 LEU A CG  1 
ATOM   931  C  CD1 . LEU A 1 146 ? -5.052  -6.040  1.180   1.00 23.89 ? 146 LEU A CD1 1 
ATOM   932  C  CD2 . LEU A 1 146 ? -3.626  -4.040  0.504   1.00 25.82 ? 146 LEU A CD2 1 
ATOM   933  N  N   . PHE A 1 147 ? -7.850  -1.213  -0.383  1.00 29.71 ? 147 PHE A N   1 
ATOM   934  C  CA  . PHE A 1 147 ? -9.140  -0.689  -0.792  1.00 29.54 ? 147 PHE A CA  1 
ATOM   935  C  C   . PHE A 1 147 ? -9.558  -1.460  -2.021  1.00 30.04 ? 147 PHE A C   1 
ATOM   936  O  O   . PHE A 1 147 ? -8.709  -1.728  -2.888  1.00 30.87 ? 147 PHE A O   1 
ATOM   937  C  CB  . PHE A 1 147 ? -9.054  0.795   -1.155  1.00 28.77 ? 147 PHE A CB  1 
ATOM   938  C  CG  . PHE A 1 147 ? -8.395  1.636   -0.114  1.00 29.39 ? 147 PHE A CG  1 
ATOM   939  C  CD1 . PHE A 1 147 ? -9.163  2.262   0.897   1.00 30.18 ? 147 PHE A CD1 1 
ATOM   940  C  CD2 . PHE A 1 147 ? -7.004  1.808   -0.120  1.00 27.12 ? 147 PHE A CD2 1 
ATOM   941  C  CE1 . PHE A 1 147 ? -8.532  3.044   1.889   1.00 32.00 ? 147 PHE A CE1 1 
ATOM   942  C  CE2 . PHE A 1 147 ? -6.382  2.568   0.842   1.00 30.12 ? 147 PHE A CE2 1 
ATOM   943  C  CZ  . PHE A 1 147 ? -7.145  3.202   1.861   1.00 30.31 ? 147 PHE A CZ  1 
ATOM   944  N  N   . GLY A 1 148 ? -10.852 -1.778  -2.118  1.00 29.61 ? 148 GLY A N   1 
ATOM   945  C  CA  . GLY A 1 148 ? -11.372 -2.523  -3.257  1.00 29.48 ? 148 GLY A CA  1 
ATOM   946  C  C   . GLY A 1 148 ? -10.448 -3.684  -3.583  1.00 29.55 ? 148 GLY A C   1 
ATOM   947  O  O   . GLY A 1 148 ? -9.985  -3.789  -4.703  1.00 29.63 ? 148 GLY A O   1 
ATOM   948  N  N   . TYR A 1 149 ? -10.170 -4.513  -2.575  1.00 29.68 ? 149 TYR A N   1 
ATOM   949  C  CA  . TYR A 1 149 ? -9.204  -5.619  -2.617  1.00 30.26 ? 149 TYR A CA  1 
ATOM   950  C  C   . TYR A 1 149 ? -9.711  -6.738  -3.537  1.00 30.54 ? 149 TYR A C   1 
ATOM   951  O  O   . TYR A 1 149 ? -10.654 -7.465  -3.204  1.00 30.22 ? 149 TYR A O   1 
ATOM   952  C  CB  . TYR A 1 149 ? -8.970  -6.122  -1.187  1.00 29.73 ? 149 TYR A CB  1 
ATOM   953  C  CG  . TYR A 1 149 ? -7.970  -7.268  -0.979  1.00 30.67 ? 149 TYR A CG  1 
ATOM   954  C  CD1 . TYR A 1 149 ? -6.886  -7.474  -1.840  1.00 30.18 ? 149 TYR A CD1 1 
ATOM   955  C  CD2 . TYR A 1 149 ? -8.094  -8.113  0.127   1.00 29.66 ? 149 TYR A CD2 1 
ATOM   956  C  CE1 . TYR A 1 149 ? -5.973  -8.525  -1.615  1.00 31.58 ? 149 TYR A CE1 1 
ATOM   957  C  CE2 . TYR A 1 149 ? -7.195  -9.146  0.360   1.00 30.85 ? 149 TYR A CE2 1 
ATOM   958  C  CZ  . TYR A 1 149 ? -6.138  -9.348  -0.510  1.00 31.72 ? 149 TYR A CZ  1 
ATOM   959  O  OH  . TYR A 1 149 ? -5.248  -10.371 -0.264  1.00 30.98 ? 149 TYR A OH  1 
ATOM   960  N  N   . THR A 1 150 ? -9.083  -6.862  -4.700  1.00 31.19 ? 150 THR A N   1 
ATOM   961  C  CA  . THR A 1 150 ? -9.606  -7.742  -5.759  1.00 31.49 ? 150 THR A CA  1 
ATOM   962  C  C   . THR A 1 150 ? -9.451  -9.213  -5.445  1.00 32.38 ? 150 THR A C   1 
ATOM   963  O  O   . THR A 1 150 ? -10.070 -10.042 -6.112  1.00 33.16 ? 150 THR A O   1 
ATOM   964  C  CB  . THR A 1 150 ? -8.983  -7.449  -7.138  1.00 31.34 ? 150 THR A CB  1 
ATOM   965  O  OG1 . THR A 1 150 ? -7.551  -7.432  -7.021  1.00 31.82 ? 150 THR A OG1 1 
ATOM   966  C  CG2 . THR A 1 150 ? -9.461  -6.101  -7.673  1.00 27.20 ? 150 THR A CG2 1 
ATOM   967  N  N   . LYS A 1 151 ? -8.656  -9.527  -4.417  1.00 32.27 ? 151 LYS A N   1 
ATOM   968  C  CA  . LYS A 1 151 ? -8.461  -10.896 -3.944  1.00 32.33 ? 151 LYS A CA  1 
ATOM   969  C  C   . LYS A 1 151 ? -9.009  -11.125 -2.542  1.00 32.88 ? 151 LYS A C   1 
ATOM   970  O  O   . LYS A 1 151 ? -8.678  -12.124 -1.873  1.00 32.51 ? 151 LYS A O   1 
ATOM   971  C  CB  . LYS A 1 151 ? -6.976  -11.296 -3.995  1.00 31.91 ? 151 LYS A CB  1 
ATOM   972  C  CG  . LYS A 1 151 ? -6.406  -11.371 -5.410  1.00 32.95 ? 151 LYS A CG  1 
ATOM   973  C  CD  . LYS A 1 151 ? -7.133  -12.433 -6.283  1.00 32.54 ? 151 LYS A CD  1 
ATOM   974  C  CE  . LYS A 1 151 ? -6.598  -12.421 -7.706  1.00 35.25 ? 151 LYS A CE  1 
ATOM   975  N  NZ  . LYS A 1 151 ? -7.313  -13.352 -8.627  1.00 36.05 ? 151 LYS A NZ  1 
ATOM   976  N  N   . ASN A 1 152 ? -9.864  -10.215 -2.106  1.00 33.47 ? 152 ASN A N   1 
ATOM   977  C  CA  . ASN A 1 152 ? -10.503 -10.319 -0.788  1.00 35.13 ? 152 ASN A CA  1 
ATOM   978  C  C   . ASN A 1 152 ? -11.176 -11.697 -0.572  1.00 35.63 ? 152 ASN A C   1 
ATOM   979  O  O   . ASN A 1 152 ? -10.951 -12.361 0.450   1.00 35.78 ? 152 ASN A O   1 
ATOM   980  C  CB  . ASN A 1 152 ? -11.508 -9.159  -0.593  1.00 34.33 ? 152 ASN A CB  1 
ATOM   981  C  CG  . ASN A 1 152 ? -12.116 -9.130  0.796   1.00 35.45 ? 152 ASN A CG  1 
ATOM   982  O  OD1 . ASN A 1 152 ? -13.303 -9.415  0.984   1.00 35.15 ? 152 ASN A OD1 1 
ATOM   983  N  ND2 . ASN A 1 152 ? -11.308 -8.789  1.781   1.00 36.54 ? 152 ASN A ND2 1 
ATOM   984  N  N   . LEU A 1 153 ? -11.994 -12.121 -1.537  1.00 36.39 ? 153 LEU A N   1 
ATOM   985  C  CA  . LEU A 1 153 ? -12.681 -13.419 -1.433  1.00 37.07 ? 153 LEU A CA  1 
ATOM   986  C  C   . LEU A 1 153 ? -11.681 -14.557 -1.535  1.00 37.21 ? 153 LEU A C   1 
ATOM   987  O  O   . LEU A 1 153 ? -11.693 -15.467 -0.716  1.00 37.28 ? 153 LEU A O   1 
ATOM   988  C  CB  . LEU A 1 153 ? -13.733 -13.584 -2.532  1.00 36.56 ? 153 LEU A CB  1 
ATOM   989  C  CG  . LEU A 1 153 ? -14.790 -14.668 -2.276  1.00 38.03 ? 153 LEU A CG  1 
ATOM   990  C  CD1 . LEU A 1 153 ? -15.912 -14.033 -1.451  1.00 39.57 ? 153 LEU A CD1 1 
ATOM   991  C  CD2 . LEU A 1 153 ? -15.380 -15.273 -3.561  1.00 37.24 ? 153 LEU A CD2 1 
ATOM   992  N  N   . GLN A 1 154 ? -10.812 -14.496 -2.551  1.00 37.61 ? 154 GLN A N   1 
ATOM   993  C  CA  . GLN A 1 154 ? -9.841  -15.565 -2.802  1.00 37.98 ? 154 GLN A CA  1 
ATOM   994  C  C   . GLN A 1 154 ? -8.860  -15.763 -1.637  1.00 38.82 ? 154 GLN A C   1 
ATOM   995  O  O   . GLN A 1 154 ? -8.470  -16.893 -1.358  1.00 39.39 ? 154 GLN A O   1 
ATOM   996  C  CB  . GLN A 1 154 ? -9.124  -15.363 -4.152  1.00 37.85 ? 154 GLN A CB  1 
ATOM   997  C  CG  . GLN A 1 154 ? -10.063 -15.306 -5.374  1.00 34.94 ? 154 GLN A CG  1 
ATOM   998  C  CD  . GLN A 1 154 ? -10.659 -13.915 -5.644  1.00 34.78 ? 154 GLN A CD  1 
ATOM   999  O  OE1 . GLN A 1 154 ? -10.842 -13.113 -4.720  1.00 33.95 ? 154 GLN A OE1 1 
ATOM   1000 N  NE2 . GLN A 1 154 ? -10.992 -13.636 -6.922  1.00 33.10 ? 154 GLN A NE2 1 
ATOM   1001 N  N   . ASN A 1 155 ? -8.505  -14.678 -0.935  1.00 39.63 ? 155 ASN A N   1 
ATOM   1002 C  CA  . ASN A 1 155 ? -7.621  -14.740 0.258   1.00 40.42 ? 155 ASN A CA  1 
ATOM   1003 C  C   . ASN A 1 155 ? -8.324  -14.587 1.610   1.00 40.72 ? 155 ASN A C   1 
ATOM   1004 O  O   . ASN A 1 155 ? -7.671  -14.426 2.646   1.00 41.11 ? 155 ASN A O   1 
ATOM   1005 C  CB  . ASN A 1 155 ? -6.474  -13.716 0.162   1.00 40.26 ? 155 ASN A CB  1 
ATOM   1006 C  CG  . ASN A 1 155 ? -5.515  -14.036 -0.952  1.00 40.35 ? 155 ASN A CG  1 
ATOM   1007 O  OD1 . ASN A 1 155 ? -5.159  -15.196 -1.150  1.00 43.92 ? 155 ASN A OD1 1 
ATOM   1008 N  ND2 . ASN A 1 155 ? -5.109  -13.026 -1.700  1.00 36.40 ? 155 ASN A ND2 1 
ATOM   1009 N  N   . ARG A 1 156 ? -9.648  -14.614 1.598   1.00 41.11 ? 156 ARG A N   1 
ATOM   1010 C  CA  . ARG A 1 156 ? -10.431 -14.620 2.831   1.00 41.91 ? 156 ARG A CA  1 
ATOM   1011 C  C   . ARG A 1 156 ? -10.171 -13.393 3.733   1.00 41.45 ? 156 ARG A C   1 
ATOM   1012 O  O   . ARG A 1 156 ? -10.109 -13.507 4.962   1.00 40.82 ? 156 ARG A O   1 
ATOM   1013 C  CB  . ARG A 1 156 ? -10.199 -15.938 3.575   1.00 42.53 ? 156 ARG A CB  1 
ATOM   1014 C  CG  . ARG A 1 156 ? -10.292 -17.168 2.654   1.00 45.11 ? 156 ARG A CG  1 
ATOM   1015 C  CD  . ARG A 1 156 ? -11.557 -17.958 2.860   1.00 48.38 ? 156 ARG A CD  1 
ATOM   1016 N  NE  . ARG A 1 156 ? -11.344 -18.942 3.912   1.00 51.27 ? 156 ARG A NE  1 
ATOM   1017 C  CZ  . ARG A 1 156 ? -11.879 -18.879 5.126   1.00 51.06 ? 156 ARG A CZ  1 
ATOM   1018 N  NH1 . ARG A 1 156 ? -12.703 -17.888 5.446   1.00 51.58 ? 156 ARG A NH1 1 
ATOM   1019 N  NH2 . ARG A 1 156 ? -11.599 -19.828 6.007   1.00 50.02 ? 156 ARG A NH2 1 
ATOM   1020 N  N   . GLY A 1 157 ? -10.014 -12.234 3.089   1.00 40.97 ? 157 GLY A N   1 
ATOM   1021 C  CA  . GLY A 1 157 ? -9.759  -10.963 3.766   1.00 40.43 ? 157 GLY A CA  1 
ATOM   1022 C  C   . GLY A 1 157 ? -8.347  -10.794 4.299   1.00 40.32 ? 157 GLY A C   1 
ATOM   1023 O  O   . GLY A 1 157 ? -8.065  -9.834  5.006   1.00 40.82 ? 157 GLY A O   1 
ATOM   1024 N  N   . ARG A 1 158 ? -7.449  -11.715 3.962   1.00 39.91 ? 158 ARG A N   1 
ATOM   1025 C  CA  . ARG A 1 158 ? -6.090  -11.686 4.486   1.00 39.66 ? 158 ARG A CA  1 
ATOM   1026 C  C   . ARG A 1 158 ? -5.103  -11.355 3.399   1.00 38.94 ? 158 ARG A C   1 
ATOM   1027 O  O   . ARG A 1 158 ? -5.418  -11.452 2.218   1.00 38.76 ? 158 ARG A O   1 
ATOM   1028 C  CB  . ARG A 1 158 ? -5.725  -13.050 5.101   1.00 40.36 ? 158 ARG A CB  1 
ATOM   1029 C  CG  . ARG A 1 158 ? -6.776  -13.623 6.029   1.00 43.00 ? 158 ARG A CG  1 
ATOM   1030 C  CD  . ARG A 1 158 ? -6.553  -13.160 7.450   1.00 49.64 ? 158 ARG A CD  1 
ATOM   1031 N  NE  . ARG A 1 158 ? -5.714  -14.107 8.187   1.00 55.12 ? 158 ARG A NE  1 
ATOM   1032 C  CZ  . ARG A 1 158 ? -4.412  -13.949 8.411   1.00 56.55 ? 158 ARG A CZ  1 
ATOM   1033 N  NH1 . ARG A 1 158 ? -3.777  -12.872 7.959   1.00 58.43 ? 158 ARG A NH1 1 
ATOM   1034 N  NH2 . ARG A 1 158 ? -3.746  -14.868 9.093   1.00 57.93 ? 158 ARG A NH2 1 
ATOM   1035 N  N   . ILE A 1 159 ? -3.922  -10.909 3.808   1.00 39.08 ? 159 ILE A N   1 
ATOM   1036 C  CA  . ILE A 1 159 ? -2.732  -10.912 2.959   1.00 38.66 ? 159 ILE A CA  1 
ATOM   1037 C  C   . ILE A 1 159 ? -1.976  -12.173 3.389   1.00 39.60 ? 159 ILE A C   1 
ATOM   1038 O  O   . ILE A 1 159 ? -1.675  -12.328 4.586   1.00 39.73 ? 159 ILE A O   1 
ATOM   1039 C  CB  . ILE A 1 159 ? -1.842  -9.678  3.195   1.00 38.37 ? 159 ILE A CB  1 
ATOM   1040 C  CG1 . ILE A 1 159 ? -2.546  -8.402  2.725   1.00 39.07 ? 159 ILE A CG1 1 
ATOM   1041 C  CG2 . ILE A 1 159 ? -0.510  -9.828  2.494   1.00 35.43 ? 159 ILE A CG2 1 
ATOM   1042 C  CD1 . ILE A 1 159 ? -1.929  -7.112  3.253   1.00 37.19 ? 159 ILE A CD1 1 
ATOM   1043 N  N   . PRO A 1 160 ? -1.671  -13.080 2.438   1.00 39.90 ? 160 PRO A N   1 
ATOM   1044 C  CA  . PRO A 1 160 ? -0.994  -14.337 2.837   1.00 40.20 ? 160 PRO A CA  1 
ATOM   1045 C  C   . PRO A 1 160 ? 0.379   -14.065 3.433   1.00 40.07 ? 160 PRO A C   1 
ATOM   1046 O  O   . PRO A 1 160 ? 1.077   -13.158 2.968   1.00 40.43 ? 160 PRO A O   1 
ATOM   1047 C  CB  . PRO A 1 160 ? -0.877  -15.138 1.517   1.00 40.29 ? 160 PRO A CB  1 
ATOM   1048 C  CG  . PRO A 1 160 ? -1.833  -14.473 0.567   1.00 40.87 ? 160 PRO A CG  1 
ATOM   1049 C  CD  . PRO A 1 160 ? -1.886  -13.007 0.984   1.00 39.62 ? 160 PRO A CD  1 
ATOM   1050 N  N   . ASN A 1 161 ? 0.732   -14.829 4.467   1.00 40.54 ? 161 ASN A N   1 
ATOM   1051 C  CA  . ASN A 1 161 ? 1.993   -14.677 5.239   1.00 41.07 ? 161 ASN A CA  1 
ATOM   1052 C  C   . ASN A 1 161 ? 2.073   -13.443 6.164   1.00 40.46 ? 161 ASN A C   1 
ATOM   1053 O  O   . ASN A 1 161 ? 3.124   -13.155 6.731   1.00 40.69 ? 161 ASN A O   1 
ATOM   1054 C  CB  . ASN A 1 161 ? 3.240   -14.744 4.328   1.00 41.17 ? 161 ASN A CB  1 
ATOM   1055 C  CG  . ASN A 1 161 ? 3.308   -16.023 3.504   1.00 43.14 ? 161 ASN A CG  1 
ATOM   1056 O  OD1 . ASN A 1 161 ? 2.834   -17.073 3.927   1.00 45.76 ? 161 ASN A OD1 1 
ATOM   1057 N  ND2 . ASN A 1 161 ? 3.909   -15.933 2.320   1.00 42.35 ? 161 ASN A ND2 1 
ATOM   1058 N  N   . TYR A 1 162 ? 0.965   -12.728 6.325   1.00 40.33 ? 162 TYR A N   1 
ATOM   1059 C  CA  . TYR A 1 162 ? 0.956   -11.437 7.019   1.00 39.65 ? 162 TYR A CA  1 
ATOM   1060 C  C   . TYR A 1 162 ? -0.204  -11.402 8.005   1.00 39.48 ? 162 TYR A C   1 
ATOM   1061 O  O   . TYR A 1 162 ? -1.319  -11.790 7.644   1.00 38.86 ? 162 TYR A O   1 
ATOM   1062 C  CB  . TYR A 1 162 ? 0.850   -10.304 5.987   1.00 39.51 ? 162 TYR A CB  1 
ATOM   1063 C  CG  . TYR A 1 162 ? 1.078   -8.887  6.481   1.00 39.63 ? 162 TYR A CG  1 
ATOM   1064 C  CD1 . TYR A 1 162 ? 2.344   -8.466  6.920   1.00 40.07 ? 162 TYR A CD1 1 
ATOM   1065 C  CD2 . TYR A 1 162 ? 0.045   -7.948  6.460   1.00 38.97 ? 162 TYR A CD2 1 
ATOM   1066 C  CE1 . TYR A 1 162 ? 2.560   -7.165  7.355   1.00 38.81 ? 162 TYR A CE1 1 
ATOM   1067 C  CE2 . TYR A 1 162 ? 0.251   -6.639  6.892   1.00 39.35 ? 162 TYR A CE2 1 
ATOM   1068 C  CZ  . TYR A 1 162 ? 1.513   -6.253  7.336   1.00 39.47 ? 162 TYR A CZ  1 
ATOM   1069 O  OH  . TYR A 1 162 ? 1.736   -4.955  7.747   1.00 37.38 ? 162 TYR A OH  1 
ATOM   1070 N  N   . PRO A 1 163 ? 0.050   -10.914 9.250   1.00 39.64 ? 163 PRO A N   1 
ATOM   1071 C  CA  . PRO A 1 163 ? -0.923  -11.014 10.340  1.00 39.87 ? 163 PRO A CA  1 
ATOM   1072 C  C   . PRO A 1 163 ? -2.178  -10.178 10.092  1.00 40.19 ? 163 PRO A C   1 
ATOM   1073 O  O   . PRO A 1 163 ? -2.086  -9.065  9.567   1.00 40.19 ? 163 PRO A O   1 
ATOM   1074 C  CB  . PRO A 1 163 ? -0.148  -10.479 11.557  1.00 40.00 ? 163 PRO A CB  1 
ATOM   1075 C  CG  . PRO A 1 163 ? 1.302   -10.511 11.156  1.00 39.46 ? 163 PRO A CG  1 
ATOM   1076 C  CD  . PRO A 1 163 ? 1.274   -10.221 9.697   1.00 39.32 ? 163 PRO A CD  1 
ATOM   1077 N  N   . ALA A 1 164 ? -3.331  -10.733 10.461  1.00 40.85 ? 164 ALA A N   1 
ATOM   1078 C  CA  . ALA A 1 164 ? -4.628  -10.078 10.318  1.00 41.56 ? 164 ALA A CA  1 
ATOM   1079 C  C   . ALA A 1 164 ? -4.686  -8.735  11.060  1.00 42.14 ? 164 ALA A C   1 
ATOM   1080 O  O   . ALA A 1 164 ? -5.345  -7.800  10.591  1.00 42.29 ? 164 ALA A O   1 
ATOM   1081 C  CB  . ALA A 1 164 ? -5.751  -11.008 10.807  1.00 41.49 ? 164 ALA A CB  1 
ATOM   1082 N  N   . ASP A 1 165 ? -3.974  -8.643  12.195  1.00 42.14 ? 165 ASP A N   1 
ATOM   1083 C  CA  . ASP A 1 165 ? -4.013  -7.454  13.056  1.00 41.52 ? 165 ASP A CA  1 
ATOM   1084 C  C   . ASP A 1 165 ? -3.147  -6.322  12.525  1.00 40.58 ? 165 ASP A C   1 
ATOM   1085 O  O   . ASP A 1 165 ? -3.192  -5.196  13.043  1.00 40.57 ? 165 ASP A O   1 
ATOM   1086 C  CB  . ASP A 1 165 ? -3.673  -7.794  14.519  1.00 42.26 ? 165 ASP A CB  1 
ATOM   1087 C  CG  . ASP A 1 165 ? -2.277  -8.434  14.702  1.00 45.60 ? 165 ASP A CG  1 
ATOM   1088 O  OD1 . ASP A 1 165 ? -1.347  -8.205  13.880  1.00 46.25 ? 165 ASP A OD1 1 
ATOM   1089 O  OD2 . ASP A 1 165 ? -2.113  -9.162  15.727  1.00 49.11 ? 165 ASP A OD2 1 
ATOM   1090 N  N   . ARG A 1 166 ? -2.358  -6.631  11.496  1.00 38.54 ? 166 ARG A N   1 
ATOM   1091 C  CA  . ARG A 1 166 ? -1.614  -5.625  10.767  1.00 36.97 ? 166 ARG A CA  1 
ATOM   1092 C  C   . ARG A 1 166 ? -2.329  -5.222  9.484   1.00 35.86 ? 166 ARG A C   1 
ATOM   1093 O  O   . ARG A 1 166 ? -1.868  -4.335  8.758   1.00 35.49 ? 166 ARG A O   1 
ATOM   1094 C  CB  . ARG A 1 166 ? -0.241  -6.161  10.407  1.00 37.66 ? 166 ARG A CB  1 
ATOM   1095 C  CG  . ARG A 1 166 ? 0.722   -6.179  11.559  1.00 38.00 ? 166 ARG A CG  1 
ATOM   1096 C  CD  . ARG A 1 166 ? 2.094   -6.529  11.072  1.00 39.70 ? 166 ARG A CD  1 
ATOM   1097 N  NE  . ARG A 1 166 ? 2.866   -7.090  12.167  1.00 42.44 ? 166 ARG A NE  1 
ATOM   1098 C  CZ  . ARG A 1 166 ? 4.184   -7.176  12.179  1.00 42.18 ? 166 ARG A CZ  1 
ATOM   1099 N  NH1 . ARG A 1 166 ? 4.878   -6.729  11.150  1.00 41.93 ? 166 ARG A NH1 1 
ATOM   1100 N  NH2 . ARG A 1 166 ? 4.800   -7.691  13.240  1.00 41.61 ? 166 ARG A NH2 1 
ATOM   1101 N  N   . THR A 1 167 ? -3.454  -5.885  9.211   1.00 34.27 ? 167 THR A N   1 
ATOM   1102 C  CA  . THR A 1 167 ? -4.137  -5.761  7.945   1.00 33.29 ? 167 THR A CA  1 
ATOM   1103 C  C   . THR A 1 167 ? -5.454  -4.993  8.133   1.00 32.74 ? 167 THR A C   1 
ATOM   1104 O  O   . THR A 1 167 ? -6.286  -5.351  8.983   1.00 31.99 ? 167 THR A O   1 
ATOM   1105 C  CB  . THR A 1 167 ? -4.425  -7.173  7.341   1.00 33.19 ? 167 THR A CB  1 
ATOM   1106 O  OG1 . THR A 1 167 ? -3.204  -7.920  7.238   1.00 34.79 ? 167 THR A OG1 1 
ATOM   1107 C  CG2 . THR A 1 167 ? -5.066  -7.069  5.951   1.00 32.92 ? 167 THR A CG2 1 
ATOM   1108 N  N   . LYS A 1 168 ? -5.656  -3.952  7.338   1.00 31.88 ? 168 LYS A N   1 
ATOM   1109 C  CA  . LYS A 1 168 ? -6.982  -3.329  7.311   1.00 32.84 ? 168 LYS A CA  1 
ATOM   1110 C  C   . LYS A 1 168 ? -7.582  -3.235  5.915   1.00 31.88 ? 168 LYS A C   1 
ATOM   1111 O  O   . LYS A 1 168 ? -7.107  -2.491  5.091   1.00 31.32 ? 168 LYS A O   1 
ATOM   1112 C  CB  . LYS A 1 168 ? -6.970  -1.958  7.966   1.00 32.89 ? 168 LYS A CB  1 
ATOM   1113 C  CG  . LYS A 1 168 ? -8.312  -1.261  7.906   1.00 35.30 ? 168 LYS A CG  1 
ATOM   1114 C  CD  . LYS A 1 168 ? -9.240  -1.689  8.989   1.00 39.84 ? 168 LYS A CD  1 
ATOM   1115 C  CE  . LYS A 1 168 ? -10.206 -0.564  9.307   1.00 44.20 ? 168 LYS A CE  1 
ATOM   1116 N  NZ  . LYS A 1 168 ? -10.878 -0.793  10.613  1.00 47.34 ? 168 LYS A NZ  1 
ATOM   1117 N  N   . VAL A 1 169 ? -8.644  -3.998  5.675   1.00 32.88 ? 169 VAL A N   1 
ATOM   1118 C  CA  . VAL A 1 169 ? -9.266  -4.072  4.347   1.00 32.69 ? 169 VAL A CA  1 
ATOM   1119 C  C   . VAL A 1 169 ? -10.554 -3.261  4.282   1.00 33.64 ? 169 VAL A C   1 
ATOM   1120 O  O   . VAL A 1 169 ? -11.513 -3.521  5.015   1.00 34.19 ? 169 VAL A O   1 
ATOM   1121 C  CB  . VAL A 1 169 ? -9.486  -5.542  3.875   1.00 32.55 ? 169 VAL A CB  1 
ATOM   1122 C  CG1 . VAL A 1 169 ? -10.037 -5.589  2.459   1.00 31.68 ? 169 VAL A CG1 1 
ATOM   1123 C  CG2 . VAL A 1 169 ? -8.159  -6.318  3.932   1.00 30.08 ? 169 VAL A CG2 1 
ATOM   1124 N  N   . PHE A 1 170 ? -10.542 -2.252  3.418   1.00 33.74 ? 170 PHE A N   1 
ATOM   1125 C  CA  . PHE A 1 170 ? -11.748 -1.511  3.087   1.00 33.86 ? 170 PHE A CA  1 
ATOM   1126 C  C   . PHE A 1 170 ? -12.357 -2.081  1.831   1.00 33.97 ? 170 PHE A C   1 
ATOM   1127 O  O   . PHE A 1 170 ? -11.925 -1.782  0.703   1.00 33.48 ? 170 PHE A O   1 
ATOM   1128 C  CB  . PHE A 1 170 ? -11.462 -0.009  2.953   1.00 33.60 ? 170 PHE A CB  1 
ATOM   1129 C  CG  . PHE A 1 170 ? -10.799 0.575   4.169   1.00 34.42 ? 170 PHE A CG  1 
ATOM   1130 C  CD1 . PHE A 1 170 ? -11.577 1.113   5.217   1.00 34.58 ? 170 PHE A CD1 1 
ATOM   1131 C  CD2 . PHE A 1 170 ? -9.406  0.542   4.305   1.00 29.93 ? 170 PHE A CD2 1 
ATOM   1132 C  CE1 . PHE A 1 170 ? -10.972 1.636   6.368   1.00 32.70 ? 170 PHE A CE1 1 
ATOM   1133 C  CE2 . PHE A 1 170 ? -8.797  1.057   5.436   1.00 32.18 ? 170 PHE A CE2 1 
ATOM   1134 C  CZ  . PHE A 1 170 ? -9.579  1.607   6.479   1.00 33.50 ? 170 PHE A CZ  1 
ATOM   1135 N  N   . CYS A 1 171 ? -13.364 -2.918  2.061   1.00 34.47 ? 171 CYS A N   1 
ATOM   1136 C  CA  . CYS A 1 171 ? -14.142 -3.544  1.018   1.00 35.61 ? 171 CYS A CA  1 
ATOM   1137 C  C   . CYS A 1 171 ? -15.605 -3.229  1.220   1.00 36.68 ? 171 CYS A C   1 
ATOM   1138 O  O   . CYS A 1 171 ? -16.251 -3.799  2.085   1.00 37.59 ? 171 CYS A O   1 
ATOM   1139 C  CB  . CYS A 1 171 ? -13.872 -5.053  1.010   1.00 35.29 ? 171 CYS A CB  1 
ATOM   1140 S  SG  . CYS A 1 171 ? -12.642 -5.447  -0.269  1.00 36.88 ? 171 CYS A SG  1 
ATOM   1141 N  N   . LYS A 1 172 ? -16.124 -2.282  0.449   1.00 37.70 ? 172 LYS A N   1 
ATOM   1142 C  CA  . LYS A 1 172 ? -17.526 -1.895  0.586   1.00 38.35 ? 172 LYS A CA  1 
ATOM   1143 C  C   . LYS A 1 172 ? -18.550 -2.968  0.199   1.00 38.47 ? 172 LYS A C   1 
ATOM   1144 O  O   . LYS A 1 172 ? -18.316 -3.793  -0.713  1.00 38.97 ? 172 LYS A O   1 
ATOM   1145 C  CB  . LYS A 1 172 ? -17.822 -0.604  -0.175  1.00 38.36 ? 172 LYS A CB  1 
ATOM   1146 C  CG  . LYS A 1 172 ? -17.527 0.599   0.665   1.00 39.54 ? 172 LYS A CG  1 
ATOM   1147 C  CD  . LYS A 1 172 ? -17.693 1.895   -0.074  1.00 41.94 ? 172 LYS A CD  1 
ATOM   1148 C  CE  . LYS A 1 172 ? -16.999 2.982   0.701   1.00 44.23 ? 172 LYS A CE  1 
ATOM   1149 N  NZ  . LYS A 1 172 ? -17.483 3.019   2.138   1.00 48.35 ? 172 LYS A NZ  1 
ATOM   1150 N  N   . THR A 1 173 ? -19.672 -2.945  0.926   1.00 37.51 ? 173 THR A N   1 
ATOM   1151 C  CA  . THR A 1 173 ? -20.905 -3.609  0.536   1.00 36.70 ? 173 THR A CA  1 
ATOM   1152 C  C   . THR A 1 173 ? -21.290 -3.238  -0.914  1.00 35.58 ? 173 THR A C   1 
ATOM   1153 O  O   . THR A 1 173 ? -21.416 -2.040  -1.265  1.00 34.09 ? 173 THR A O   1 
ATOM   1154 C  CB  . THR A 1 173 ? -22.030 -3.215  1.520   1.00 37.66 ? 173 THR A CB  1 
ATOM   1155 O  OG1 . THR A 1 173 ? -21.594 -3.513  2.860   1.00 39.83 ? 173 THR A OG1 1 
ATOM   1156 C  CG2 . THR A 1 173 ? -23.326 -3.969  1.216   1.00 37.05 ? 173 THR A CG2 1 
ATOM   1157 N  N   . GLY A 1 174 ? -21.446 -4.270  -1.750  1.00 34.40 ? 174 GLY A N   1 
ATOM   1158 C  CA  . GLY A 1 174 ? -21.742 -4.070  -3.179  1.00 34.16 ? 174 GLY A CA  1 
ATOM   1159 C  C   . GLY A 1 174 ? -20.534 -3.736  -4.064  1.00 33.71 ? 174 GLY A C   1 
ATOM   1160 O  O   . GLY A 1 174 ? -20.702 -3.411  -5.226  1.00 33.72 ? 174 GLY A O   1 
ATOM   1161 N  N   . ASP A 1 175 ? -19.322 -3.757  -3.505  1.00 33.40 ? 175 ASP A N   1 
ATOM   1162 C  CA  . ASP A 1 175 ? -18.108 -3.691  -4.321  1.00 32.06 ? 175 ASP A CA  1 
ATOM   1163 C  C   . ASP A 1 175 ? -17.881 -5.146  -4.735  1.00 32.57 ? 175 ASP A C   1 
ATOM   1164 O  O   . ASP A 1 175 ? -17.451 -5.985  -3.933  1.00 32.00 ? 175 ASP A O   1 
ATOM   1165 C  CB  . ASP A 1 175 ? -16.913 -3.116  -3.553  1.00 30.91 ? 175 ASP A CB  1 
ATOM   1166 C  CG  . ASP A 1 175 ? -15.650 -2.978  -4.424  1.00 30.67 ? 175 ASP A CG  1 
ATOM   1167 O  OD1 . ASP A 1 175 ? -15.581 -3.571  -5.516  1.00 30.27 ? 175 ASP A OD1 1 
ATOM   1168 O  OD2 . ASP A 1 175 ? -14.719 -2.251  -4.031  1.00 27.99 ? 175 ASP A OD2 1 
ATOM   1169 N  N   . LEU A 1 176 ? -18.205 -5.442  -5.995  1.00 32.92 ? 176 LEU A N   1 
ATOM   1170 C  CA  . LEU A 1 176 ? -18.146 -6.814  -6.503  1.00 32.41 ? 176 LEU A CA  1 
ATOM   1171 C  C   . LEU A 1 176 ? -16.717 -7.386  -6.618  1.00 32.64 ? 176 LEU A C   1 
ATOM   1172 O  O   . LEU A 1 176 ? -16.535 -8.610  -6.634  1.00 32.44 ? 176 LEU A O   1 
ATOM   1173 C  CB  . LEU A 1 176 ? -18.919 -6.914  -7.828  1.00 32.61 ? 176 LEU A CB  1 
ATOM   1174 C  CG  . LEU A 1 176 ? -20.387 -6.404  -7.754  1.00 32.00 ? 176 LEU A CG  1 
ATOM   1175 C  CD1 . LEU A 1 176 ? -21.018 -6.257  -9.140  1.00 30.06 ? 176 LEU A CD1 1 
ATOM   1176 C  CD2 . LEU A 1 176 ? -21.266 -7.246  -6.859  1.00 25.35 ? 176 LEU A CD2 1 
ATOM   1177 N  N   . VAL A 1 177 ? -15.700 -6.524  -6.658  1.00 32.80 ? 177 VAL A N   1 
ATOM   1178 C  CA  . VAL A 1 177 ? -14.312 -7.032  -6.751  1.00 32.88 ? 177 VAL A CA  1 
ATOM   1179 C  C   . VAL A 1 177 ? -13.883 -7.691  -5.446  1.00 33.30 ? 177 VAL A C   1 
ATOM   1180 O  O   . VAL A 1 177 ? -12.971 -8.527  -5.429  1.00 33.21 ? 177 VAL A O   1 
ATOM   1181 C  CB  . VAL A 1 177 ? -13.271 -5.969  -7.208  1.00 32.54 ? 177 VAL A CB  1 
ATOM   1182 C  CG1 . VAL A 1 177 ? -13.849 -5.045  -8.288  1.00 31.36 ? 177 VAL A CG1 1 
ATOM   1183 C  CG2 . VAL A 1 177 ? -12.725 -5.164  -6.014  1.00 32.20 ? 177 VAL A CG2 1 
ATOM   1184 N  N   . CYS A 1 178 ? -14.565 -7.314  -4.359  1.00 33.53 ? 178 CYS A N   1 
ATOM   1185 C  CA  . CYS A 1 178 ? -14.248 -7.810  -3.030  1.00 34.45 ? 178 CYS A CA  1 
ATOM   1186 C  C   . CYS A 1 178 ? -14.947 -9.147  -2.785  1.00 34.31 ? 178 CYS A C   1 
ATOM   1187 O  O   . CYS A 1 178 ? -14.659 -9.848  -1.819  1.00 33.70 ? 178 CYS A O   1 
ATOM   1188 C  CB  . CYS A 1 178 ? -14.692 -6.796  -1.966  1.00 34.24 ? 178 CYS A CB  1 
ATOM   1189 S  SG  . CYS A 1 178 ? -13.784 -5.277  -1.974  1.00 34.90 ? 178 CYS A SG  1 
ATOM   1190 N  N   . THR A 1 179 ? -15.892 -9.472  -3.657  1.00 35.30 ? 179 THR A N   1 
ATOM   1191 C  CA  . THR A 1 179 ? -16.611 -10.732 -3.555  1.00 35.89 ? 179 THR A CA  1 
ATOM   1192 C  C   . THR A 1 179 ? -16.429 -11.635 -4.765  1.00 36.49 ? 179 THR A C   1 
ATOM   1193 O  O   . THR A 1 179 ? -17.406 -12.254 -5.225  1.00 36.77 ? 179 THR A O   1 
ATOM   1194 C  CB  . THR A 1 179 ? -18.117 -10.504 -3.283  1.00 36.06 ? 179 THR A CB  1 
ATOM   1195 O  OG1 . THR A 1 179 ? -18.701 -9.784  -4.375  1.00 35.78 ? 179 THR A OG1 1 
ATOM   1196 C  CG2 . THR A 1 179 ? -18.338 -9.772  -1.930  1.00 34.47 ? 179 THR A CG2 1 
ATOM   1197 N  N   . GLY A 1 180 ? -15.197 -11.689 -5.292  1.00 36.63 ? 180 GLY A N   1 
ATOM   1198 C  CA  . GLY A 1 180 ? -14.821 -12.679 -6.316  1.00 36.96 ? 180 GLY A CA  1 
ATOM   1199 C  C   . GLY A 1 180 ? -15.006 -12.321 -7.784  1.00 37.41 ? 180 GLY A C   1 
ATOM   1200 O  O   . GLY A 1 180 ? -14.843 -13.172 -8.651  1.00 37.58 ? 180 GLY A O   1 
ATOM   1201 N  N   . SER A 1 181 ? -15.299 -11.057 -8.070  1.00 37.78 ? 181 SER A N   1 
ATOM   1202 C  CA  . SER A 1 181 ? -15.590 -10.584 -9.427  1.00 37.85 ? 181 SER A CA  1 
ATOM   1203 C  C   . SER A 1 181 ? -14.576 -9.523  -9.854  1.00 37.73 ? 181 SER A C   1 
ATOM   1204 O  O   . SER A 1 181 ? -13.748 -9.098  -9.052  1.00 38.22 ? 181 SER A O   1 
ATOM   1205 C  CB  . SER A 1 181 ? -17.000 -9.977  -9.464  1.00 38.28 ? 181 SER A CB  1 
ATOM   1206 O  OG  . SER A 1 181 ? -17.409 -9.648  -10.782 1.00 39.66 ? 181 SER A OG  1 
ATOM   1207 N  N   . LEU A 1 182 ? -14.632 -9.101  -11.114 1.00 36.94 ? 182 LEU A N   1 
ATOM   1208 C  CA  . LEU A 1 182 ? -13.888 -7.923  -11.546 1.00 36.36 ? 182 LEU A CA  1 
ATOM   1209 C  C   . LEU A 1 182 ? -14.810 -6.846  -12.134 1.00 36.12 ? 182 LEU A C   1 
ATOM   1210 O  O   . LEU A 1 182 ? -14.356 -5.908  -12.797 1.00 36.56 ? 182 LEU A O   1 
ATOM   1211 C  CB  . LEU A 1 182 ? -12.737 -8.310  -12.488 1.00 36.71 ? 182 LEU A CB  1 
ATOM   1212 C  CG  . LEU A 1 182 ? -11.554 -8.979  -11.762 1.00 36.13 ? 182 LEU A CG  1 
ATOM   1213 C  CD1 . LEU A 1 182 ? -10.614 -9.720  -12.734 1.00 34.72 ? 182 LEU A CD1 1 
ATOM   1214 C  CD2 . LEU A 1 182 ? -10.770 -7.952  -10.875 1.00 34.26 ? 182 LEU A CD2 1 
ATOM   1215 N  N   . ILE A 1 183 ? -16.108 -6.978  -11.872 1.00 35.31 ? 183 ILE A N   1 
ATOM   1216 C  CA  . ILE A 1 183 ? -17.077 -5.947  -12.245 1.00 34.90 ? 183 ILE A CA  1 
ATOM   1217 C  C   . ILE A 1 183 ? -16.909 -4.767  -11.307 1.00 34.87 ? 183 ILE A C   1 
ATOM   1218 O  O   . ILE A 1 183 ? -16.822 -4.935  -10.089 1.00 33.89 ? 183 ILE A O   1 
ATOM   1219 C  CB  . ILE A 1 183 ? -18.559 -6.467  -12.213 1.00 34.98 ? 183 ILE A CB  1 
ATOM   1220 C  CG1 . ILE A 1 183 ? -18.766 -7.558  -13.281 1.00 35.10 ? 183 ILE A CG1 1 
ATOM   1221 C  CG2 . ILE A 1 183 ? -19.567 -5.294  -12.403 1.00 33.27 ? 183 ILE A CG2 1 
ATOM   1222 C  CD1 . ILE A 1 183 ? -18.602 -7.045  -14.758 1.00 33.56 ? 183 ILE A CD1 1 
ATOM   1223 N  N   . VAL A 1 184 ? -16.850 -3.581  -11.891 1.00 35.34 ? 184 VAL A N   1 
ATOM   1224 C  CA  . VAL A 1 184 ? -16.712 -2.367  -11.122 1.00 36.51 ? 184 VAL A CA  1 
ATOM   1225 C  C   . VAL A 1 184 ? -18.090 -1.739  -10.935 1.00 37.07 ? 184 VAL A C   1 
ATOM   1226 O  O   . VAL A 1 184 ? -18.642 -1.150  -11.866 1.00 37.96 ? 184 VAL A O   1 
ATOM   1227 C  CB  . VAL A 1 184 ? -15.749 -1.376  -11.811 1.00 36.57 ? 184 VAL A CB  1 
ATOM   1228 C  CG1 . VAL A 1 184 ? -15.785 -0.018  -11.125 1.00 35.78 ? 184 VAL A CG1 1 
ATOM   1229 C  CG2 . VAL A 1 184 ? -14.329 -1.954  -11.846 1.00 35.80 ? 184 VAL A CG2 1 
ATOM   1230 N  N   . ALA A 1 185 ? -18.645 -1.904  -9.736  1.00 37.42 ? 185 ALA A N   1 
ATOM   1231 C  CA  . ALA A 1 185 ? -19.872 -1.206  -9.319  1.00 37.46 ? 185 ALA A CA  1 
ATOM   1232 C  C   . ALA A 1 185 ? -19.534 0.070   -8.526  1.00 37.53 ? 185 ALA A C   1 
ATOM   1233 O  O   . ALA A 1 185 ? -18.387 0.264   -8.102  1.00 38.08 ? 185 ALA A O   1 
ATOM   1234 C  CB  . ALA A 1 185 ? -20.750 -2.133  -8.503  1.00 37.31 ? 185 ALA A CB  1 
ATOM   1235 N  N   . ALA A 1 186 ? -20.539 0.922   -8.319  1.00 37.17 ? 186 ALA A N   1 
ATOM   1236 C  CA  . ALA A 1 186 ? -20.379 2.241   -7.688  1.00 36.46 ? 186 ALA A CA  1 
ATOM   1237 C  C   . ALA A 1 186 ? -19.625 2.299   -6.340  1.00 35.63 ? 186 ALA A C   1 
ATOM   1238 O  O   . ALA A 1 186 ? -18.895 3.246   -6.121  1.00 35.20 ? 186 ALA A O   1 
ATOM   1239 C  CB  . ALA A 1 186 ? -21.764 2.966   -7.569  1.00 36.90 ? 186 ALA A CB  1 
ATOM   1240 N  N   . PRO A 1 187 ? -19.851 1.336   -5.421  1.00 34.85 ? 187 PRO A N   1 
ATOM   1241 C  CA  . PRO A 1 187 ? -19.109 1.351   -4.141  1.00 34.74 ? 187 PRO A CA  1 
ATOM   1242 C  C   . PRO A 1 187 ? -17.576 1.221   -4.285  1.00 35.35 ? 187 PRO A C   1 
ATOM   1243 O  O   . PRO A 1 187 ? -16.822 1.631   -3.375  1.00 35.14 ? 187 PRO A O   1 
ATOM   1244 C  CB  . PRO A 1 187 ? -19.680 0.140   -3.378  1.00 33.73 ? 187 PRO A CB  1 
ATOM   1245 C  CG  . PRO A 1 187 ? -21.004 -0.148  -4.029  1.00 34.54 ? 187 PRO A CG  1 
ATOM   1246 C  CD  . PRO A 1 187 ? -20.842 0.236   -5.469  1.00 35.01 ? 187 PRO A CD  1 
ATOM   1247 N  N   . HIS A 1 188 ? -17.134 0.657   -5.412  1.00 35.20 ? 188 HIS A N   1 
ATOM   1248 C  CA  . HIS A 1 188 ? -15.717 0.513   -5.717  1.00 35.42 ? 188 HIS A CA  1 
ATOM   1249 C  C   . HIS A 1 188 ? -15.084 1.893   -5.909  1.00 35.77 ? 188 HIS A C   1 
ATOM   1250 O  O   . HIS A 1 188 ? -13.872 2.080   -5.771  1.00 35.89 ? 188 HIS A O   1 
ATOM   1251 C  CB  . HIS A 1 188 ? -15.532 -0.362  -6.974  1.00 34.96 ? 188 HIS A CB  1 
ATOM   1252 C  CG  . HIS A 1 188 ? -14.103 -0.703  -7.266  1.00 33.65 ? 188 HIS A CG  1 
ATOM   1253 N  ND1 . HIS A 1 188 ? -13.357 -1.531  -6.454  1.00 30.74 ? 188 HIS A ND1 1 
ATOM   1254 C  CD2 . HIS A 1 188 ? -13.275 -0.303  -8.260  1.00 32.23 ? 188 HIS A CD2 1 
ATOM   1255 C  CE1 . HIS A 1 188 ? -12.139 -1.641  -6.943  1.00 29.53 ? 188 HIS A CE1 1 
ATOM   1256 N  NE2 . HIS A 1 188 ? -12.063 -0.907  -8.039  1.00 31.68 ? 188 HIS A NE2 1 
ATOM   1257 N  N   . LEU A 1 189 ? -15.936 2.861   -6.206  1.00 36.08 ? 189 LEU A N   1 
ATOM   1258 C  CA  . LEU A 1 189 ? -15.507 4.208   -6.505  1.00 36.78 ? 189 LEU A CA  1 
ATOM   1259 C  C   . LEU A 1 189 ? -15.630 5.139   -5.289  1.00 36.24 ? 189 LEU A C   1 
ATOM   1260 O  O   . LEU A 1 189 ? -15.304 6.323   -5.365  1.00 36.32 ? 189 LEU A O   1 
ATOM   1261 C  CB  . LEU A 1 189 ? -16.334 4.730   -7.683  1.00 37.19 ? 189 LEU A CB  1 
ATOM   1262 C  CG  . LEU A 1 189 ? -16.003 4.417   -9.160  1.00 39.64 ? 189 LEU A CG  1 
ATOM   1263 C  CD1 . LEU A 1 189 ? -14.956 3.303   -9.455  1.00 39.73 ? 189 LEU A CD1 1 
ATOM   1264 C  CD2 . LEU A 1 189 ? -17.305 4.158   -9.942  1.00 40.53 ? 189 LEU A CD2 1 
ATOM   1265 N  N   . ALA A 1 190 ? -16.052 4.592   -4.152  1.00 35.78 ? 190 ALA A N   1 
ATOM   1266 C  CA  . ALA A 1 190 ? -16.408 5.414   -2.997  1.00 35.30 ? 190 ALA A CA  1 
ATOM   1267 C  C   . ALA A 1 190 ? -15.413 5.376   -1.832  1.00 35.14 ? 190 ALA A C   1 
ATOM   1268 O  O   . ALA A 1 190 ? -15.812 5.618   -0.687  1.00 35.96 ? 190 ALA A O   1 
ATOM   1269 C  CB  . ALA A 1 190 ? -17.827 5.041   -2.511  1.00 34.58 ? 190 ALA A CB  1 
ATOM   1270 N  N   . TYR A 1 191 ? -14.135 5.078   -2.096  1.00 34.76 ? 191 TYR A N   1 
ATOM   1271 C  CA  . TYR A 1 191 ? -13.142 4.900   -0.998  1.00 34.01 ? 191 TYR A CA  1 
ATOM   1272 C  C   . TYR A 1 191 ? -12.460 6.177   -0.501  1.00 34.56 ? 191 TYR A C   1 
ATOM   1273 O  O   . TYR A 1 191 ? -11.718 6.127   0.496   1.00 34.71 ? 191 TYR A O   1 
ATOM   1274 C  CB  . TYR A 1 191 ? -12.087 3.806   -1.309  1.00 32.28 ? 191 TYR A CB  1 
ATOM   1275 C  CG  . TYR A 1 191 ? -12.684 2.451   -1.398  1.00 30.51 ? 191 TYR A CG  1 
ATOM   1276 C  CD1 . TYR A 1 191 ? -13.103 1.770   -0.245  1.00 28.75 ? 191 TYR A CD1 1 
ATOM   1277 C  CD2 . TYR A 1 191 ? -12.868 1.834   -2.650  1.00 30.47 ? 191 TYR A CD2 1 
ATOM   1278 C  CE1 . TYR A 1 191 ? -13.687 0.503   -0.334  1.00 27.25 ? 191 TYR A CE1 1 
ATOM   1279 C  CE2 . TYR A 1 191 ? -13.430 0.569   -2.753  1.00 27.07 ? 191 TYR A CE2 1 
ATOM   1280 C  CZ  . TYR A 1 191 ? -13.848 -0.091  -1.605  1.00 29.13 ? 191 TYR A CZ  1 
ATOM   1281 O  OH  . TYR A 1 191 ? -14.422 -1.336  -1.731  1.00 26.82 ? 191 TYR A OH  1 
ATOM   1282 N  N   . GLY A 1 192 ? -12.718 7.295   -1.191  1.00 35.62 ? 192 GLY A N   1 
ATOM   1283 C  CA  . GLY A 1 192 ? -12.223 8.633   -0.802  1.00 36.77 ? 192 GLY A CA  1 
ATOM   1284 C  C   . GLY A 1 192 ? -12.233 9.006   0.684   1.00 37.75 ? 192 GLY A C   1 
ATOM   1285 O  O   . GLY A 1 192 ? -11.218 9.465   1.221   1.00 38.29 ? 192 GLY A O   1 
ATOM   1286 N  N   . PRO A 1 193 ? -13.394 8.893   1.346   1.00 38.28 ? 193 PRO A N   1 
ATOM   1287 C  CA  . PRO A 1 193 ? -13.486 9.105   2.793   1.00 38.50 ? 193 PRO A CA  1 
ATOM   1288 C  C   . PRO A 1 193 ? -12.741 8.070   3.667   1.00 38.83 ? 193 PRO A C   1 
ATOM   1289 O  O   . PRO A 1 193 ? -12.319 8.418   4.779   1.00 38.95 ? 193 PRO A O   1 
ATOM   1290 C  CB  . PRO A 1 193 ? -14.997 9.058   3.064   1.00 38.39 ? 193 PRO A CB  1 
ATOM   1291 C  CG  . PRO A 1 193 ? -15.633 9.363   1.751   1.00 38.34 ? 193 PRO A CG  1 
ATOM   1292 C  CD  . PRO A 1 193 ? -14.726 8.685   0.752   1.00 38.66 ? 193 PRO A CD  1 
ATOM   1293 N  N   . ASP A 1 194 ? -12.590 6.827   3.201   1.00 38.73 ? 194 ASP A N   1 
ATOM   1294 C  CA  . ASP A 1 194 ? -11.718 5.862   3.900   1.00 38.47 ? 194 ASP A CA  1 
ATOM   1295 C  C   . ASP A 1 194 ? -10.233 6.280   3.806   1.00 38.26 ? 194 ASP A C   1 
ATOM   1296 O  O   . ASP A 1 194 ? -9.497  6.193   4.779   1.00 38.31 ? 194 ASP A O   1 
ATOM   1297 C  CB  . ASP A 1 194 ? -11.918 4.438   3.361   1.00 39.05 ? 194 ASP A CB  1 
ATOM   1298 C  CG  . ASP A 1 194 ? -13.267 3.834   3.736   1.00 38.84 ? 194 ASP A CG  1 
ATOM   1299 O  OD1 . ASP A 1 194 ? -13.904 4.277   4.714   1.00 41.77 ? 194 ASP A OD1 1 
ATOM   1300 O  OD2 . ASP A 1 194 ? -13.700 2.883   3.062   1.00 39.53 ? 194 ASP A OD2 1 
ATOM   1301 N  N   . ALA A 1 195 ? -9.810  6.754   2.635   1.00 38.60 ? 195 ALA A N   1 
ATOM   1302 C  CA  . ALA A 1 195 ? -8.426  7.182   2.398   1.00 38.99 ? 195 ALA A CA  1 
ATOM   1303 C  C   . ALA A 1 195 ? -8.050  8.478   3.145   1.00 40.12 ? 195 ALA A C   1 
ATOM   1304 O  O   . ALA A 1 195 ? -6.866  8.740   3.414   1.00 40.56 ? 195 ALA A O   1 
ATOM   1305 C  CB  . ALA A 1 195 ? -8.191  7.352   0.911   1.00 38.55 ? 195 ALA A CB  1 
ATOM   1306 N  N   . ARG A 1 196 ? -9.062  9.294   3.451   1.00 40.40 ? 196 ARG A N   1 
ATOM   1307 C  CA  . ARG A 1 196 ? -8.903  10.533  4.209   1.00 40.44 ? 196 ARG A CA  1 
ATOM   1308 C  C   . ARG A 1 196 ? -8.964  10.265  5.708   1.00 39.66 ? 196 ARG A C   1 
ATOM   1309 O  O   . ARG A 1 196 ? -8.427  11.030  6.492   1.00 40.42 ? 196 ARG A O   1 
ATOM   1310 C  CB  . ARG A 1 196 ? -10.009 11.542  3.838   1.00 40.06 ? 196 ARG A CB  1 
ATOM   1311 C  CG  . ARG A 1 196 ? -9.846  12.201  2.482   1.00 41.14 ? 196 ARG A CG  1 
ATOM   1312 C  CD  . ARG A 1 196 ? -10.760 13.431  2.296   1.00 41.60 ? 196 ARG A CD  1 
ATOM   1313 N  NE  . ARG A 1 196 ? -12.183 13.075  2.226   1.00 43.64 ? 196 ARG A NE  1 
ATOM   1314 C  CZ  . ARG A 1 196 ? -12.837 12.772  1.098   1.00 44.04 ? 196 ARG A CZ  1 
ATOM   1315 N  NH1 . ARG A 1 196 ? -12.208 12.776  -0.079  1.00 43.98 ? 196 ARG A NH1 1 
ATOM   1316 N  NH2 . ARG A 1 196 ? -14.126 12.465  1.143   1.00 42.34 ? 196 ARG A NH2 1 
ATOM   1317 N  N   . GLY A 1 197 ? -9.614  9.182   6.111   1.00 39.15 ? 197 GLY A N   1 
ATOM   1318 C  CA  . GLY A 1 197 ? -9.923  8.983   7.516   1.00 37.50 ? 197 GLY A CA  1 
ATOM   1319 C  C   . GLY A 1 197 ? -9.409  7.736   8.186   1.00 37.34 ? 197 GLY A C   1 
ATOM   1320 O  O   . GLY A 1 197 ? -8.292  7.749   8.710   1.00 37.31 ? 197 GLY A O   1 
ATOM   1321 N  N   . PRO A 1 198 ? -10.241 6.667   8.229   1.00 36.60 ? 198 PRO A N   1 
ATOM   1322 C  CA  . PRO A 1 198 ? -9.969  5.432   8.963   1.00 35.88 ? 198 PRO A CA  1 
ATOM   1323 C  C   . PRO A 1 198 ? -8.700  4.650   8.515   1.00 36.33 ? 198 PRO A C   1 
ATOM   1324 O  O   . PRO A 1 198 ? -8.118  3.928   9.323   1.00 34.91 ? 198 PRO A O   1 
ATOM   1325 C  CB  . PRO A 1 198 ? -11.241 4.594   8.733   1.00 35.73 ? 198 PRO A CB  1 
ATOM   1326 C  CG  . PRO A 1 198 ? -11.895 5.171   7.555   1.00 35.57 ? 198 PRO A CG  1 
ATOM   1327 C  CD  . PRO A 1 198 ? -11.558 6.624   7.561   1.00 36.84 ? 198 PRO A CD  1 
ATOM   1328 N  N   . ALA A 1 199 ? -8.291  4.810   7.251   1.00 36.64 ? 199 ALA A N   1 
ATOM   1329 C  CA  . ALA A 1 199 ? -7.093  4.141   6.731   1.00 37.42 ? 199 ALA A CA  1 
ATOM   1330 C  C   . ALA A 1 199 ? -5.792  4.752   7.270   1.00 37.44 ? 199 ALA A C   1 
ATOM   1331 O  O   . ALA A 1 199 ? -4.990  4.035   7.899   1.00 37.55 ? 199 ALA A O   1 
ATOM   1332 C  CB  . ALA A 1 199 ? -7.089  4.110   5.195   1.00 36.94 ? 199 ALA A CB  1 
ATOM   1333 N  N   . PRO A 1 200 ? -5.576  6.067   7.036   1.00 37.36 ? 200 PRO A N   1 
ATOM   1334 C  CA  . PRO A 1 200 ? -4.378  6.677   7.620   1.00 37.45 ? 200 PRO A CA  1 
ATOM   1335 C  C   . PRO A 1 200 ? -4.331  6.523   9.141   1.00 37.38 ? 200 PRO A C   1 
ATOM   1336 O  O   . PRO A 1 200 ? -3.276  6.258   9.690   1.00 38.04 ? 200 PRO A O   1 
ATOM   1337 C  CB  . PRO A 1 200 ? -4.503  8.151   7.233   1.00 37.26 ? 200 PRO A CB  1 
ATOM   1338 C  CG  . PRO A 1 200 ? -5.525  8.224   6.181   1.00 36.30 ? 200 PRO A CG  1 
ATOM   1339 C  CD  . PRO A 1 200 ? -6.386  7.041   6.275   1.00 36.72 ? 200 PRO A CD  1 
ATOM   1340 N  N   . GLU A 1 201 ? -5.473  6.678   9.802   1.00 37.82 ? 201 GLU A N   1 
ATOM   1341 C  CA  . GLU A 1 201 ? -5.610  6.487   11.256  1.00 37.75 ? 201 GLU A CA  1 
ATOM   1342 C  C   . GLU A 1 201 ? -5.116  5.103   11.682  1.00 37.47 ? 201 GLU A C   1 
ATOM   1343 O  O   . GLU A 1 201 ? -4.408  4.952   12.671  1.00 37.46 ? 201 GLU A O   1 
ATOM   1344 C  CB  . GLU A 1 201 ? -7.073  6.692   11.659  1.00 36.79 ? 201 GLU A CB  1 
ATOM   1345 C  CG  . GLU A 1 201 ? -7.348  6.594   13.135  1.00 38.42 ? 201 GLU A CG  1 
ATOM   1346 C  CD  . GLU A 1 201 ? -8.809  6.871   13.504  1.00 38.91 ? 201 GLU A CD  1 
ATOM   1347 O  OE1 . GLU A 1 201 ? -9.339  6.132   14.358  1.00 40.65 ? 201 GLU A OE1 1 
ATOM   1348 O  OE2 . GLU A 1 201 ? -9.436  7.803   12.943  1.00 39.71 ? 201 GLU A OE2 1 
ATOM   1349 N  N   . PHE A 1 202 ? -5.489  4.083   10.923  1.00 37.56 ? 202 PHE A N   1 
ATOM   1350 C  CA  . PHE A 1 202 ? -5.011  2.737   11.205  1.00 37.55 ? 202 PHE A CA  1 
ATOM   1351 C  C   . PHE A 1 202 ? -3.474  2.642   11.061  1.00 38.32 ? 202 PHE A C   1 
ATOM   1352 O  O   . PHE A 1 202 ? -2.809  2.056   11.921  1.00 38.67 ? 202 PHE A O   1 
ATOM   1353 C  CB  . PHE A 1 202 ? -5.727  1.729   10.308  1.00 36.59 ? 202 PHE A CB  1 
ATOM   1354 C  CG  . PHE A 1 202 ? -5.178  0.348   10.406  1.00 34.89 ? 202 PHE A CG  1 
ATOM   1355 C  CD1 . PHE A 1 202 ? -5.630  -0.519  11.389  1.00 32.20 ? 202 PHE A CD1 1 
ATOM   1356 C  CD2 . PHE A 1 202 ? -4.198  -0.086  9.515   1.00 31.87 ? 202 PHE A CD2 1 
ATOM   1357 C  CE1 . PHE A 1 202 ? -5.114  -1.773  11.494  1.00 31.42 ? 202 PHE A CE1 1 
ATOM   1358 C  CE2 . PHE A 1 202 ? -3.684  -1.360  9.600   1.00 30.22 ? 202 PHE A CE2 1 
ATOM   1359 C  CZ  . PHE A 1 202 ? -4.139  -2.206  10.586  1.00 32.54 ? 202 PHE A CZ  1 
ATOM   1360 N  N   . LEU A 1 203 ? -2.924  3.225   9.988   1.00 38.73 ? 203 LEU A N   1 
ATOM   1361 C  CA  . LEU A 1 203 ? -1.476  3.216   9.731   1.00 39.55 ? 203 LEU A CA  1 
ATOM   1362 C  C   . LEU A 1 203 ? -0.665  3.981   10.811  1.00 41.24 ? 203 LEU A C   1 
ATOM   1363 O  O   . LEU A 1 203 ? 0.257   3.414   11.413  1.00 41.66 ? 203 LEU A O   1 
ATOM   1364 C  CB  . LEU A 1 203 ? -1.171  3.762   8.334   1.00 38.82 ? 203 LEU A CB  1 
ATOM   1365 C  CG  . LEU A 1 203 ? -1.712  3.005   7.109   1.00 36.99 ? 203 LEU A CG  1 
ATOM   1366 C  CD1 . LEU A 1 203 ? -1.246  3.686   5.851   1.00 33.82 ? 203 LEU A CD1 1 
ATOM   1367 C  CD2 . LEU A 1 203 ? -1.297  1.541   7.106   1.00 33.91 ? 203 LEU A CD2 1 
ATOM   1368 N  N   . ILE A 1 204 ? -1.017  5.248   11.050  1.00 42.02 ? 204 ILE A N   1 
ATOM   1369 C  CA  . ILE A 1 204 ? -0.493  6.027   12.187  1.00 43.11 ? 204 ILE A CA  1 
ATOM   1370 C  C   . ILE A 1 204 ? -0.535  5.267   13.520  1.00 44.32 ? 204 ILE A C   1 
ATOM   1371 O  O   . ILE A 1 204 ? 0.448   5.250   14.258  1.00 45.06 ? 204 ILE A O   1 
ATOM   1372 C  CB  . ILE A 1 204 ? -1.255  7.358   12.350  1.00 42.78 ? 204 ILE A CB  1 
ATOM   1373 C  CG1 . ILE A 1 204 ? -1.016  8.268   11.142  1.00 41.96 ? 204 ILE A CG1 1 
ATOM   1374 C  CG2 . ILE A 1 204 ? -0.841  8.070   13.644  1.00 42.78 ? 204 ILE A CG2 1 
ATOM   1375 C  CD1 . ILE A 1 204 ? -2.216  9.095   10.781  1.00 42.81 ? 204 ILE A CD1 1 
ATOM   1376 N  N   . GLU A 1 205 ? -1.659  4.628   13.822  1.00 45.60 ? 205 GLU A N   1 
ATOM   1377 C  CA  . GLU A 1 205 ? -1.794  3.877   15.070  1.00 46.89 ? 205 GLU A CA  1 
ATOM   1378 C  C   . GLU A 1 205 ? -1.037  2.541   15.168  1.00 47.06 ? 205 GLU A C   1 
ATOM   1379 O  O   . GLU A 1 205 ? -0.840  2.016   16.274  1.00 47.74 ? 205 GLU A O   1 
ATOM   1380 C  CB  . GLU A 1 205 ? -3.261  3.667   15.388  1.00 47.59 ? 205 GLU A CB  1 
ATOM   1381 C  CG  . GLU A 1 205 ? -3.985  4.964   15.823  1.00 52.04 ? 205 GLU A CG  1 
ATOM   1382 C  CD  . GLU A 1 205 ? -5.041  4.674   16.876  1.00 58.00 ? 205 GLU A CD  1 
ATOM   1383 O  OE1 . GLU A 1 205 ? -5.989  3.900   16.552  1.00 60.44 ? 205 GLU A OE1 1 
ATOM   1384 O  OE2 . GLU A 1 205 ? -4.899  5.189   18.024  1.00 58.83 ? 205 GLU A OE2 1 
ATOM   1385 N  N   . LYS A 1 206 ? -0.622  1.985   14.030  1.00 46.42 ? 206 LYS A N   1 
ATOM   1386 C  CA  . LYS A 1 206 ? 0.178   0.771   14.037  1.00 45.55 ? 206 LYS A CA  1 
ATOM   1387 C  C   . LYS A 1 206 ? 1.650   1.107   14.215  1.00 45.57 ? 206 LYS A C   1 
ATOM   1388 O  O   . LYS A 1 206 ? 2.376   0.398   14.914  1.00 44.99 ? 206 LYS A O   1 
ATOM   1389 C  CB  . LYS A 1 206 ? -0.026  -0.022  12.740  1.00 45.62 ? 206 LYS A CB  1 
ATOM   1390 C  CG  . LYS A 1 206 ? -1.283  -0.849  12.736  1.00 43.94 ? 206 LYS A CG  1 
ATOM   1391 C  CD  . LYS A 1 206 ? -1.190  -1.922  13.762  1.00 42.88 ? 206 LYS A CD  1 
ATOM   1392 C  CE  . LYS A 1 206 ? -2.554  -2.296  14.283  1.00 44.58 ? 206 LYS A CE  1 
ATOM   1393 N  NZ  . LYS A 1 206 ? -2.429  -3.617  14.958  1.00 45.78 ? 206 LYS A NZ  1 
ATOM   1394 N  N   . VAL A 1 207 ? 2.071   2.180   13.548  1.00 45.53 ? 207 VAL A N   1 
ATOM   1395 C  CA  . VAL A 1 207 ? 3.419   2.700   13.635  1.00 46.13 ? 207 VAL A CA  1 
ATOM   1396 C  C   . VAL A 1 207 ? 3.702   3.193   15.054  1.00 47.14 ? 207 VAL A C   1 
ATOM   1397 O  O   . VAL A 1 207 ? 4.738   2.852   15.640  1.00 47.28 ? 207 VAL A O   1 
ATOM   1398 C  CB  . VAL A 1 207 ? 3.636   3.866   12.642  1.00 46.00 ? 207 VAL A CB  1 
ATOM   1399 C  CG1 . VAL A 1 207 ? 4.971   4.572   12.912  1.00 45.98 ? 207 VAL A CG1 1 
ATOM   1400 C  CG2 . VAL A 1 207 ? 3.576   3.374   11.208  1.00 44.93 ? 207 VAL A CG2 1 
ATOM   1401 N  N   . ARG A 1 208 ? 2.781   3.993   15.599  1.00 47.52 ? 208 ARG A N   1 
ATOM   1402 C  CA  . ARG A 1 208 ? 2.954   4.538   16.939  1.00 47.86 ? 208 ARG A CA  1 
ATOM   1403 C  C   . ARG A 1 208 ? 3.125   3.440   17.968  1.00 48.15 ? 208 ARG A C   1 
ATOM   1404 O  O   . ARG A 1 208 ? 4.044   3.509   18.767  1.00 48.69 ? 208 ARG A O   1 
ATOM   1405 C  CB  . ARG A 1 208 ? 1.811   5.466   17.300  1.00 47.86 ? 208 ARG A CB  1 
ATOM   1406 C  CG  . ARG A 1 208 ? 1.844   6.723   16.495  1.00 47.92 ? 208 ARG A CG  1 
ATOM   1407 C  CD  . ARG A 1 208 ? 2.924   7.629   17.006  1.00 47.29 ? 208 ARG A CD  1 
ATOM   1408 N  NE  . ARG A 1 208 ? 3.169   8.777   16.132  1.00 47.94 ? 208 ARG A NE  1 
ATOM   1409 C  CZ  . ARG A 1 208 ? 2.275   9.716   15.823  1.00 48.41 ? 208 ARG A CZ  1 
ATOM   1410 N  NH1 . ARG A 1 208 ? 1.027   9.655   16.293  1.00 48.42 ? 208 ARG A NH1 1 
ATOM   1411 N  NH2 . ARG A 1 208 ? 2.639   10.729  15.035  1.00 48.52 ? 208 ARG A NH2 1 
ATOM   1412 N  N   . ALA A 1 209 ? 2.274   2.416   17.907  1.00 48.28 ? 209 ALA A N   1 
ATOM   1413 C  CA  . ALA A 1 209 ? 2.336   1.289   18.820  1.00 48.59 ? 209 ALA A CA  1 
ATOM   1414 C  C   . ALA A 1 209 ? 3.591   0.396   18.679  1.00 49.11 ? 209 ALA A C   1 
ATOM   1415 O  O   . ALA A 1 209 ? 3.787   -0.518  19.493  1.00 48.48 ? 209 ALA A O   1 
ATOM   1416 C  CB  . ALA A 1 209 ? 1.062   0.453   18.709  1.00 48.97 ? 209 ALA A CB  1 
ATOM   1417 N  N   . VAL A 1 210 ? 4.431   0.649   17.664  1.00 49.48 ? 210 VAL A N   1 
ATOM   1418 C  CA  . VAL A 1 210 ? 5.702   -0.098  17.527  1.00 50.18 ? 210 VAL A CA  1 
ATOM   1419 C  C   . VAL A 1 210 ? 6.940   0.772   17.720  1.00 50.83 ? 210 VAL A C   1 
ATOM   1420 O  O   . VAL A 1 210 ? 8.054   0.265   17.735  1.00 51.19 ? 210 VAL A O   1 
ATOM   1421 C  CB  . VAL A 1 210 ? 5.842   -0.934  16.190  1.00 49.95 ? 210 VAL A CB  1 
ATOM   1422 C  CG1 . VAL A 1 210 ? 4.616   -1.813  15.959  1.00 50.33 ? 210 VAL A CG1 1 
ATOM   1423 C  CG2 . VAL A 1 210 ? 6.160   -0.047  14.985  1.00 48.64 ? 210 VAL A CG2 1 
ATOM   1424 N  N   . ARG A 1 211 ? 6.754   2.079   17.836  1.00 51.73 ? 211 ARG A N   1 
ATOM   1425 C  CA  . ARG A 1 211 ? 7.867   2.954   18.141  1.00 52.57 ? 211 ARG A CA  1 
ATOM   1426 C  C   . ARG A 1 211 ? 7.770   3.421   19.590  1.00 53.18 ? 211 ARG A C   1 
ATOM   1427 O  O   . ARG A 1 211 ? 6.716   3.314   20.223  1.00 53.22 ? 211 ARG A O   1 
ATOM   1428 C  CB  . ARG A 1 211 ? 7.931   4.130   17.168  1.00 52.75 ? 211 ARG A CB  1 
ATOM   1429 C  CG  . ARG A 1 211 ? 7.894   3.705   15.711  1.00 54.54 ? 211 ARG A CG  1 
ATOM   1430 C  CD  . ARG A 1 211 ? 8.717   4.618   14.851  1.00 57.51 ? 211 ARG A CD  1 
ATOM   1431 N  NE  . ARG A 1 211 ? 10.109  4.192   14.832  1.00 60.74 ? 211 ARG A NE  1 
ATOM   1432 C  CZ  . ARG A 1 211 ? 11.096  4.885   14.272  1.00 63.64 ? 211 ARG A CZ  1 
ATOM   1433 N  NH1 . ARG A 1 211 ? 10.846  6.057   13.689  1.00 64.30 ? 211 ARG A NH1 1 
ATOM   1434 N  NH2 . ARG A 1 211 ? 12.341  4.414   14.306  1.00 64.30 ? 211 ARG A NH2 1 
ATOM   1435 N  N   . GLY A 1 212 ? 8.878   3.909   20.130  1.00 53.92 ? 212 GLY A N   1 
ATOM   1436 C  CA  . GLY A 1 212 ? 8.873   4.360   21.508  1.00 54.97 ? 212 GLY A CA  1 
ATOM   1437 C  C   . GLY A 1 212 ? 9.700   3.476   22.404  1.00 56.01 ? 212 GLY A C   1 
ATOM   1438 O  O   . GLY A 1 212 ? 9.930   2.294   22.108  1.00 55.78 ? 212 GLY A O   1 
ATOM   1439 N  N   . SER A 1 213 ? 10.136  4.075   23.508  1.00 57.07 ? 213 SER A N   1 
ATOM   1440 C  CA  . SER A 1 213 ? 10.988  3.442   24.496  1.00 57.97 ? 213 SER A CA  1 
ATOM   1441 C  C   . SER A 1 213 ? 10.254  2.321   25.234  1.00 58.65 ? 213 SER A C   1 
ATOM   1442 O  O   . SER A 1 213 ? 10.867  1.301   25.575  1.00 59.17 ? 213 SER A O   1 
ATOM   1443 C  CB  . SER A 1 213 ? 11.533  4.502   25.474  1.00 57.69 ? 213 SER A CB  1 
ATOM   1444 N  N   . ALA A 1 214 ? 8.946   2.504   25.449  1.00 59.12 ? 214 ALA A N   1 
ATOM   1445 C  CA  . ALA A 1 214 ? 8.084   1.529   26.152  1.00 59.95 ? 214 ALA A CA  1 
ATOM   1446 C  C   . ALA A 1 214 ? 8.797   0.677   27.226  1.00 60.25 ? 214 ALA A C   1 
ATOM   1447 O  O   . ALA A 1 214 ? 9.308   1.201   28.227  1.00 60.20 ? 214 ALA A O   1 
ATOM   1448 C  CB  . ALA A 1 214 ? 7.365   0.623   25.144  1.00 60.49 ? 214 ALA A CB  1 
HETATM 1449 CL CL  . CL  B 2 .   ? -15.809 1.382   -18.337 0.50 78.26 ? 215 CL  A CL  1 
HETATM 1450 PT PT  . NXC C 3 .   ? -14.212 2.386   -16.462 1.00 81.20 ? 216 NXC A PT  1 
HETATM 1451 C  C1  . NXC C 3 .   ? -12.989 2.133   -14.876 1.00 78.12 ? 216 NXC A C1  1 
HETATM 1452 C  C6  . NXC C 3 .   ? -13.497 2.514   -13.534 1.00 78.51 ? 216 NXC A C6  1 
HETATM 1453 C  C10 . NXC C 3 .   ? -14.907 3.056   -13.579 1.00 78.21 ? 216 NXC A C10 1 
HETATM 1454 N  N2  . NXC C 3 .   ? -15.413 3.064   -14.961 1.00 78.77 ? 216 NXC A N2  1 
HETATM 1455 C  C12 . NXC C 3 .   ? -15.812 4.453   -15.226 1.00 79.27 ? 216 NXC A C12 1 
HETATM 1456 C  C11 . NXC C 3 .   ? -16.647 2.265   -14.949 1.00 79.55 ? 216 NXC A C11 1 
HETATM 1457 C  C5  . NXC C 3 .   ? -12.655 2.339   -12.442 1.00 78.00 ? 216 NXC A C5  1 
HETATM 1458 C  C4  . NXC C 3 .   ? -11.392 1.810   -12.682 1.00 76.82 ? 216 NXC A C4  1 
HETATM 1459 C  C3  . NXC C 3 .   ? -10.869 1.434   -13.916 1.00 78.11 ? 216 NXC A C3  1 
HETATM 1460 C  C2  . NXC C 3 .   ? -11.628 1.574   -15.072 1.00 78.60 ? 216 NXC A C2  1 
HETATM 1461 C  C7  . NXC C 3 .   ? -11.386 1.285   -16.535 1.00 78.26 ? 216 NXC A C7  1 
HETATM 1462 N  N1  . NXC C 3 .   ? -12.551 1.624   -17.367 1.00 78.78 ? 216 NXC A N1  1 
HETATM 1463 C  C9  . NXC C 3 .   ? -12.857 0.391   -18.105 1.00 78.92 ? 216 NXC A C9  1 
HETATM 1464 C  C8  . NXC C 3 .   ? -12.051 2.594   -18.351 1.00 79.78 ? 216 NXC A C8  1 
HETATM 1465 C  C13 . NXC C 3 .   ? -10.592 1.673   -11.392 1.00 75.10 ? 216 NXC A C13 1 
HETATM 1466 C  C14 . NXC C 3 .   ? -9.848  0.398   -11.446 1.00 60.24 ? 216 NXC A C14 1 
HETATM 1467 C  C15 . NXC C 3 .   ? -10.022 -0.317  -10.233 1.00 49.39 ? 216 NXC A C15 1 
HETATM 1468 P  P   . NXC C 3 .   ? -9.052  -1.810  -10.315 1.00 37.62 ? 216 NXC A P   1 
HETATM 1469 O  O2  . NXC C 3 .   ? -7.348  -1.706  -10.529 1.00 39.90 ? 216 NXC A O2  1 
HETATM 1470 O  O1  . NXC C 3 .   ? -9.806  -3.340  -10.715 1.00 40.04 ? 216 NXC A O1  1 
HETATM 1471 C  C16 . NXC C 3 .   ? -11.127 -3.372  -11.243 1.00 37.75 ? 216 NXC A C16 1 
HETATM 1472 C  C17 . NXC C 3 .   ? -11.376 -4.685  -11.785 1.00 34.52 ? 216 NXC A C17 1 
HETATM 1473 O  O   . HOH D 4 .   ? 2.021   -3.782  14.092  1.00 47.12 ? 217 HOH A O   1 
HETATM 1474 O  O   . HOH D 4 .   ? -17.251 -3.470  -7.877  1.00 39.23 ? 218 HOH A O   1 
HETATM 1475 O  O   . HOH D 4 .   ? 1.234   2.998   -7.976  1.00 30.60 ? 219 HOH A O   1 
HETATM 1476 O  O   . HOH D 4 .   ? -12.526 -10.837 -4.310  1.00 27.43 ? 220 HOH A O   1 
HETATM 1477 O  O   . HOH D 4 .   ? -12.748 4.591   -4.586  1.00 31.91 ? 221 HOH A O   1 
HETATM 1478 O  O   . HOH D 4 .   ? -14.207 -11.504 -12.751 0.50 24.73 ? 222 HOH A O   1 
HETATM 1479 O  O   . HOH D 4 .   ? -4.984  5.169   -5.500  1.00 27.61 ? 223 HOH A O   1 
HETATM 1480 O  O   . HOH D 4 .   ? -4.315  -10.929 -18.674 1.00 34.61 ? 224 HOH A O   1 
HETATM 1481 O  O   . HOH D 4 .   ? 13.299  -0.236  7.399   1.00 48.89 ? 225 HOH A O   1 
HETATM 1482 O  O   . HOH D 4 .   ? -14.340 8.041   -3.654  1.00 37.97 ? 226 HOH A O   1 
HETATM 1483 O  O   . HOH D 4 .   ? 8.734   3.387   -8.428  1.00 42.26 ? 227 HOH A O   1 
HETATM 1484 O  O   . HOH D 4 .   ? -13.463 -18.226 0.188   1.00 43.09 ? 228 HOH A O   1 
HETATM 1485 O  O   . HOH D 4 .   ? -15.251 5.756   1.681   1.00 50.43 ? 229 HOH A O   1 
HETATM 1486 O  O   . HOH D 4 .   ? -3.499  -10.521 6.596   1.00 34.08 ? 230 HOH A O   1 
HETATM 1487 O  O   . HOH D 4 .   ? -6.017  8.648   -10.957 1.00 36.40 ? 231 HOH A O   1 
HETATM 1488 O  O   . HOH D 4 .   ? -5.208  -3.961  -20.322 1.00 40.81 ? 232 HOH A O   1 
HETATM 1489 O  O   . HOH D 4 .   ? -18.041 -12.913 -10.967 1.00 47.89 ? 233 HOH A O   1 
HETATM 1490 O  O   . HOH D 4 .   ? 5.266   -9.648  -15.984 1.00 41.83 ? 234 HOH A O   1 
HETATM 1491 O  O   . HOH D 4 .   ? 2.312   -3.710  -14.249 1.00 34.62 ? 235 HOH A O   1 
HETATM 1492 O  O   . HOH D 4 .   ? -19.509 5.884   -6.159  1.00 45.23 ? 236 HOH A O   1 
HETATM 1493 O  O   . HOH D 4 .   ? -0.295  -4.141  -14.261 1.00 31.79 ? 237 HOH A O   1 
HETATM 1494 O  O   . HOH D 4 .   ? -12.182 -10.636 -7.719  1.00 25.10 ? 238 HOH A O   1 
HETATM 1495 O  O   . HOH D 4 .   ? -5.193  -0.271  -18.498 1.00 40.45 ? 239 HOH A O   1 
HETATM 1496 O  O   . HOH D 4 .   ? 9.949   -5.401  -12.559 1.00 51.92 ? 240 HOH A O   1 
HETATM 1497 O  O   . HOH D 4 .   ? 5.880   -3.238  -17.206 1.00 47.60 ? 241 HOH A O   1 
HETATM 1498 O  O   . HOH D 4 .   ? 11.700  -1.068  -7.913  1.00 43.83 ? 242 HOH A O   1 
HETATM 1499 O  O   . HOH D 4 .   ? -12.958 10.461  6.333   1.00 35.74 ? 243 HOH A O   1 
HETATM 1500 O  O   . HOH D 4 .   ? 12.973  12.026  -0.506  1.00 47.99 ? 244 HOH A O   1 
HETATM 1501 O  O   . HOH D 4 .   ? -9.791  5.642   -10.192 1.00 39.11 ? 245 HOH A O   1 
HETATM 1502 O  O   . HOH D 4 .   ? 12.491  -9.962  0.077   1.00 46.65 ? 246 HOH A O   1 
HETATM 1503 O  O   . HOH D 4 .   ? 11.265  -15.715 5.040   1.00 49.74 ? 247 HOH A O   1 
HETATM 1504 O  O   . HOH D 4 .   ? -12.306 -8.149  4.095   1.00 33.74 ? 248 HOH A O   1 
HETATM 1505 O  O   . HOH D 4 .   ? -19.174 -10.833 -6.746  1.00 31.97 ? 249 HOH A O   1 
HETATM 1506 O  O   . HOH D 4 .   ? -7.305  -13.389 -11.431 1.00 32.86 ? 250 HOH A O   1 
HETATM 1507 O  O   . HOH D 4 .   ? -11.156 6.069   -6.081  1.00 43.56 ? 251 HOH A O   1 
HETATM 1508 O  O   . HOH D 4 .   ? 9.191   4.884   -11.723 1.00 50.03 ? 252 HOH A O   1 
HETATM 1509 O  O   . HOH D 4 .   ? -9.434  -6.102  7.457   1.00 33.34 ? 253 HOH A O   1 
HETATM 1510 O  O   . HOH D 4 .   ? -18.283 6.705   0.837   1.00 40.18 ? 254 HOH A O   1 
HETATM 1511 O  O   . HOH D 4 .   ? 0.642   -14.388 9.903   1.00 41.62 ? 255 HOH A O   1 
HETATM 1512 O  O   . HOH D 4 .   ? -2.679  -10.886 -5.101  1.00 28.46 ? 256 HOH A O   1 
HETATM 1513 O  O   . HOH D 4 .   ? -16.737 -3.398  -14.800 1.00 38.01 ? 257 HOH A O   1 
HETATM 1514 O  O   . HOH D 4 .   ? -17.878 -6.188  -0.177  1.00 48.16 ? 258 HOH A O   1 
HETATM 1515 O  O   . HOH D 4 .   ? -1.179  3.328   18.618  1.00 41.73 ? 259 HOH A O   1 
HETATM 1516 O  O   . HOH D 4 .   ? -8.486  -14.582 -15.754 1.00 39.12 ? 260 HOH A O   1 
HETATM 1517 O  O   . HOH D 4 .   ? -3.149  -11.637 13.818  1.00 48.05 ? 261 HOH A O   1 
HETATM 1518 O  O   . HOH D 4 .   ? 15.071  5.925   10.230  1.00 46.48 ? 262 HOH A O   1 
HETATM 1519 O  O   . HOH D 4 .   ? 4.391   -4.642  13.962  1.00 53.28 ? 263 HOH A O   1 
HETATM 1520 O  O   . HOH D 4 .   ? 0.287   -5.255  14.842  1.00 48.68 ? 264 HOH A O   1 
HETATM 1521 O  O   . HOH D 4 .   ? 1.242   -8.584  14.638  1.00 54.90 ? 265 HOH A O   1 
HETATM 1522 O  O   . HOH D 4 .   ? 1.976   -11.647 14.563  1.00 43.23 ? 266 HOH A O   1 
HETATM 1523 O  O   . HOH D 4 .   ? -4.427  -8.981  17.594  1.00 69.92 ? 267 HOH A O   1 
HETATM 1524 O  O   . HOH D 4 .   ? -6.276  -11.271 14.435  1.00 42.59 ? 268 HOH A O   1 
HETATM 1525 O  O   . HOH D 4 .   ? -11.752 4.908   -8.412  1.00 37.24 ? 269 HOH A O   1 
HETATM 1526 O  O   . HOH D 4 .   ? -11.299 5.767   -14.378 1.00 46.20 ? 270 HOH A O   1 
HETATM 1527 O  O   . HOH D 4 .   ? 11.129  0.523   -14.717 1.00 53.43 ? 271 HOH A O   1 
HETATM 1528 O  O   . HOH D 4 .   ? 9.603   -1.351  -16.746 1.00 51.15 ? 272 HOH A O   1 
HETATM 1529 O  O   . HOH D 4 .   ? 13.968  0.002   -10.643 1.00 46.54 ? 273 HOH A O   1 
HETATM 1530 O  O   . HOH D 4 .   ? 13.462  0.386   -6.547  1.00 49.11 ? 274 HOH A O   1 
HETATM 1531 O  O   . HOH D 4 .   ? 13.196  18.025  9.351   1.00 59.68 ? 275 HOH A O   1 
HETATM 1532 O  O   . HOH D 4 .   ? -5.420  -15.646 -4.778  1.00 42.98 ? 276 HOH A O   1 
HETATM 1533 O  O   . HOH D 4 .   ? -7.141  -16.273 -6.877  1.00 39.67 ? 277 HOH A O   1 
HETATM 1534 O  O   . HOH D 4 .   ? 1.446   -4.754  -17.939 1.00 58.43 ? 278 HOH A O   1 
HETATM 1535 O  O   . HOH D 4 .   ? 8.394   -15.299 2.612   1.00 47.57 ? 279 HOH A O   1 
HETATM 1536 O  O   . HOH D 4 .   ? 7.984   5.707   -9.164  1.00 46.54 ? 280 HOH A O   1 
HETATM 1537 O  O   . HOH D 4 .   ? -16.693 -7.915  1.169   1.00 41.06 ? 281 HOH A O   1 
HETATM 1538 O  O   . HOH D 4 .   ? -9.105  3.304   11.541  1.00 45.73 ? 282 HOH A O   1 
HETATM 1539 O  O   . HOH D 4 .   ? -2.425  2.286   -16.579 1.00 62.19 ? 283 HOH A O   1 
HETATM 1540 O  O   . HOH D 4 .   ? -7.789  -9.623  -9.784  1.00 25.60 ? 284 HOH A O   1 
HETATM 1541 O  O   . HOH D 4 .   ? -6.673  -7.333  -9.473  1.00 27.12 ? 285 HOH A O   1 
HETATM 1542 O  O   . HOH D 4 .   ? -0.956  14.376  -0.636  1.00 46.51 ? 286 HOH A O   1 
HETATM 1543 O  O   . HOH D 4 .   ? -14.982 6.618   6.162   1.00 37.10 ? 287 HOH A O   1 
HETATM 1544 O  O   . HOH D 4 .   ? -0.576  17.441  6.015   1.00 49.89 ? 288 HOH A O   1 
HETATM 1545 O  O   . HOH D 4 .   ? 11.337  -0.847  11.233  1.00 58.95 ? 289 HOH A O   1 
HETATM 1546 O  O   . HOH D 4 .   ? 21.685  3.252   1.318   1.00 56.06 ? 290 HOH A O   1 
HETATM 1547 O  O   . HOH D 4 .   ? -13.519 11.916  -2.414  1.00 54.24 ? 291 HOH A O   1 
HETATM 1548 O  O   . HOH D 4 .   ? 8.717   13.018  -4.723  1.00 48.91 ? 292 HOH A O   1 
HETATM 1549 O  O   . HOH D 4 .   ? -12.967 12.962  5.250   1.00 39.29 ? 293 HOH A O   1 
HETATM 1550 O  O   . HOH D 4 .   ? 13.015  -7.810  11.427  1.00 49.77 ? 294 HOH A O   1 
HETATM 1551 O  O   . HOH D 4 .   ? 8.323   17.891  9.211   1.00 47.76 ? 295 HOH A O   1 
HETATM 1552 O  O   . HOH D 4 .   ? -7.697  2.583   14.215  1.00 48.78 ? 296 HOH A O   1 
HETATM 1553 O  O   . HOH D 4 .   ? 6.596   -1.654  -21.324 1.00 55.71 ? 297 HOH A O   1 
HETATM 1554 O  O   . HOH D 4 .   ? -7.528  -4.839  11.552  1.00 40.98 ? 298 HOH A O   1 
HETATM 1555 O  O   . HOH D 4 .   ? 8.271   -13.197 11.946  1.00 51.56 ? 299 HOH A O   1 
HETATM 1556 O  O   . HOH D 4 .   ? 6.898   -16.405 0.954   1.00 51.59 ? 300 HOH A O   1 
HETATM 1557 O  O   . HOH D 4 .   ? -2.812  -13.158 -3.449  1.00 42.09 ? 301 HOH A O   1 
HETATM 1558 O  O   . HOH D 4 .   ? 9.571   19.900  6.259   1.00 63.67 ? 302 HOH A O   1 
# 
